data_8V8P
#
_entry.id   8V8P
#
_cell.length_a   92.453
_cell.length_b   127.825
_cell.length_c   95.311
_cell.angle_alpha   90.00
_cell.angle_beta   116.27
_cell.angle_gamma   90.00
#
_symmetry.space_group_name_H-M   'P 1 21 1'
#
loop_
_entity.id
_entity.type
_entity.pdbx_description
1 polymer 'Chalcone-flavonone isomerase family protein'
2 non-polymer 7-HYDROXY-2-(4-HYDROXY-PHENYL)-CHROMAN-4-ONE
#
_entity_poly.entity_id   1
_entity_poly.type   'polypeptide(L)'
_entity_poly.pdbx_seq_one_letter_code
;MAVPEVVVEGVVFPPVARPPGSAGSHFLGGAGVRGIEIGGNFIKFTAIGVYLEDAAVSALAKKWAGKTADELASDAAFFR
DVVTGDFEKFTRVTMLLPLTGEQYAGKVTENCVAFWKAVGLYTDAEGVAVEKFKEAFKPETFPPGASILFTHSSTGVLTV
AFSKDSSVPASGGVAIENKHLCEAVLESIIGEHGVSPAAKLSLAARVSELLTKGTAGAADAPQAEPVSVTA
;
_entity_poly.pdbx_strand_id   A,B,C,D,E,F,G,H
#
loop_
_chem_comp.id
_chem_comp.type
_chem_comp.name
_chem_comp.formula
DFV non-polymer 7-HYDROXY-2-(4-HYDROXY-PHENYL)-CHROMAN-4-ONE 'C15 H12 O4'
#
# COMPACT_ATOMS: atom_id res chain seq x y z
N VAL A 3 -29.15 11.89 -6.48
CA VAL A 3 -27.79 11.56 -6.88
C VAL A 3 -26.89 11.42 -5.65
N PRO A 4 -25.71 10.84 -5.84
CA PRO A 4 -24.81 10.59 -4.71
C PRO A 4 -23.80 11.72 -4.51
N GLU A 5 -23.22 11.72 -3.31
CA GLU A 5 -22.17 12.69 -2.98
C GLU A 5 -20.95 12.49 -3.86
N VAL A 6 -20.28 13.59 -4.19
CA VAL A 6 -19.02 13.56 -4.93
C VAL A 6 -17.94 14.13 -4.03
N VAL A 7 -16.88 13.36 -3.82
CA VAL A 7 -15.73 13.78 -3.02
C VAL A 7 -14.59 14.10 -3.96
N VAL A 8 -13.88 15.19 -3.69
CA VAL A 8 -12.75 15.64 -4.51
C VAL A 8 -11.58 15.86 -3.57
N GLU A 9 -10.73 14.83 -3.43
CA GLU A 9 -9.49 14.95 -2.67
C GLU A 9 -9.75 15.28 -1.20
N GLY A 10 -10.74 14.61 -0.62
CA GLY A 10 -11.06 14.82 0.78
C GLY A 10 -12.27 15.71 1.00
N VAL A 11 -12.39 16.75 0.16
CA VAL A 11 -13.54 17.64 0.26
C VAL A 11 -14.80 16.87 -0.15
N VAL A 12 -15.84 16.98 0.67
CA VAL A 12 -17.04 16.18 0.52
C VAL A 12 -18.17 17.10 0.09
N PHE A 13 -18.47 17.09 -1.21
CA PHE A 13 -19.57 17.89 -1.75
C PHE A 13 -20.85 17.08 -1.65
N PRO A 14 -21.80 17.47 -0.78
CA PRO A 14 -22.99 16.65 -0.59
C PRO A 14 -23.91 16.74 -1.80
N PRO A 15 -24.85 15.79 -1.94
CA PRO A 15 -25.62 15.71 -3.18
C PRO A 15 -26.62 16.83 -3.35
N VAL A 16 -27.01 17.51 -2.27
CA VAL A 16 -27.93 18.63 -2.34
C VAL A 16 -27.43 19.72 -1.40
N ALA A 17 -27.73 20.97 -1.74
CA ALA A 17 -27.28 22.09 -0.94
C ALA A 17 -28.13 23.30 -1.26
N ARG A 18 -28.50 24.04 -0.20
CA ARG A 18 -29.26 25.28 -0.35
C ARG A 18 -28.30 26.45 -0.17
N PRO A 19 -28.11 27.29 -1.18
CA PRO A 19 -27.09 28.35 -1.08
C PRO A 19 -27.38 29.27 0.10
N PRO A 20 -26.40 30.10 0.53
CA PRO A 20 -26.64 31.01 1.62
C PRO A 20 -27.76 31.92 1.13
N GLY A 21 -28.78 32.15 1.95
CA GLY A 21 -29.81 33.12 1.57
C GLY A 21 -30.83 32.53 0.61
N SER A 22 -30.82 31.20 0.46
CA SER A 22 -31.84 30.58 -0.39
C SER A 22 -32.55 29.47 0.35
N ALA A 23 -33.77 29.18 -0.07
CA ALA A 23 -34.51 28.07 0.53
C ALA A 23 -34.76 27.02 -0.53
N GLY A 24 -34.64 27.39 -1.82
CA GLY A 24 -34.78 26.27 -2.74
C GLY A 24 -33.62 25.30 -2.62
N SER A 25 -33.85 24.08 -3.12
CA SER A 25 -32.85 23.04 -3.09
C SER A 25 -32.13 22.94 -4.43
N HIS A 26 -30.81 22.83 -4.37
CA HIS A 26 -29.97 22.58 -5.53
C HIS A 26 -29.35 21.20 -5.42
N PHE A 27 -29.23 20.51 -6.55
CA PHE A 27 -28.52 19.24 -6.59
C PHE A 27 -27.12 19.46 -7.14
N LEU A 28 -26.26 18.47 -6.90
CA LEU A 28 -24.86 18.55 -7.31
C LEU A 28 -24.75 18.09 -8.76
N GLY A 29 -24.43 19.03 -9.65
CA GLY A 29 -24.19 18.68 -11.05
C GLY A 29 -22.90 17.90 -11.22
N GLY A 30 -21.80 18.49 -10.79
CA GLY A 30 -20.51 17.82 -10.87
C GLY A 30 -19.56 18.41 -9.85
N ALA A 31 -18.45 17.69 -9.63
CA ALA A 31 -17.45 18.13 -8.66
C ALA A 31 -16.11 17.53 -9.04
N GLY A 32 -15.13 18.38 -9.37
CA GLY A 32 -13.82 17.94 -9.76
C GLY A 32 -12.75 18.86 -9.19
N VAL A 33 -11.50 18.49 -9.44
CA VAL A 33 -10.35 19.23 -8.94
C VAL A 33 -9.93 20.27 -9.98
N ARG A 34 -9.25 21.31 -9.52
CA ARG A 34 -8.55 22.25 -10.37
C ARG A 34 -7.09 22.27 -9.97
N GLY A 35 -6.21 22.01 -10.93
CA GLY A 35 -4.79 22.16 -10.71
C GLY A 35 -4.16 22.84 -11.91
N ILE A 36 -2.91 23.27 -11.74
CA ILE A 36 -2.14 23.75 -12.88
C ILE A 36 -0.93 22.83 -13.03
N GLU A 37 -0.13 23.09 -14.05
CA GLU A 37 0.90 22.16 -14.50
C GLU A 37 2.28 22.70 -14.09
N ILE A 38 2.61 22.53 -12.81
CA ILE A 38 3.93 22.94 -12.32
C ILE A 38 4.97 22.02 -12.96
N GLY A 39 5.77 22.57 -13.86
CA GLY A 39 6.67 21.74 -14.63
C GLY A 39 5.87 20.78 -15.51
N GLY A 40 5.69 19.56 -15.04
CA GLY A 40 4.90 18.60 -15.77
C GLY A 40 3.90 17.85 -14.91
N ASN A 41 3.78 18.25 -13.64
CA ASN A 41 2.92 17.57 -12.68
C ASN A 41 1.59 18.28 -12.56
N PHE A 42 0.52 17.50 -12.40
CA PHE A 42 -0.79 18.02 -12.06
C PHE A 42 -0.85 18.26 -10.55
N ILE A 43 -0.81 19.53 -10.15
CA ILE A 43 -0.75 19.90 -8.74
C ILE A 43 -2.10 20.49 -8.36
N LYS A 44 -2.76 19.85 -7.39
CA LYS A 44 -4.13 20.22 -7.03
C LYS A 44 -4.14 21.43 -6.12
N PHE A 45 -4.96 22.42 -6.45
CA PHE A 45 -5.12 23.63 -5.65
C PHE A 45 -6.49 23.73 -5.02
N THR A 46 -7.56 23.50 -5.77
CA THR A 46 -8.92 23.70 -5.28
C THR A 46 -9.77 22.47 -5.55
N ALA A 47 -10.90 22.43 -4.84
CA ALA A 47 -11.98 21.48 -5.11
C ALA A 47 -13.23 22.28 -5.40
N ILE A 48 -13.79 22.10 -6.59
CA ILE A 48 -14.95 22.88 -7.04
C ILE A 48 -16.15 21.96 -7.14
N GLY A 49 -17.30 22.46 -6.71
CA GLY A 49 -18.56 21.80 -6.98
C GLY A 49 -19.52 22.80 -7.59
N VAL A 50 -20.31 22.32 -8.55
CA VAL A 50 -21.31 23.14 -9.23
C VAL A 50 -22.68 22.54 -8.93
N TYR A 51 -23.49 23.28 -8.18
CA TYR A 51 -24.87 22.91 -7.92
C TYR A 51 -25.78 23.66 -8.88
N LEU A 52 -26.82 22.99 -9.34
CA LEU A 52 -27.83 23.61 -10.18
C LEU A 52 -29.19 23.47 -9.51
N GLU A 53 -30.01 24.52 -9.66
CA GLU A 53 -31.37 24.51 -9.15
C GLU A 53 -32.12 23.26 -9.64
N ASP A 54 -33.17 22.87 -8.92
CA ASP A 54 -33.92 21.68 -9.33
C ASP A 54 -34.67 21.92 -10.64
N ALA A 55 -35.18 23.14 -10.84
CA ALA A 55 -35.86 23.48 -12.09
C ALA A 55 -34.94 23.26 -13.29
N ALA A 56 -33.65 23.07 -13.04
CA ALA A 56 -32.68 22.94 -14.14
C ALA A 56 -32.84 21.62 -14.90
N VAL A 57 -33.24 20.55 -14.20
CA VAL A 57 -33.38 19.26 -14.87
C VAL A 57 -34.40 19.36 -16.01
N SER A 58 -35.45 20.16 -15.81
CA SER A 58 -36.44 20.34 -16.87
C SER A 58 -35.86 21.12 -18.04
N ALA A 59 -35.22 22.25 -17.75
CA ALA A 59 -34.68 23.09 -18.83
C ALA A 59 -33.66 22.32 -19.66
N LEU A 60 -32.69 21.68 -19.01
CA LEU A 60 -31.66 20.95 -19.75
C LEU A 60 -32.25 19.75 -20.48
N ALA A 61 -33.22 19.08 -19.87
CA ALA A 61 -33.81 17.89 -20.49
C ALA A 61 -34.53 18.22 -21.79
N LYS A 62 -35.04 19.45 -21.91
CA LYS A 62 -35.65 19.87 -23.17
C LYS A 62 -34.76 19.55 -24.36
N LYS A 63 -33.45 19.62 -24.17
CA LYS A 63 -32.47 19.47 -25.23
C LYS A 63 -31.59 18.24 -25.10
N TRP A 64 -31.23 17.85 -23.87
CA TRP A 64 -30.14 16.91 -23.64
C TRP A 64 -30.62 15.56 -23.13
N ALA A 65 -31.92 15.29 -23.17
CA ALA A 65 -32.43 14.03 -22.63
C ALA A 65 -31.94 12.85 -23.46
N GLY A 66 -31.47 11.80 -22.78
CA GLY A 66 -31.05 10.59 -23.44
C GLY A 66 -29.65 10.59 -24.02
N LYS A 67 -28.93 11.70 -23.91
CA LYS A 67 -27.57 11.76 -24.43
C LYS A 67 -26.61 11.11 -23.44
N THR A 68 -25.64 10.35 -23.98
CA THR A 68 -24.71 9.62 -23.14
C THR A 68 -23.90 10.59 -22.27
N ALA A 69 -23.10 10.02 -21.38
CA ALA A 69 -22.17 10.84 -20.60
C ALA A 69 -21.10 11.44 -21.50
N ASP A 70 -20.63 10.68 -22.49
CA ASP A 70 -19.63 11.18 -23.42
C ASP A 70 -20.23 12.06 -24.50
N GLU A 71 -21.46 11.75 -24.93
CA GLU A 71 -22.16 12.67 -25.83
C GLU A 71 -22.35 14.03 -25.17
N LEU A 72 -22.73 14.04 -23.89
CA LEU A 72 -22.85 15.29 -23.15
C LEU A 72 -21.49 15.89 -22.86
N ALA A 73 -20.51 15.05 -22.51
CA ALA A 73 -19.20 15.55 -22.13
C ALA A 73 -18.49 16.28 -23.27
N SER A 74 -18.89 16.04 -24.52
CA SER A 74 -18.18 16.54 -25.68
C SER A 74 -18.83 17.74 -26.33
N ASP A 75 -20.06 18.09 -25.96
CA ASP A 75 -20.77 19.21 -26.58
C ASP A 75 -20.55 20.47 -25.75
N ALA A 76 -19.83 21.44 -26.32
CA ALA A 76 -19.66 22.72 -25.67
C ALA A 76 -21.01 23.40 -25.40
N ALA A 77 -22.06 22.99 -26.09
CA ALA A 77 -23.39 23.56 -25.83
C ALA A 77 -23.93 23.08 -24.49
N PHE A 78 -23.80 21.79 -24.19
CA PHE A 78 -24.24 21.29 -22.89
C PHE A 78 -23.60 22.07 -21.75
N PHE A 79 -22.38 22.56 -21.94
CA PHE A 79 -21.71 23.35 -20.93
C PHE A 79 -22.08 24.83 -21.02
N ARG A 80 -22.32 25.34 -22.23
CA ARG A 80 -22.85 26.70 -22.36
C ARG A 80 -24.27 26.77 -21.82
N ASP A 81 -25.09 25.77 -22.13
CA ASP A 81 -26.43 25.69 -21.56
C ASP A 81 -26.38 25.79 -20.03
N VAL A 82 -25.57 24.93 -19.41
CA VAL A 82 -25.46 24.94 -17.95
C VAL A 82 -24.98 26.29 -17.46
N VAL A 83 -23.88 26.78 -18.02
CA VAL A 83 -23.32 28.06 -17.58
C VAL A 83 -24.37 29.16 -17.68
N THR A 84 -25.05 29.23 -18.81
CA THR A 84 -25.99 30.32 -19.11
C THR A 84 -27.45 29.89 -18.97
N GLY A 85 -27.72 28.70 -18.47
CA GLY A 85 -29.09 28.24 -18.31
C GLY A 85 -29.99 29.25 -17.63
N ASP A 86 -31.27 29.25 -17.98
CA ASP A 86 -32.22 30.20 -17.40
C ASP A 86 -32.69 29.72 -16.04
N PHE A 87 -31.74 29.41 -15.15
CA PHE A 87 -32.05 28.95 -13.81
C PHE A 87 -30.95 29.43 -12.87
N GLU A 88 -30.96 28.94 -11.64
CA GLU A 88 -29.96 29.32 -10.65
C GLU A 88 -28.84 28.28 -10.60
N LYS A 89 -27.64 28.76 -10.28
CA LYS A 89 -26.46 27.92 -10.13
C LYS A 89 -25.71 28.33 -8.88
N PHE A 90 -25.29 27.35 -8.08
CA PHE A 90 -24.49 27.58 -6.89
C PHE A 90 -23.18 26.84 -7.04
N THR A 91 -22.07 27.54 -6.77
CA THR A 91 -20.73 26.97 -6.93
C THR A 91 -19.96 27.17 -5.64
N ARG A 92 -19.33 26.09 -5.17
CA ARG A 92 -18.46 26.13 -3.99
C ARG A 92 -17.04 25.82 -4.42
N VAL A 93 -16.11 26.72 -4.11
CA VAL A 93 -14.69 26.49 -4.32
C VAL A 93 -14.05 26.28 -2.96
N THR A 94 -13.52 25.08 -2.74
CA THR A 94 -12.86 24.72 -1.50
C THR A 94 -11.36 24.57 -1.74
N MET A 95 -10.56 25.21 -0.89
CA MET A 95 -9.12 25.25 -1.10
C MET A 95 -8.48 23.96 -0.61
N LEU A 96 -7.73 23.30 -1.51
CA LEU A 96 -6.85 22.20 -1.13
C LEU A 96 -5.47 22.71 -0.76
N LEU A 97 -5.01 23.78 -1.41
CA LEU A 97 -3.78 24.51 -1.12
C LEU A 97 -4.13 25.92 -0.68
N PRO A 98 -3.27 26.56 0.12
CA PRO A 98 -3.63 27.86 0.70
C PRO A 98 -3.56 28.99 -0.33
N LEU A 99 -4.63 29.78 -0.39
CA LEU A 99 -4.74 30.89 -1.32
C LEU A 99 -5.35 32.08 -0.60
N THR A 100 -5.10 33.27 -1.13
CA THR A 100 -5.62 34.51 -0.56
C THR A 100 -6.59 35.15 -1.54
N GLY A 101 -7.66 35.73 -1.01
CA GLY A 101 -8.69 36.31 -1.86
C GLY A 101 -8.13 37.24 -2.92
N GLU A 102 -7.19 38.10 -2.53
CA GLU A 102 -6.52 38.96 -3.51
C GLU A 102 -5.95 38.14 -4.65
N GLN A 103 -5.34 37.00 -4.33
CA GLN A 103 -4.68 36.18 -5.35
C GLN A 103 -5.67 35.35 -6.14
N TYR A 104 -6.77 34.91 -5.52
CA TYR A 104 -7.80 34.19 -6.26
C TYR A 104 -8.49 35.10 -7.25
N ALA A 105 -9.03 36.23 -6.78
CA ALA A 105 -9.81 37.10 -7.64
C ALA A 105 -9.01 37.60 -8.83
N GLY A 106 -7.70 37.80 -8.66
CA GLY A 106 -6.89 38.30 -9.76
C GLY A 106 -6.91 37.38 -10.96
N LYS A 107 -6.68 36.08 -10.73
CA LYS A 107 -6.68 35.11 -11.83
C LYS A 107 -8.04 35.03 -12.50
N VAL A 108 -9.11 35.02 -11.72
CA VAL A 108 -10.45 34.88 -12.30
C VAL A 108 -10.76 36.06 -13.21
N THR A 109 -10.43 37.28 -12.78
CA THR A 109 -10.77 38.46 -13.58
C THR A 109 -9.90 38.58 -14.82
N GLU A 110 -8.64 38.12 -14.76
CA GLU A 110 -7.77 38.21 -15.93
C GLU A 110 -8.14 37.19 -17.01
N ASN A 111 -8.82 36.11 -16.65
CA ASN A 111 -9.42 35.26 -17.67
C ASN A 111 -10.69 35.89 -18.25
N CYS A 112 -11.34 36.78 -17.51
CA CYS A 112 -12.57 37.43 -17.96
C CYS A 112 -12.25 38.74 -18.68
N VAL A 113 -11.89 39.77 -17.90
CA VAL A 113 -11.64 41.11 -18.43
C VAL A 113 -10.65 41.07 -19.58
N ALA A 114 -10.02 39.92 -19.77
CA ALA A 114 -9.24 39.66 -20.98
C ALA A 114 -10.12 39.07 -22.07
N PHE A 115 -10.81 37.97 -21.77
CA PHE A 115 -11.69 37.34 -22.75
C PHE A 115 -12.77 38.29 -23.24
N TRP A 116 -13.12 39.28 -22.42
CA TRP A 116 -14.06 40.31 -22.87
C TRP A 116 -13.40 41.31 -23.81
N LYS A 117 -12.12 41.59 -23.61
CA LYS A 117 -11.39 42.44 -24.55
C LYS A 117 -11.06 41.70 -25.84
N ALA A 118 -11.05 40.37 -25.81
CA ALA A 118 -10.85 39.60 -27.03
C ALA A 118 -12.07 39.70 -27.94
N VAL A 119 -13.25 39.95 -27.38
CA VAL A 119 -14.50 40.01 -28.13
C VAL A 119 -15.17 41.37 -27.98
N GLY A 120 -14.44 42.37 -27.52
CA GLY A 120 -14.96 43.73 -27.45
C GLY A 120 -16.08 43.96 -26.48
N LEU A 121 -16.24 43.10 -25.48
CA LEU A 121 -17.32 43.23 -24.50
C LEU A 121 -16.83 43.69 -23.13
N TYR A 122 -15.63 44.26 -23.05
CA TYR A 122 -15.15 44.85 -21.80
C TYR A 122 -15.65 46.29 -21.75
N THR A 123 -16.92 46.44 -21.39
CA THR A 123 -17.52 47.74 -21.20
C THR A 123 -17.28 48.23 -19.78
N ASP A 124 -17.70 49.47 -19.51
CA ASP A 124 -17.62 49.98 -18.15
C ASP A 124 -18.40 49.11 -17.17
N ALA A 125 -19.30 48.27 -17.68
CA ALA A 125 -20.00 47.30 -16.85
C ALA A 125 -19.00 46.31 -16.24
N GLU A 126 -18.43 45.45 -17.09
CA GLU A 126 -17.43 44.49 -16.62
C GLU A 126 -16.41 45.16 -15.71
N GLY A 127 -15.91 46.33 -16.12
CA GLY A 127 -14.94 47.03 -15.30
C GLY A 127 -15.44 47.32 -13.90
N VAL A 128 -16.69 47.77 -13.78
CA VAL A 128 -17.25 48.07 -12.47
C VAL A 128 -17.54 46.78 -11.71
N ALA A 129 -18.08 45.77 -12.40
CA ALA A 129 -18.36 44.50 -11.75
C ALA A 129 -17.08 43.85 -11.23
N VAL A 130 -16.00 43.95 -12.00
CA VAL A 130 -14.75 43.29 -11.62
C VAL A 130 -14.09 44.00 -10.45
N GLU A 131 -14.30 45.31 -10.32
CA GLU A 131 -13.79 46.02 -9.15
C GLU A 131 -14.53 45.58 -7.89
N LYS A 132 -15.85 45.75 -7.88
CA LYS A 132 -16.67 45.23 -6.78
C LYS A 132 -16.33 43.77 -6.50
N PHE A 133 -16.02 43.01 -7.56
CA PHE A 133 -15.55 41.63 -7.39
C PHE A 133 -14.19 41.60 -6.71
N LYS A 134 -13.20 42.28 -7.29
CA LYS A 134 -11.86 42.29 -6.71
C LYS A 134 -11.84 42.92 -5.32
N GLU A 135 -12.90 43.64 -4.94
CA GLU A 135 -12.96 44.24 -3.61
C GLU A 135 -13.47 43.25 -2.57
N ALA A 136 -14.47 42.43 -2.92
CA ALA A 136 -15.02 41.50 -1.96
C ALA A 136 -14.00 40.43 -1.54
N PHE A 137 -13.03 40.15 -2.39
CA PHE A 137 -12.04 39.10 -2.12
C PHE A 137 -10.77 39.63 -1.47
N LYS A 138 -10.54 40.94 -1.48
CA LYS A 138 -9.25 41.47 -1.07
C LYS A 138 -8.92 41.17 0.39
N PRO A 139 -9.78 41.47 1.35
CA PRO A 139 -9.43 41.27 2.77
C PRO A 139 -9.45 39.82 3.23
N GLU A 140 -9.63 38.86 2.35
CA GLU A 140 -9.80 37.46 2.72
C GLU A 140 -8.57 36.64 2.34
N THR A 141 -8.28 35.64 3.17
CA THR A 141 -7.30 34.62 2.88
C THR A 141 -7.92 33.26 3.18
N PHE A 142 -7.72 32.30 2.28
CA PHE A 142 -8.40 31.01 2.35
C PHE A 142 -7.42 29.90 2.70
N PRO A 143 -7.27 29.55 3.98
CA PRO A 143 -6.52 28.36 4.34
C PRO A 143 -7.17 27.13 3.76
N PRO A 144 -6.44 26.03 3.58
CA PRO A 144 -7.05 24.82 3.01
C PRO A 144 -8.20 24.35 3.88
N GLY A 145 -9.37 24.22 3.26
CA GLY A 145 -10.60 23.89 3.95
C GLY A 145 -11.65 24.99 3.86
N ALA A 146 -11.22 26.25 3.85
CA ALA A 146 -12.14 27.35 3.62
C ALA A 146 -12.75 27.25 2.23
N SER A 147 -13.78 28.06 2.00
CA SER A 147 -14.55 27.95 0.77
C SER A 147 -14.90 29.33 0.23
N ILE A 148 -15.09 29.39 -1.08
CA ILE A 148 -15.68 30.54 -1.76
C ILE A 148 -16.98 30.06 -2.40
N LEU A 149 -18.06 30.81 -2.17
CA LEU A 149 -19.39 30.38 -2.58
C LEU A 149 -20.01 31.45 -3.47
N PHE A 150 -20.21 31.11 -4.74
CA PHE A 150 -20.82 31.98 -5.72
C PHE A 150 -22.25 31.53 -5.99
N THR A 151 -23.17 32.48 -6.05
CA THR A 151 -24.56 32.21 -6.41
C THR A 151 -24.84 32.90 -7.74
N HIS A 152 -25.08 32.11 -8.77
CA HIS A 152 -25.42 32.61 -10.10
C HIS A 152 -26.94 32.57 -10.27
N SER A 153 -27.54 33.73 -10.49
CA SER A 153 -28.98 33.84 -10.64
C SER A 153 -29.36 33.75 -12.12
N SER A 154 -30.65 33.46 -12.36
CA SER A 154 -31.14 33.41 -13.73
C SER A 154 -30.95 34.75 -14.43
N THR A 155 -31.11 35.85 -13.70
CA THR A 155 -30.98 37.19 -14.26
C THR A 155 -29.54 37.69 -14.31
N GLY A 156 -28.57 36.87 -13.88
CA GLY A 156 -27.18 37.25 -13.94
C GLY A 156 -26.75 38.12 -12.78
N VAL A 157 -26.96 37.63 -11.55
CA VAL A 157 -26.61 38.37 -10.33
C VAL A 157 -25.70 37.47 -9.51
N LEU A 158 -24.42 37.84 -9.43
CA LEU A 158 -23.42 37.06 -8.72
C LEU A 158 -23.40 37.44 -7.25
N THR A 159 -23.37 36.44 -6.37
CA THR A 159 -23.35 36.65 -4.93
C THR A 159 -22.14 35.93 -4.35
N VAL A 160 -21.29 36.67 -3.65
CA VAL A 160 -19.99 36.18 -3.21
C VAL A 160 -20.05 36.04 -1.69
N ALA A 161 -20.26 34.82 -1.22
CA ALA A 161 -20.11 34.49 0.18
C ALA A 161 -18.79 33.76 0.42
N PHE A 162 -18.46 33.58 1.69
CA PHE A 162 -17.26 32.83 2.07
C PHE A 162 -17.59 31.96 3.27
N SER A 163 -16.79 30.92 3.46
CA SER A 163 -16.92 30.03 4.60
C SER A 163 -15.54 29.63 5.08
N LYS A 164 -15.43 29.40 6.38
CA LYS A 164 -14.16 28.94 6.96
C LYS A 164 -13.89 27.49 6.61
N ASP A 165 -14.92 26.69 6.39
CA ASP A 165 -14.77 25.28 6.07
C ASP A 165 -15.67 24.94 4.88
N SER A 166 -15.98 23.65 4.73
CA SER A 166 -16.81 23.18 3.64
C SER A 166 -18.29 23.48 3.84
N SER A 167 -18.65 24.22 4.89
CA SER A 167 -20.04 24.51 5.20
C SER A 167 -20.49 25.80 4.51
N VAL A 168 -21.68 25.77 3.94
CA VAL A 168 -22.28 26.94 3.33
C VAL A 168 -22.92 27.79 4.42
N PRO A 169 -22.52 29.05 4.58
CA PRO A 169 -23.06 29.87 5.67
C PRO A 169 -24.55 30.14 5.48
N ALA A 170 -25.18 30.57 6.56
CA ALA A 170 -26.61 30.84 6.52
C ALA A 170 -26.91 32.17 5.83
N SER A 171 -26.22 33.24 6.23
CA SER A 171 -26.48 34.57 5.72
C SER A 171 -25.66 34.84 4.48
N GLY A 172 -26.30 35.45 3.47
CA GLY A 172 -25.67 35.72 2.19
C GLY A 172 -24.45 36.61 2.26
N GLY A 173 -23.94 37.01 1.10
CA GLY A 173 -22.76 37.84 1.00
C GLY A 173 -23.01 39.06 0.14
N VAL A 174 -22.02 39.38 -0.69
CA VAL A 174 -22.11 40.52 -1.60
C VAL A 174 -22.80 40.07 -2.88
N ALA A 175 -23.42 41.03 -3.58
CA ALA A 175 -24.20 40.75 -4.78
C ALA A 175 -23.78 41.71 -5.89
N ILE A 176 -22.93 41.24 -6.80
CA ILE A 176 -22.54 42.01 -7.98
C ILE A 176 -23.61 41.82 -9.04
N GLU A 177 -24.21 42.92 -9.48
CA GLU A 177 -25.45 42.91 -10.27
C GLU A 177 -25.15 42.96 -11.77
N ASN A 178 -24.26 42.10 -12.23
CA ASN A 178 -23.79 42.10 -13.62
C ASN A 178 -23.86 40.68 -14.17
N LYS A 179 -24.46 40.54 -15.36
CA LYS A 179 -24.70 39.20 -15.91
C LYS A 179 -23.44 38.58 -16.47
N HIS A 180 -22.63 39.34 -17.21
CA HIS A 180 -21.41 38.78 -17.80
C HIS A 180 -20.48 38.25 -16.73
N LEU A 181 -20.12 39.10 -15.76
CA LEU A 181 -19.23 38.63 -14.70
C LEU A 181 -19.82 37.43 -13.97
N CYS A 182 -21.15 37.42 -13.81
CA CYS A 182 -21.80 36.26 -13.21
C CYS A 182 -21.47 34.99 -13.97
N GLU A 183 -21.76 34.96 -15.27
CA GLU A 183 -21.55 33.76 -16.07
C GLU A 183 -20.06 33.53 -16.33
N ALA A 184 -19.28 34.60 -16.45
CA ALA A 184 -17.83 34.45 -16.66
C ALA A 184 -17.23 33.58 -15.57
N VAL A 185 -17.60 33.82 -14.31
CA VAL A 185 -17.08 33.02 -13.20
C VAL A 185 -17.39 31.54 -13.43
N LEU A 186 -18.65 31.23 -13.74
CA LEU A 186 -19.02 29.85 -14.02
C LEU A 186 -18.46 29.39 -15.35
N GLU A 187 -18.52 30.23 -16.38
CA GLU A 187 -17.95 29.89 -17.68
C GLU A 187 -16.49 29.51 -17.57
N SER A 188 -15.77 30.10 -16.60
CA SER A 188 -14.35 29.82 -16.45
C SER A 188 -14.06 28.52 -15.71
N ILE A 189 -15.08 27.87 -15.15
CA ILE A 189 -14.90 26.63 -14.42
C ILE A 189 -15.31 25.42 -15.26
N ILE A 190 -16.36 25.55 -16.07
CA ILE A 190 -16.87 24.42 -16.83
C ILE A 190 -17.09 24.81 -18.29
N GLY A 191 -16.49 25.92 -18.72
CA GLY A 191 -16.57 26.34 -20.10
C GLY A 191 -15.59 25.59 -20.97
N GLU A 192 -15.48 26.04 -22.22
CA GLU A 192 -14.50 25.48 -23.14
C GLU A 192 -13.13 25.45 -22.50
N HIS A 193 -12.66 26.61 -22.01
CA HIS A 193 -11.39 26.72 -21.31
C HIS A 193 -11.54 26.55 -19.79
N GLY A 194 -12.49 25.72 -19.36
CA GLY A 194 -12.75 25.53 -17.94
C GLY A 194 -11.53 25.08 -17.16
N VAL A 195 -11.28 25.74 -16.03
CA VAL A 195 -10.10 25.47 -15.22
C VAL A 195 -10.32 24.21 -14.38
N SER A 196 -11.37 23.46 -14.69
CA SER A 196 -11.65 22.20 -14.01
C SER A 196 -12.38 21.26 -14.96
N PRO A 197 -11.63 20.54 -15.80
CA PRO A 197 -12.28 19.55 -16.67
C PRO A 197 -12.82 18.36 -15.89
N ALA A 198 -12.21 18.03 -14.75
CA ALA A 198 -12.79 17.01 -13.88
C ALA A 198 -14.23 17.35 -13.54
N ALA A 199 -14.48 18.61 -13.17
CA ALA A 199 -15.84 19.04 -12.85
C ALA A 199 -16.75 18.86 -14.05
N LYS A 200 -16.30 19.26 -15.24
CA LYS A 200 -17.08 19.01 -16.45
C LYS A 200 -17.38 17.52 -16.59
N LEU A 201 -16.39 16.67 -16.34
CA LEU A 201 -16.59 15.23 -16.45
C LEU A 201 -17.66 14.76 -15.47
N SER A 202 -17.60 15.24 -14.23
CA SER A 202 -18.61 14.86 -13.24
C SER A 202 -19.98 15.40 -13.62
N LEU A 203 -20.04 16.67 -14.04
CA LEU A 203 -21.33 17.25 -14.43
C LEU A 203 -21.88 16.62 -15.70
N ALA A 204 -21.02 16.02 -16.53
CA ALA A 204 -21.53 15.31 -17.70
C ALA A 204 -22.06 13.93 -17.33
N ALA A 205 -21.35 13.21 -16.46
CA ALA A 205 -21.80 11.89 -16.05
C ALA A 205 -23.09 11.96 -15.24
N ARG A 206 -23.10 12.77 -14.18
CA ARG A 206 -24.25 12.85 -13.29
C ARG A 206 -25.49 13.31 -14.04
N VAL A 207 -25.38 14.40 -14.79
CA VAL A 207 -26.54 14.98 -15.46
C VAL A 207 -27.08 14.07 -16.56
N SER A 208 -26.26 13.17 -17.10
CA SER A 208 -26.76 12.24 -18.10
C SER A 208 -27.64 11.17 -17.47
N GLU A 209 -27.33 10.76 -16.25
CA GLU A 209 -28.15 9.77 -15.55
C GLU A 209 -29.44 10.36 -15.00
N LEU A 210 -29.62 11.67 -15.06
CA LEU A 210 -30.88 12.30 -14.68
C LEU A 210 -31.74 12.68 -15.88
N LEU A 211 -31.14 12.81 -17.06
CA LEU A 211 -31.88 13.04 -18.30
C LEU A 211 -32.22 11.74 -19.02
N THR A 212 -32.51 10.68 -18.27
CA THR A 212 -33.04 9.45 -18.83
C THR A 212 -34.23 9.01 -17.98
N LYS A 213 -34.21 9.38 -16.71
CA LYS A 213 -35.32 9.14 -15.79
C LYS A 213 -36.52 9.99 -16.14
N PRO B 4 12.67 17.20 -15.86
CA PRO B 4 12.03 17.11 -14.54
C PRO B 4 11.18 15.87 -14.40
N GLU B 5 11.34 15.14 -13.29
CA GLU B 5 10.48 14.00 -13.04
C GLU B 5 9.02 14.44 -12.94
N VAL B 6 8.12 13.47 -13.11
CA VAL B 6 6.72 13.64 -12.77
C VAL B 6 6.36 12.58 -11.74
N VAL B 7 5.64 12.98 -10.70
CA VAL B 7 5.10 12.08 -9.70
C VAL B 7 3.59 12.15 -9.80
N VAL B 8 2.95 11.02 -10.07
CA VAL B 8 1.52 10.95 -10.31
C VAL B 8 0.91 10.07 -9.22
N GLU B 9 0.19 10.69 -8.29
CA GLU B 9 -0.50 9.99 -7.21
C GLU B 9 0.39 8.92 -6.60
N GLY B 10 1.59 9.33 -6.19
CA GLY B 10 2.57 8.45 -5.59
C GLY B 10 3.55 7.83 -6.56
N VAL B 11 3.07 7.47 -7.76
CA VAL B 11 3.93 6.83 -8.74
C VAL B 11 4.90 7.87 -9.29
N VAL B 12 6.21 7.57 -9.17
CA VAL B 12 7.26 8.46 -9.66
C VAL B 12 7.67 7.99 -11.05
N PHE B 13 7.60 8.91 -12.02
CA PHE B 13 8.06 8.63 -13.37
C PHE B 13 9.37 9.36 -13.60
N PRO B 14 10.51 8.70 -13.45
CA PRO B 14 11.79 9.40 -13.55
C PRO B 14 11.91 10.11 -14.89
N PRO B 15 12.66 11.20 -14.94
CA PRO B 15 12.73 12.00 -16.18
C PRO B 15 13.30 11.25 -17.36
N VAL B 16 14.15 10.26 -17.13
CA VAL B 16 14.75 9.47 -18.19
C VAL B 16 14.62 7.99 -17.84
N ALA B 17 14.27 7.17 -18.83
CA ALA B 17 14.12 5.74 -18.62
C ALA B 17 14.52 5.02 -19.91
N ARG B 18 15.21 3.89 -19.74
CA ARG B 18 15.68 3.10 -20.86
C ARG B 18 14.72 1.95 -21.11
N PRO B 19 14.03 1.92 -22.24
CA PRO B 19 13.10 0.81 -22.52
C PRO B 19 13.80 -0.54 -22.34
N PRO B 20 13.05 -1.58 -21.99
CA PRO B 20 13.67 -2.91 -21.83
C PRO B 20 14.06 -3.52 -23.17
N GLY B 21 15.33 -3.40 -23.53
CA GLY B 21 15.82 -3.90 -24.80
C GLY B 21 16.25 -2.86 -25.81
N SER B 22 16.31 -1.59 -25.41
CA SER B 22 16.68 -0.50 -26.32
C SER B 22 18.07 0.03 -26.05
N ALA B 23 18.40 0.31 -24.80
CA ALA B 23 19.70 0.83 -24.37
C ALA B 23 19.87 2.31 -24.66
N GLY B 24 18.82 3.00 -25.11
CA GLY B 24 18.88 4.41 -25.43
C GLY B 24 18.03 5.21 -24.45
N SER B 25 18.53 6.38 -24.07
CA SER B 25 17.79 7.24 -23.15
C SER B 25 16.43 7.62 -23.74
N HIS B 26 15.45 7.79 -22.85
CA HIS B 26 14.08 8.15 -23.25
C HIS B 26 13.57 9.16 -22.25
N PHE B 27 13.45 10.41 -22.68
CA PHE B 27 12.95 11.45 -21.78
C PHE B 27 11.46 11.22 -21.49
N LEU B 28 10.99 11.86 -20.42
CA LEU B 28 9.61 11.67 -19.95
C LEU B 28 8.71 12.68 -20.64
N GLY B 29 8.18 12.30 -21.81
CA GLY B 29 7.32 13.19 -22.55
C GLY B 29 6.16 13.73 -21.72
N GLY B 30 5.67 12.94 -20.77
CA GLY B 30 4.59 13.36 -19.92
C GLY B 30 3.92 12.22 -19.17
N ALA B 31 3.38 12.50 -18.00
CA ALA B 31 2.70 11.50 -17.20
C ALA B 31 1.46 12.11 -16.56
N GLY B 32 0.37 11.35 -16.54
CA GLY B 32 -0.87 11.81 -15.95
C GLY B 32 -1.67 10.64 -15.42
N VAL B 33 -2.68 10.96 -14.61
CA VAL B 33 -3.50 9.92 -14.00
C VAL B 33 -4.59 9.49 -14.97
N ARG B 34 -5.09 8.27 -14.75
CA ARG B 34 -6.18 7.69 -15.54
C ARG B 34 -7.27 7.26 -14.58
N GLY B 35 -8.51 7.66 -14.85
CA GLY B 35 -9.58 7.46 -13.90
C GLY B 35 -10.87 7.01 -14.56
N ILE B 36 -11.76 6.49 -13.72
CA ILE B 36 -13.10 6.07 -14.11
C ILE B 36 -14.11 6.93 -13.39
N GLU B 37 -15.27 7.12 -14.01
CA GLU B 37 -16.35 7.93 -13.44
C GLU B 37 -17.39 6.98 -12.85
N ILE B 38 -17.22 6.65 -11.58
CA ILE B 38 -18.20 5.90 -10.82
C ILE B 38 -19.10 6.89 -10.09
N GLY B 39 -20.41 6.79 -10.32
CA GLY B 39 -21.32 7.79 -9.81
C GLY B 39 -21.04 9.15 -10.41
N GLY B 40 -20.41 10.03 -9.63
CA GLY B 40 -19.97 11.32 -10.15
C GLY B 40 -18.53 11.59 -9.77
N ASN B 41 -17.85 10.57 -9.24
CA ASN B 41 -16.52 10.72 -8.69
C ASN B 41 -15.46 10.30 -9.69
N PHE B 42 -14.38 11.07 -9.76
CA PHE B 42 -13.19 10.69 -10.52
C PHE B 42 -12.41 9.67 -9.69
N ILE B 43 -12.62 8.39 -9.99
CA ILE B 43 -11.95 7.31 -9.28
C ILE B 43 -10.68 6.98 -10.06
N LYS B 44 -9.55 7.46 -9.57
CA LYS B 44 -8.28 7.21 -10.24
C LYS B 44 -7.90 5.75 -10.13
N PHE B 45 -7.40 5.18 -11.22
CA PHE B 45 -7.09 3.76 -11.30
C PHE B 45 -5.63 3.48 -11.61
N THR B 46 -5.06 4.15 -12.60
CA THR B 46 -3.67 3.93 -12.99
C THR B 46 -2.91 5.25 -13.05
N ALA B 47 -1.59 5.13 -13.03
CA ALA B 47 -0.68 6.25 -13.26
C ALA B 47 0.15 5.93 -14.49
N ILE B 48 -0.01 6.73 -15.53
CA ILE B 48 0.51 6.40 -16.86
C ILE B 48 1.53 7.45 -17.28
N GLY B 49 2.74 7.01 -17.58
CA GLY B 49 3.78 7.90 -18.06
C GLY B 49 4.29 7.48 -19.43
N VAL B 50 4.36 8.44 -20.35
CA VAL B 50 4.76 8.19 -21.73
C VAL B 50 6.15 8.75 -21.96
N TYR B 51 7.04 7.92 -22.48
CA TYR B 51 8.41 8.29 -22.77
C TYR B 51 8.63 8.36 -24.28
N LEU B 52 9.68 9.07 -24.68
CA LEU B 52 9.99 9.19 -26.11
C LEU B 52 11.50 9.15 -26.32
N GLU B 53 11.87 8.54 -27.46
CA GLU B 53 13.23 8.65 -27.96
C GLU B 53 13.69 10.10 -27.96
N ASP B 54 14.90 10.34 -27.47
CA ASP B 54 15.46 11.69 -27.54
C ASP B 54 15.42 12.22 -28.96
N ALA B 55 15.62 11.36 -29.95
CA ALA B 55 15.53 11.77 -31.35
C ALA B 55 14.17 12.34 -31.71
N ALA B 56 13.18 12.23 -30.83
CA ALA B 56 11.83 12.70 -31.13
C ALA B 56 11.70 14.22 -31.04
N VAL B 57 12.59 14.89 -30.30
CA VAL B 57 12.51 16.34 -30.21
C VAL B 57 12.81 16.98 -31.56
N SER B 58 13.76 16.41 -32.30
CA SER B 58 14.00 16.89 -33.67
C SER B 58 12.80 16.62 -34.56
N ALA B 59 12.21 15.43 -34.44
CA ALA B 59 11.07 15.09 -35.28
C ALA B 59 9.91 16.06 -35.07
N LEU B 60 9.37 16.09 -33.84
CA LEU B 60 8.23 16.96 -33.56
C LEU B 60 8.57 18.42 -33.84
N ALA B 61 9.75 18.88 -33.39
CA ALA B 61 10.11 20.29 -33.49
C ALA B 61 9.93 20.85 -34.90
N LYS B 62 9.85 19.99 -35.92
CA LYS B 62 9.70 20.48 -37.28
C LYS B 62 8.34 21.13 -37.50
N LYS B 63 7.32 20.72 -36.74
CA LYS B 63 5.95 21.19 -36.94
C LYS B 63 5.33 21.84 -35.71
N TRP B 64 6.02 21.83 -34.56
CA TRP B 64 5.45 22.33 -33.33
C TRP B 64 6.37 23.23 -32.53
N ALA B 65 7.59 23.49 -33.00
CA ALA B 65 8.53 24.33 -32.27
C ALA B 65 7.92 25.72 -32.03
N GLY B 66 8.27 26.30 -30.89
CA GLY B 66 7.84 27.64 -30.57
C GLY B 66 6.37 27.80 -30.25
N LYS B 67 5.62 26.71 -30.15
CA LYS B 67 4.21 26.77 -29.79
C LYS B 67 4.04 26.54 -28.30
N THR B 68 3.14 27.31 -27.68
CA THR B 68 2.97 27.27 -26.24
C THR B 68 2.25 25.98 -25.82
N ALA B 69 2.16 25.80 -24.51
CA ALA B 69 1.55 24.59 -23.96
C ALA B 69 0.07 24.51 -24.30
N ASP B 70 -0.68 25.59 -24.05
CA ASP B 70 -2.10 25.58 -24.34
C ASP B 70 -2.40 25.38 -25.81
N GLU B 71 -1.45 25.70 -26.70
CA GLU B 71 -1.63 25.45 -28.11
C GLU B 71 -1.53 23.96 -28.42
N LEU B 72 -0.40 23.34 -28.05
CA LEU B 72 -0.20 21.92 -28.29
C LEU B 72 -1.32 21.09 -27.68
N ALA B 73 -1.77 21.48 -26.48
CA ALA B 73 -2.78 20.69 -25.78
C ALA B 73 -4.11 20.67 -26.54
N SER B 74 -4.40 21.73 -27.30
CA SER B 74 -5.65 21.86 -28.03
C SER B 74 -5.49 21.57 -29.52
N ASP B 75 -4.59 20.65 -29.88
CA ASP B 75 -4.22 20.42 -31.27
C ASP B 75 -4.07 18.90 -31.47
N ALA B 76 -5.22 18.22 -31.66
CA ALA B 76 -5.22 16.77 -31.75
C ALA B 76 -4.17 16.25 -32.73
N ALA B 77 -3.78 17.07 -33.71
CA ALA B 77 -2.72 16.66 -34.61
C ALA B 77 -1.41 16.44 -33.87
N PHE B 78 -1.01 17.41 -33.04
CA PHE B 78 0.20 17.25 -32.24
C PHE B 78 0.20 15.92 -31.50
N PHE B 79 -0.90 15.61 -30.82
CA PHE B 79 -1.00 14.34 -30.12
C PHE B 79 -0.97 13.16 -31.09
N ARG B 80 -1.54 13.34 -32.29
CA ARG B 80 -1.45 12.30 -33.31
C ARG B 80 -0.03 12.19 -33.87
N ASP B 81 0.77 13.27 -33.75
CA ASP B 81 2.16 13.21 -34.19
C ASP B 81 3.05 12.49 -33.20
N VAL B 82 2.68 12.51 -31.91
CA VAL B 82 3.38 11.69 -30.93
C VAL B 82 2.96 10.23 -31.06
N VAL B 83 1.69 9.99 -31.39
CA VAL B 83 1.20 8.62 -31.54
C VAL B 83 1.83 7.95 -32.75
N THR B 84 1.77 8.62 -33.91
CA THR B 84 2.28 8.07 -35.16
C THR B 84 3.64 8.64 -35.54
N GLY B 85 4.42 9.08 -34.56
CA GLY B 85 5.75 9.59 -34.86
C GLY B 85 6.68 8.50 -35.36
N ASP B 86 7.77 8.93 -36.01
CA ASP B 86 8.81 8.02 -36.46
C ASP B 86 9.96 8.10 -35.46
N PHE B 87 9.78 7.40 -34.34
CA PHE B 87 10.69 7.35 -33.22
C PHE B 87 10.05 6.44 -32.18
N GLU B 88 10.85 5.97 -31.24
CA GLU B 88 10.33 5.00 -30.29
C GLU B 88 9.55 5.70 -29.19
N LYS B 89 8.60 4.96 -28.61
CA LYS B 89 7.81 5.42 -27.48
C LYS B 89 7.74 4.31 -26.44
N PHE B 90 7.92 4.70 -25.18
CA PHE B 90 7.88 3.75 -24.06
C PHE B 90 6.84 4.24 -23.06
N THR B 91 5.83 3.41 -22.80
CA THR B 91 4.74 3.76 -21.89
C THR B 91 4.75 2.81 -20.70
N ARG B 92 4.65 3.37 -19.50
CA ARG B 92 4.59 2.59 -18.27
C ARG B 92 3.26 2.87 -17.57
N VAL B 93 2.35 1.91 -17.63
CA VAL B 93 1.09 1.99 -16.90
C VAL B 93 1.30 1.33 -15.54
N THR B 94 1.31 2.13 -14.48
CA THR B 94 1.52 1.63 -13.13
C THR B 94 0.20 1.72 -12.35
N MET B 95 -0.12 0.65 -11.62
CA MET B 95 -1.44 0.50 -11.05
C MET B 95 -1.59 1.27 -9.74
N LEU B 96 -2.75 1.91 -9.57
CA LEU B 96 -3.17 2.49 -8.31
C LEU B 96 -4.19 1.62 -7.60
N LEU B 97 -5.12 1.02 -8.34
CA LEU B 97 -6.05 0.01 -7.87
C LEU B 97 -5.74 -1.32 -8.57
N PRO B 98 -5.99 -2.45 -7.91
CA PRO B 98 -5.60 -3.74 -8.49
C PRO B 98 -6.41 -4.05 -9.74
N LEU B 99 -5.69 -4.43 -10.79
CA LEU B 99 -6.28 -4.93 -12.03
C LEU B 99 -5.70 -6.30 -12.33
N THR B 100 -6.27 -6.96 -13.34
CA THR B 100 -5.74 -8.23 -13.83
C THR B 100 -5.50 -8.11 -15.32
N GLY B 101 -4.54 -8.92 -15.81
CA GLY B 101 -4.21 -8.87 -17.22
C GLY B 101 -5.42 -8.97 -18.12
N GLU B 102 -6.24 -10.00 -17.90
CA GLU B 102 -7.47 -10.15 -18.68
C GLU B 102 -8.33 -8.89 -18.60
N GLN B 103 -8.45 -8.31 -17.40
CA GLN B 103 -9.33 -7.17 -17.21
C GLN B 103 -8.76 -5.89 -17.83
N TYR B 104 -7.43 -5.74 -17.83
CA TYR B 104 -6.82 -4.58 -18.47
C TYR B 104 -6.78 -4.73 -19.98
N ALA B 105 -6.30 -5.88 -20.47
CA ALA B 105 -6.15 -6.08 -21.90
C ALA B 105 -7.49 -6.00 -22.63
N GLY B 106 -8.55 -6.50 -22.00
CA GLY B 106 -9.86 -6.45 -22.65
C GLY B 106 -10.33 -5.03 -22.87
N LYS B 107 -10.31 -4.21 -21.80
CA LYS B 107 -10.83 -2.85 -21.91
C LYS B 107 -10.04 -2.04 -22.92
N VAL B 108 -8.74 -2.28 -23.05
CA VAL B 108 -7.94 -1.57 -24.04
C VAL B 108 -8.30 -2.02 -25.45
N THR B 109 -8.47 -3.33 -25.64
CA THR B 109 -8.72 -3.88 -26.97
C THR B 109 -10.15 -3.66 -27.42
N GLU B 110 -11.12 -3.84 -26.52
CA GLU B 110 -12.52 -3.73 -26.90
C GLU B 110 -12.82 -2.39 -27.56
N ASN B 111 -12.13 -1.32 -27.14
CA ASN B 111 -12.36 -0.01 -27.74
C ASN B 111 -11.59 0.14 -29.05
N CYS B 112 -10.31 -0.24 -29.06
CA CYS B 112 -9.54 -0.29 -30.29
C CYS B 112 -10.34 -1.02 -31.37
N VAL B 113 -10.47 -2.33 -31.20
CA VAL B 113 -11.23 -3.21 -32.09
C VAL B 113 -12.48 -2.52 -32.60
N ALA B 114 -13.18 -1.81 -31.71
CA ALA B 114 -14.43 -1.15 -32.09
C ALA B 114 -14.17 -0.07 -33.12
N PHE B 115 -13.18 0.79 -32.88
CA PHE B 115 -12.92 1.93 -33.74
C PHE B 115 -12.05 1.58 -34.95
N TRP B 116 -11.74 0.30 -35.16
CA TRP B 116 -11.26 -0.17 -36.45
C TRP B 116 -12.40 -0.66 -37.32
N LYS B 117 -13.42 -1.27 -36.72
CA LYS B 117 -14.61 -1.67 -37.45
C LYS B 117 -15.52 -0.47 -37.70
N ALA B 118 -15.58 0.45 -36.74
CA ALA B 118 -16.28 1.73 -36.91
C ALA B 118 -15.55 2.67 -37.85
N VAL B 119 -14.52 2.13 -38.50
CA VAL B 119 -13.78 2.82 -39.56
C VAL B 119 -13.59 1.83 -40.69
N GLY B 120 -14.23 0.68 -40.58
CA GLY B 120 -14.29 -0.32 -41.64
C GLY B 120 -13.00 -1.05 -41.95
N LEU B 121 -11.96 -0.90 -41.11
CA LEU B 121 -10.65 -1.46 -41.42
C LEU B 121 -10.21 -2.49 -40.37
N TYR B 122 -11.15 -3.20 -39.76
CA TYR B 122 -10.77 -4.31 -38.89
C TYR B 122 -10.31 -5.47 -39.75
N THR B 123 -9.05 -5.88 -39.57
CA THR B 123 -8.41 -6.88 -40.41
C THR B 123 -8.05 -8.10 -39.58
N ASP B 124 -7.62 -9.15 -40.28
CA ASP B 124 -7.08 -10.32 -39.60
C ASP B 124 -5.76 -9.99 -38.91
N ALA B 125 -5.00 -9.03 -39.46
CA ALA B 125 -3.80 -8.54 -38.80
C ALA B 125 -4.17 -7.93 -37.46
N GLU B 126 -4.93 -6.84 -37.49
CA GLU B 126 -5.46 -6.27 -36.26
C GLU B 126 -6.06 -7.34 -35.37
N GLY B 127 -6.83 -8.26 -35.96
CA GLY B 127 -7.45 -9.31 -35.16
C GLY B 127 -6.42 -10.23 -34.50
N VAL B 128 -5.46 -10.72 -35.28
CA VAL B 128 -4.47 -11.63 -34.71
C VAL B 128 -3.59 -10.92 -33.69
N ALA B 129 -3.37 -9.61 -33.86
CA ALA B 129 -2.61 -8.87 -32.87
C ALA B 129 -3.33 -8.84 -31.54
N VAL B 130 -4.67 -8.72 -31.57
CA VAL B 130 -5.43 -8.54 -30.34
C VAL B 130 -5.44 -9.82 -29.49
N GLU B 131 -5.29 -10.98 -30.12
CA GLU B 131 -5.19 -12.21 -29.33
C GLU B 131 -3.83 -12.34 -28.68
N LYS B 132 -2.76 -12.28 -29.48
CA LYS B 132 -1.41 -12.29 -28.91
C LYS B 132 -1.26 -11.19 -27.86
N PHE B 133 -1.92 -10.06 -28.08
CA PHE B 133 -2.05 -9.04 -27.03
C PHE B 133 -2.83 -9.60 -25.84
N LYS B 134 -4.09 -9.97 -26.07
CA LYS B 134 -4.90 -10.55 -25.00
C LYS B 134 -4.24 -11.79 -24.42
N GLU B 135 -3.51 -12.54 -25.23
CA GLU B 135 -2.86 -13.77 -24.76
C GLU B 135 -1.86 -13.46 -23.64
N ALA B 136 -1.03 -12.45 -23.83
CA ALA B 136 0.07 -12.19 -22.91
C ALA B 136 -0.39 -11.61 -21.58
N PHE B 137 -1.63 -11.16 -21.46
CA PHE B 137 -2.15 -10.58 -20.23
C PHE B 137 -2.87 -11.57 -19.36
N LYS B 138 -3.63 -12.50 -19.96
CA LYS B 138 -4.45 -13.46 -19.21
C LYS B 138 -3.76 -14.06 -17.98
N PRO B 139 -2.55 -14.60 -18.07
CA PRO B 139 -1.90 -15.18 -16.89
C PRO B 139 -1.30 -14.15 -15.94
N GLU B 140 -1.58 -12.87 -16.12
CA GLU B 140 -0.99 -11.81 -15.31
C GLU B 140 -2.05 -11.11 -14.47
N THR B 141 -1.68 -10.77 -13.24
CA THR B 141 -2.50 -9.94 -12.37
C THR B 141 -1.62 -8.84 -11.78
N PHE B 142 -2.09 -7.59 -11.86
CA PHE B 142 -1.28 -6.44 -11.46
C PHE B 142 -1.84 -5.83 -10.18
N PRO B 143 -1.25 -6.11 -9.03
CA PRO B 143 -1.68 -5.44 -7.80
C PRO B 143 -1.29 -3.98 -7.82
N PRO B 144 -1.68 -3.20 -6.81
CA PRO B 144 -1.24 -1.80 -6.73
C PRO B 144 0.28 -1.71 -6.69
N GLY B 145 0.85 -1.10 -7.73
CA GLY B 145 2.29 -0.94 -7.85
C GLY B 145 2.88 -1.60 -9.08
N ALA B 146 2.30 -2.73 -9.49
CA ALA B 146 2.79 -3.43 -10.68
C ALA B 146 2.62 -2.55 -11.91
N SER B 147 3.46 -2.80 -12.91
CA SER B 147 3.50 -1.96 -14.11
C SER B 147 3.46 -2.81 -15.37
N ILE B 148 2.70 -2.34 -16.36
CA ILE B 148 2.76 -2.85 -17.72
C ILE B 148 3.65 -1.91 -18.53
N LEU B 149 4.62 -2.48 -19.24
CA LEU B 149 5.61 -1.69 -19.96
C LEU B 149 5.48 -1.97 -21.46
N PHE B 150 5.04 -0.96 -22.20
CA PHE B 150 4.92 -1.04 -23.65
C PHE B 150 6.05 -0.26 -24.30
N THR B 151 6.73 -0.90 -25.25
CA THR B 151 7.67 -0.22 -26.13
C THR B 151 7.06 -0.16 -27.52
N HIS B 152 6.82 1.05 -28.01
CA HIS B 152 6.27 1.28 -29.34
C HIS B 152 7.42 1.61 -30.28
N SER B 153 7.86 0.61 -31.05
CA SER B 153 8.95 0.82 -31.99
C SER B 153 8.54 1.82 -33.07
N SER B 154 9.55 2.42 -33.70
CA SER B 154 9.29 3.40 -34.75
C SER B 154 8.68 2.75 -35.99
N THR B 155 8.98 1.48 -36.23
CA THR B 155 8.38 0.78 -37.36
C THR B 155 6.99 0.25 -37.03
N GLY B 156 6.72 -0.08 -35.77
CA GLY B 156 5.41 -0.51 -35.36
C GLY B 156 5.38 -1.74 -34.47
N VAL B 157 6.55 -2.18 -34.02
CA VAL B 157 6.65 -3.37 -33.18
C VAL B 157 6.33 -2.98 -31.73
N LEU B 158 5.26 -3.55 -31.19
CA LEU B 158 4.86 -3.31 -29.81
C LEU B 158 5.38 -4.43 -28.92
N THR B 159 6.30 -4.10 -28.02
CA THR B 159 6.75 -5.02 -27.00
C THR B 159 5.89 -4.84 -25.75
N VAL B 160 5.56 -5.96 -25.10
CA VAL B 160 4.75 -5.95 -23.90
C VAL B 160 5.53 -6.65 -22.80
N ALA B 161 6.00 -5.89 -21.83
CA ALA B 161 6.69 -6.42 -20.67
C ALA B 161 5.89 -6.09 -19.41
N PHE B 162 6.30 -6.69 -18.29
CA PHE B 162 5.62 -6.47 -17.03
C PHE B 162 6.63 -6.38 -15.90
N SER B 163 6.26 -5.62 -14.87
CA SER B 163 7.09 -5.41 -13.70
C SER B 163 6.24 -5.51 -12.45
N LYS B 164 6.86 -5.93 -11.34
CA LYS B 164 6.14 -6.02 -10.09
C LYS B 164 6.04 -4.67 -9.39
N ASP B 165 6.99 -3.76 -9.65
CA ASP B 165 6.94 -2.42 -9.10
C ASP B 165 7.06 -1.39 -10.22
N SER B 166 7.55 -0.20 -9.91
CA SER B 166 7.72 0.84 -10.91
C SER B 166 8.93 0.62 -11.80
N SER B 167 9.82 -0.31 -11.44
CA SER B 167 11.05 -0.51 -12.20
C SER B 167 10.76 -1.17 -13.53
N VAL B 168 11.52 -0.78 -14.55
CA VAL B 168 11.43 -1.37 -15.88
C VAL B 168 12.52 -2.44 -15.99
N PRO B 169 12.17 -3.71 -16.21
CA PRO B 169 13.20 -4.76 -16.23
C PRO B 169 14.18 -4.61 -17.37
N ALA B 170 15.14 -5.53 -17.45
CA ALA B 170 16.13 -5.52 -18.51
C ALA B 170 15.74 -6.39 -19.69
N SER B 171 15.19 -7.58 -19.41
CA SER B 171 14.77 -8.49 -20.47
C SER B 171 13.37 -8.12 -20.96
N GLY B 172 13.23 -8.03 -22.28
CA GLY B 172 11.94 -7.68 -22.86
C GLY B 172 10.93 -8.80 -22.71
N GLY B 173 9.68 -8.46 -22.98
CA GLY B 173 8.59 -9.41 -22.88
C GLY B 173 8.18 -10.00 -24.21
N VAL B 174 6.90 -9.81 -24.57
CA VAL B 174 6.37 -10.31 -25.84
C VAL B 174 6.38 -9.16 -26.84
N ALA B 175 6.44 -9.52 -28.13
CA ALA B 175 6.45 -8.54 -29.20
C ALA B 175 5.32 -8.84 -30.19
N ILE B 176 4.65 -7.78 -30.64
CA ILE B 176 3.57 -7.89 -31.61
C ILE B 176 3.87 -6.92 -32.74
N GLU B 177 4.09 -7.45 -33.95
CA GLU B 177 4.45 -6.62 -35.10
C GLU B 177 3.17 -6.23 -35.83
N ASN B 178 2.59 -5.10 -35.43
CA ASN B 178 1.36 -4.60 -36.04
C ASN B 178 1.30 -3.10 -35.77
N LYS B 179 1.57 -2.29 -36.79
CA LYS B 179 1.62 -0.85 -36.62
C LYS B 179 0.25 -0.27 -36.26
N HIS B 180 -0.78 -1.11 -36.23
CA HIS B 180 -2.10 -0.67 -35.79
C HIS B 180 -2.29 -0.88 -34.29
N LEU B 181 -2.15 -2.12 -33.82
CA LEU B 181 -2.22 -2.37 -32.38
C LEU B 181 -1.18 -1.54 -31.64
N CYS B 182 0.01 -1.38 -32.23
CA CYS B 182 1.05 -0.58 -31.59
C CYS B 182 0.59 0.86 -31.39
N GLU B 183 -0.02 1.45 -32.42
CA GLU B 183 -0.45 2.84 -32.33
C GLU B 183 -1.78 2.98 -31.59
N ALA B 184 -2.62 1.96 -31.62
CA ALA B 184 -3.88 2.01 -30.88
C ALA B 184 -3.63 2.10 -29.39
N VAL B 185 -2.79 1.20 -28.86
CA VAL B 185 -2.48 1.19 -27.43
C VAL B 185 -2.08 2.58 -26.96
N LEU B 186 -1.25 3.27 -27.75
CA LEU B 186 -0.87 4.64 -27.41
C LEU B 186 -2.02 5.61 -27.70
N GLU B 187 -2.62 5.50 -28.89
CA GLU B 187 -3.71 6.39 -29.26
C GLU B 187 -4.89 6.30 -28.30
N SER B 188 -4.95 5.25 -27.48
CA SER B 188 -5.98 5.11 -26.46
C SER B 188 -5.57 5.73 -25.13
N ILE B 189 -4.36 6.24 -25.02
CA ILE B 189 -3.88 6.91 -23.82
C ILE B 189 -3.81 8.42 -24.02
N ILE B 190 -3.15 8.86 -25.08
CA ILE B 190 -2.94 10.28 -25.34
C ILE B 190 -3.56 10.72 -26.66
N GLY B 191 -4.51 9.94 -27.17
CA GLY B 191 -5.23 10.32 -28.37
C GLY B 191 -6.35 11.28 -28.07
N GLU B 192 -7.18 11.52 -29.09
CA GLU B 192 -8.32 12.43 -28.92
C GLU B 192 -9.28 11.89 -27.87
N HIS B 193 -9.74 10.65 -28.04
CA HIS B 193 -10.59 9.99 -27.06
C HIS B 193 -9.78 9.19 -26.04
N GLY B 194 -8.68 9.78 -25.55
CA GLY B 194 -7.74 9.03 -24.74
C GLY B 194 -8.16 8.90 -23.29
N VAL B 195 -7.68 7.82 -22.65
CA VAL B 195 -8.08 7.46 -21.30
C VAL B 195 -7.33 8.27 -20.26
N SER B 196 -6.59 9.29 -20.71
CA SER B 196 -5.80 10.10 -19.79
C SER B 196 -5.53 11.48 -20.37
N PRO B 197 -6.47 12.43 -20.22
CA PRO B 197 -6.17 13.81 -20.58
C PRO B 197 -5.25 14.49 -19.59
N ALA B 198 -5.09 13.93 -18.39
CA ALA B 198 -4.05 14.41 -17.48
C ALA B 198 -2.67 14.13 -18.06
N ALA B 199 -2.49 12.97 -18.68
CA ALA B 199 -1.25 12.69 -19.39
C ALA B 199 -1.07 13.65 -20.57
N LYS B 200 -2.12 13.83 -21.36
CA LYS B 200 -2.05 14.75 -22.49
C LYS B 200 -1.57 16.12 -22.06
N LEU B 201 -2.15 16.64 -20.97
CA LEU B 201 -1.77 17.98 -20.50
C LEU B 201 -0.31 18.02 -20.08
N SER B 202 0.15 17.01 -19.35
CA SER B 202 1.57 16.92 -19.02
C SER B 202 2.43 16.96 -20.28
N LEU B 203 2.12 16.09 -21.23
CA LEU B 203 2.92 15.99 -22.46
C LEU B 203 3.00 17.34 -23.16
N ALA B 204 1.86 18.03 -23.31
CA ALA B 204 1.86 19.30 -24.02
C ALA B 204 2.64 20.37 -23.26
N ALA B 205 2.57 20.36 -21.93
CA ALA B 205 3.26 21.37 -21.15
C ALA B 205 4.78 21.21 -21.22
N ARG B 206 5.25 19.96 -21.21
CA ARG B 206 6.68 19.68 -21.14
C ARG B 206 7.34 19.69 -22.52
N VAL B 207 6.69 19.09 -23.52
CA VAL B 207 7.23 19.12 -24.87
C VAL B 207 7.31 20.55 -25.40
N SER B 208 6.55 21.48 -24.80
CA SER B 208 6.61 22.87 -25.22
C SER B 208 7.83 23.58 -24.64
N GLU B 209 8.12 23.36 -23.34
CA GLU B 209 9.32 23.92 -22.75
C GLU B 209 10.55 23.14 -23.24
N LEU B 210 10.42 22.52 -24.40
CA LEU B 210 11.50 21.78 -25.05
C LEU B 210 11.64 22.23 -26.49
N LEU B 211 10.53 22.24 -27.23
CA LEU B 211 10.50 22.75 -28.59
C LEU B 211 10.66 24.26 -28.59
N THR B 212 11.66 24.76 -27.87
CA THR B 212 11.87 26.19 -27.71
C THR B 212 13.35 26.53 -27.85
N VAL C 3 39.36 28.38 -7.25
CA VAL C 3 38.16 27.60 -6.99
C VAL C 3 37.68 26.93 -8.27
N PRO C 4 37.02 25.78 -8.13
CA PRO C 4 36.45 25.10 -9.29
C PRO C 4 35.03 25.57 -9.58
N GLU C 5 34.58 25.24 -10.79
CA GLU C 5 33.22 25.57 -11.19
C GLU C 5 32.23 24.68 -10.45
N VAL C 6 30.95 25.04 -10.55
CA VAL C 6 29.87 24.29 -9.93
C VAL C 6 28.73 24.19 -10.93
N VAL C 7 28.33 22.97 -11.28
CA VAL C 7 27.18 22.71 -12.12
C VAL C 7 26.04 22.25 -11.22
N VAL C 8 24.92 22.97 -11.27
CA VAL C 8 23.77 22.68 -10.43
C VAL C 8 22.58 22.45 -11.36
N GLU C 9 22.19 21.18 -11.51
CA GLU C 9 21.06 20.80 -12.35
C GLU C 9 21.26 21.26 -13.79
N GLY C 10 22.49 21.11 -14.30
CA GLY C 10 22.82 21.50 -15.65
C GLY C 10 23.22 22.95 -15.80
N VAL C 11 22.90 23.81 -14.83
CA VAL C 11 23.33 25.20 -14.88
C VAL C 11 24.79 25.27 -14.45
N VAL C 12 25.62 25.90 -15.27
CA VAL C 12 27.07 25.91 -15.08
C VAL C 12 27.46 27.26 -14.48
N PHE C 13 27.80 27.26 -13.20
CA PHE C 13 28.24 28.47 -12.50
C PHE C 13 29.76 28.54 -12.57
N PRO C 14 30.34 29.46 -13.33
CA PRO C 14 31.81 29.50 -13.46
C PRO C 14 32.46 29.84 -12.13
N PRO C 15 33.78 29.69 -12.02
CA PRO C 15 34.45 30.02 -10.75
C PRO C 15 34.65 31.52 -10.54
N VAL C 16 34.50 32.33 -11.58
CA VAL C 16 34.67 33.77 -11.47
C VAL C 16 33.61 34.46 -12.31
N ALA C 17 33.19 35.62 -11.83
CA ALA C 17 32.21 36.42 -12.58
C ALA C 17 32.37 37.88 -12.16
N ARG C 18 32.06 38.79 -13.07
CA ARG C 18 32.14 40.23 -12.78
C ARG C 18 30.72 40.80 -12.87
N PRO C 19 30.11 41.21 -11.75
CA PRO C 19 28.76 41.74 -11.74
C PRO C 19 28.39 42.68 -12.89
N PRO C 20 27.10 42.79 -13.27
CA PRO C 20 26.68 43.72 -14.31
C PRO C 20 27.38 45.01 -13.93
N GLY C 21 28.50 45.28 -14.56
CA GLY C 21 29.32 46.43 -14.15
C GLY C 21 30.53 45.87 -13.42
N SER C 22 30.83 46.37 -12.22
CA SER C 22 31.96 45.87 -11.41
C SER C 22 33.16 45.40 -12.23
N ALA C 23 34.04 44.60 -11.64
CA ALA C 23 35.29 44.12 -12.28
C ALA C 23 36.17 43.69 -11.13
N GLY C 24 35.72 43.96 -9.90
CA GLY C 24 36.51 43.62 -8.70
C GLY C 24 36.77 42.13 -8.62
N SER C 25 36.45 41.38 -9.68
CA SER C 25 36.63 39.92 -9.74
C SER C 25 35.98 39.22 -8.56
N HIS C 26 34.92 38.50 -8.84
CA HIS C 26 34.25 37.68 -7.83
C HIS C 26 34.45 36.20 -8.12
N PHE C 27 34.57 35.42 -7.05
CA PHE C 27 34.72 33.98 -7.13
C PHE C 27 33.44 33.29 -6.67
N LEU C 28 33.25 32.07 -7.15
CA LEU C 28 32.07 31.29 -6.78
C LEU C 28 32.17 30.88 -5.31
N GLY C 29 31.32 31.47 -4.47
CA GLY C 29 31.28 31.08 -3.08
C GLY C 29 30.52 29.80 -2.81
N GLY C 30 29.67 29.38 -3.74
CA GLY C 30 28.87 28.18 -3.60
C GLY C 30 27.60 28.33 -4.41
N ALA C 31 27.09 27.20 -4.88
CA ALA C 31 25.88 27.17 -5.69
C ALA C 31 25.09 25.91 -5.36
N GLY C 32 23.77 26.04 -5.35
CA GLY C 32 22.90 24.92 -5.04
C GLY C 32 21.57 25.04 -5.75
N VAL C 33 20.71 24.06 -5.52
CA VAL C 33 19.38 24.03 -6.10
C VAL C 33 18.40 24.66 -5.12
N ARG C 34 17.30 25.19 -5.65
CA ARG C 34 16.25 25.78 -4.85
C ARG C 34 14.92 25.18 -5.29
N GLY C 35 14.30 24.41 -4.39
CA GLY C 35 13.04 23.75 -4.71
C GLY C 35 12.04 23.92 -3.57
N ILE C 36 10.79 23.55 -3.87
CA ILE C 36 9.71 23.57 -2.90
C ILE C 36 9.06 22.20 -2.89
N GLU C 37 8.44 21.85 -1.76
CA GLU C 37 7.74 20.58 -1.60
C GLU C 37 6.26 20.82 -1.84
N ILE C 38 5.89 20.92 -3.11
CA ILE C 38 4.50 21.07 -3.51
C ILE C 38 3.88 19.70 -3.63
N GLY C 39 2.71 19.53 -3.01
CA GLY C 39 2.15 18.19 -2.90
C GLY C 39 2.98 17.37 -1.94
N GLY C 40 3.30 16.14 -2.33
CA GLY C 40 4.15 15.27 -1.54
C GLY C 40 5.55 15.09 -2.07
N ASN C 41 5.96 15.83 -3.08
CA ASN C 41 7.24 15.63 -3.73
C ASN C 41 8.01 16.95 -3.82
N PHE C 42 9.33 16.82 -3.93
CA PHE C 42 10.20 17.96 -4.11
C PHE C 42 10.21 18.39 -5.58
N ILE C 43 9.89 19.65 -5.83
CA ILE C 43 9.99 20.24 -7.16
C ILE C 43 11.17 21.19 -7.17
N LYS C 44 12.00 21.09 -8.20
CA LYS C 44 13.21 21.90 -8.33
C LYS C 44 12.94 23.04 -9.31
N PHE C 45 13.03 24.28 -8.83
CA PHE C 45 12.61 25.45 -9.59
C PHE C 45 13.78 26.22 -10.20
N THR C 46 14.78 26.57 -9.40
CA THR C 46 15.89 27.39 -9.88
C THR C 46 17.20 26.90 -9.28
N ALA C 47 18.30 27.46 -9.80
CA ALA C 47 19.64 27.17 -9.30
C ALA C 47 20.32 28.50 -8.98
N ILE C 48 20.74 28.66 -7.73
CA ILE C 48 21.27 29.91 -7.23
C ILE C 48 22.79 29.83 -7.16
N GLY C 49 23.46 30.92 -7.56
CA GLY C 49 24.90 31.04 -7.43
C GLY C 49 25.27 32.29 -6.67
N VAL C 50 25.99 32.13 -5.56
CA VAL C 50 26.37 33.24 -4.70
C VAL C 50 27.85 33.51 -4.89
N TYR C 51 28.17 34.61 -5.58
CA TYR C 51 29.53 35.03 -5.82
C TYR C 51 29.92 36.12 -4.82
N LEU C 52 31.20 36.15 -4.47
CA LEU C 52 31.76 37.18 -3.59
C LEU C 52 32.98 37.80 -4.24
N GLU C 53 33.26 39.04 -3.86
CA GLU C 53 34.43 39.74 -4.37
C GLU C 53 35.68 39.25 -3.65
N ASP C 54 36.77 39.09 -4.41
CA ASP C 54 38.03 38.57 -3.89
C ASP C 54 38.36 39.18 -2.53
N ALA C 55 38.14 40.50 -2.39
CA ALA C 55 38.47 41.20 -1.16
C ALA C 55 37.70 40.65 0.03
N ALA C 56 36.80 39.70 -0.21
CA ALA C 56 35.95 39.16 0.85
C ALA C 56 36.65 38.09 1.69
N VAL C 57 37.70 37.46 1.16
CA VAL C 57 38.38 36.41 1.93
C VAL C 57 39.17 37.02 3.08
N SER C 58 39.69 38.23 2.90
CA SER C 58 40.42 38.89 3.98
C SER C 58 39.53 39.07 5.22
N ALA C 59 38.34 39.61 5.03
CA ALA C 59 37.45 39.84 6.17
C ALA C 59 36.94 38.53 6.74
N LEU C 60 36.37 37.67 5.91
CA LEU C 60 35.73 36.46 6.39
C LEU C 60 36.72 35.50 7.06
N ALA C 61 38.02 35.68 6.84
CA ALA C 61 39.01 34.78 7.42
C ALA C 61 39.32 35.11 8.88
N LYS C 62 38.97 36.31 9.34
CA LYS C 62 39.34 36.72 10.69
C LYS C 62 38.64 35.87 11.74
N LYS C 63 37.34 35.60 11.55
CA LYS C 63 36.58 34.81 12.51
C LYS C 63 36.52 33.33 12.18
N TRP C 64 36.69 32.94 10.91
CA TRP C 64 36.41 31.58 10.48
C TRP C 64 37.59 30.87 9.85
N ALA C 65 38.73 31.53 9.65
CA ALA C 65 39.89 30.86 9.09
C ALA C 65 40.20 29.59 9.88
N GLY C 66 40.67 28.57 9.17
CA GLY C 66 40.91 27.30 9.83
C GLY C 66 39.65 26.67 10.40
N LYS C 67 38.54 26.78 9.67
CA LYS C 67 37.30 26.12 10.02
C LYS C 67 36.93 25.13 8.92
N THR C 68 36.36 23.99 9.32
CA THR C 68 36.00 22.96 8.36
C THR C 68 34.59 23.21 7.80
N ALA C 69 34.31 22.55 6.68
CA ALA C 69 33.02 22.74 6.02
C ALA C 69 31.86 22.43 6.97
N ASP C 70 32.03 21.43 7.84
CA ASP C 70 31.00 21.12 8.82
C ASP C 70 30.77 22.29 9.76
N GLU C 71 31.85 22.87 10.29
CA GLU C 71 31.73 23.91 11.30
C GLU C 71 31.14 25.19 10.72
N LEU C 72 31.68 25.65 9.60
CA LEU C 72 31.12 26.83 8.94
C LEU C 72 29.65 26.62 8.59
N ALA C 73 29.32 25.44 8.06
CA ALA C 73 27.96 25.12 7.67
C ALA C 73 27.05 24.82 8.85
N SER C 74 27.58 24.80 10.08
CA SER C 74 26.77 24.59 11.27
C SER C 74 26.61 25.85 12.11
N ASP C 75 27.51 26.83 11.96
CA ASP C 75 27.48 28.06 12.75
C ASP C 75 26.49 29.03 12.12
N ALA C 76 25.35 29.23 12.76
CA ALA C 76 24.34 30.16 12.23
C ALA C 76 24.92 31.56 12.02
N ALA C 77 26.02 31.90 12.70
CA ALA C 77 26.58 33.23 12.58
C ALA C 77 27.35 33.40 11.28
N PHE C 78 28.04 32.35 10.82
CA PHE C 78 28.89 32.48 9.63
C PHE C 78 28.10 32.98 8.44
N PHE C 79 26.98 32.32 8.13
CA PHE C 79 26.18 32.73 6.98
C PHE C 79 25.65 34.15 7.14
N ARG C 80 25.36 34.55 8.39
CA ARG C 80 25.03 35.95 8.64
C ARG C 80 26.25 36.86 8.47
N ASP C 81 27.46 36.29 8.57
CA ASP C 81 28.67 37.07 8.31
C ASP C 81 28.89 37.30 6.82
N VAL C 82 28.50 36.35 5.98
CA VAL C 82 28.56 36.55 4.54
C VAL C 82 27.49 37.54 4.11
N VAL C 83 26.27 37.36 4.62
CA VAL C 83 25.15 38.20 4.21
C VAL C 83 25.46 39.67 4.46
N THR C 84 25.92 39.99 5.66
CA THR C 84 26.19 41.37 6.05
C THR C 84 27.65 41.76 5.89
N GLY C 85 28.41 40.99 5.12
CA GLY C 85 29.82 41.27 4.98
C GLY C 85 30.08 42.66 4.43
N ASP C 86 31.21 43.24 4.85
CA ASP C 86 31.65 44.53 4.35
C ASP C 86 32.40 44.35 3.02
N PHE C 87 31.70 43.76 2.07
CA PHE C 87 32.21 43.52 0.73
C PHE C 87 31.02 43.41 -0.22
N GLU C 88 31.30 42.99 -1.46
CA GLU C 88 30.28 42.93 -2.50
C GLU C 88 29.89 41.47 -2.75
N LYS C 89 28.60 41.18 -2.64
CA LYS C 89 28.06 39.86 -2.92
C LYS C 89 27.31 39.89 -4.25
N PHE C 90 27.55 38.88 -5.08
CA PHE C 90 26.86 38.75 -6.36
C PHE C 90 26.11 37.42 -6.38
N THR C 91 24.80 37.49 -6.60
CA THR C 91 23.95 36.32 -6.70
C THR C 91 23.33 36.26 -8.09
N ARG C 92 23.27 35.05 -8.65
CA ARG C 92 22.57 34.83 -9.92
C ARG C 92 21.61 33.67 -9.76
N VAL C 93 20.36 33.88 -10.14
CA VAL C 93 19.29 32.91 -9.98
C VAL C 93 18.91 32.43 -11.37
N THR C 94 19.41 31.25 -11.76
CA THR C 94 19.08 30.66 -13.05
C THR C 94 17.89 29.73 -12.89
N MET C 95 16.90 29.87 -13.76
CA MET C 95 15.63 29.18 -13.60
C MET C 95 15.71 27.77 -14.17
N LEU C 96 15.33 26.79 -13.33
CA LEU C 96 15.18 25.42 -13.80
C LEU C 96 13.81 25.21 -14.44
N LEU C 97 12.77 25.73 -13.82
CA LEU C 97 11.42 25.69 -14.32
C LEU C 97 10.94 27.08 -14.69
N PRO C 98 9.96 27.20 -15.59
CA PRO C 98 9.49 28.54 -16.00
C PRO C 98 8.88 29.29 -14.83
N LEU C 99 9.27 30.56 -14.69
CA LEU C 99 8.75 31.45 -13.68
C LEU C 99 8.60 32.84 -14.29
N THR C 100 7.59 33.58 -13.84
CA THR C 100 7.37 34.94 -14.32
C THR C 100 7.88 35.95 -13.29
N GLY C 101 8.41 37.06 -13.77
CA GLY C 101 8.84 38.12 -12.88
C GLY C 101 7.75 38.50 -11.89
N GLU C 102 6.49 38.47 -12.35
CA GLU C 102 5.36 38.70 -11.44
C GLU C 102 5.47 37.85 -10.18
N GLN C 103 5.86 36.58 -10.34
CA GLN C 103 5.73 35.62 -9.25
C GLN C 103 7.05 35.31 -8.54
N TYR C 104 8.20 35.56 -9.16
CA TYR C 104 9.44 35.51 -8.39
C TYR C 104 9.50 36.63 -7.37
N ALA C 105 9.24 37.86 -7.83
CA ALA C 105 9.24 39.01 -6.93
C ALA C 105 8.33 38.78 -5.73
N GLY C 106 7.18 38.16 -5.95
CA GLY C 106 6.23 37.96 -4.86
C GLY C 106 6.82 37.11 -3.74
N LYS C 107 7.35 35.94 -4.09
CA LYS C 107 7.85 35.03 -3.07
C LYS C 107 9.02 35.63 -2.30
N VAL C 108 9.84 36.44 -2.95
CA VAL C 108 10.98 37.06 -2.28
C VAL C 108 10.50 38.18 -1.36
N THR C 109 9.83 39.19 -1.93
CA THR C 109 9.39 40.35 -1.16
C THR C 109 8.63 39.92 0.08
N GLU C 110 7.69 38.98 -0.08
CA GLU C 110 6.82 38.60 1.04
C GLU C 110 7.62 38.01 2.19
N ASN C 111 8.49 37.03 1.89
CA ASN C 111 9.32 36.44 2.93
C ASN C 111 10.00 37.51 3.77
N CYS C 112 10.83 38.35 3.13
CA CYS C 112 11.50 39.43 3.85
C CYS C 112 10.51 40.24 4.68
N VAL C 113 9.43 40.69 4.05
CA VAL C 113 8.37 41.43 4.72
C VAL C 113 8.04 40.74 6.04
N ALA C 114 7.74 39.44 5.98
CA ALA C 114 7.49 38.68 7.20
C ALA C 114 8.67 38.78 8.16
N PHE C 115 9.84 38.31 7.74
CA PHE C 115 11.06 38.45 8.53
C PHE C 115 11.14 39.83 9.15
N TRP C 116 10.97 40.87 8.33
CA TRP C 116 11.02 42.24 8.85
C TRP C 116 9.95 42.46 9.92
N LYS C 117 8.77 41.87 9.74
CA LYS C 117 7.71 42.02 10.73
C LYS C 117 8.00 41.20 11.99
N ALA C 118 8.53 39.99 11.83
CA ALA C 118 8.82 39.11 12.94
C ALA C 118 10.09 39.51 13.71
N VAL C 119 10.65 40.69 13.42
CA VAL C 119 11.82 41.17 14.14
C VAL C 119 11.67 42.66 14.39
N GLY C 120 10.44 43.17 14.25
CA GLY C 120 10.18 44.57 14.47
C GLY C 120 11.10 45.48 13.69
N LEU C 121 10.96 45.49 12.37
CA LEU C 121 11.85 46.30 11.55
C LEU C 121 11.20 46.77 10.25
N TYR C 122 9.87 46.66 10.11
CA TYR C 122 9.19 47.00 8.87
C TYR C 122 8.90 48.49 8.85
N THR C 123 9.87 49.27 8.36
CA THR C 123 9.71 50.70 8.22
C THR C 123 9.07 51.03 6.86
N ASP C 124 8.93 52.32 6.59
CA ASP C 124 8.47 52.74 5.27
C ASP C 124 9.52 52.45 4.21
N ALA C 125 10.80 52.56 4.56
CA ALA C 125 11.87 52.26 3.60
C ALA C 125 11.76 50.84 3.10
N GLU C 126 11.60 49.87 4.00
CA GLU C 126 11.49 48.48 3.58
C GLU C 126 10.31 48.27 2.64
N GLY C 127 9.30 49.13 2.73
CA GLY C 127 8.16 49.06 1.82
C GLY C 127 8.39 49.80 0.52
N VAL C 128 9.07 50.95 0.61
CA VAL C 128 9.36 51.70 -0.61
C VAL C 128 10.35 50.95 -1.49
N ALA C 129 11.24 50.16 -0.88
CA ALA C 129 12.17 49.36 -1.67
C ALA C 129 11.49 48.12 -2.23
N VAL C 130 10.60 47.49 -1.44
CA VAL C 130 9.89 46.31 -1.91
C VAL C 130 8.97 46.64 -3.09
N GLU C 131 8.60 47.90 -3.26
CA GLU C 131 7.80 48.29 -4.42
C GLU C 131 8.67 48.50 -5.65
N LYS C 132 9.81 49.19 -5.50
CA LYS C 132 10.76 49.27 -6.59
C LYS C 132 11.25 47.89 -7.01
N PHE C 133 11.38 46.98 -6.04
CA PHE C 133 11.72 45.60 -6.35
C PHE C 133 10.63 44.94 -7.19
N LYS C 134 9.41 44.89 -6.64
CA LYS C 134 8.30 44.28 -7.36
C LYS C 134 8.07 44.91 -8.72
N GLU C 135 8.49 46.16 -8.91
CA GLU C 135 8.24 46.85 -10.18
C GLU C 135 9.23 46.42 -11.25
N ALA C 136 10.50 46.25 -10.90
CA ALA C 136 11.48 45.80 -11.88
C ALA C 136 11.19 44.39 -12.39
N PHE C 137 10.48 43.58 -11.61
CA PHE C 137 10.17 42.21 -12.01
C PHE C 137 8.81 42.10 -12.71
N LYS C 138 7.86 42.95 -12.36
CA LYS C 138 6.49 42.94 -12.85
C LYS C 138 6.41 42.70 -14.37
N PRO C 139 7.23 43.36 -15.17
CA PRO C 139 7.12 43.23 -16.64
C PRO C 139 7.94 42.12 -17.26
N GLU C 140 8.49 41.18 -16.49
CA GLU C 140 9.42 40.20 -17.01
C GLU C 140 8.95 38.78 -16.74
N THR C 141 9.32 37.89 -17.66
CA THR C 141 9.09 36.45 -17.52
C THR C 141 10.41 35.74 -17.74
N PHE C 142 10.63 34.66 -16.98
CA PHE C 142 11.90 33.92 -17.03
C PHE C 142 11.66 32.48 -17.41
N PRO C 143 11.86 32.11 -18.67
CA PRO C 143 11.83 30.69 -19.03
C PRO C 143 13.05 29.98 -18.49
N PRO C 144 13.14 28.66 -18.62
CA PRO C 144 14.31 27.94 -18.12
C PRO C 144 15.58 28.47 -18.77
N GLY C 145 16.65 28.52 -17.99
CA GLY C 145 17.92 29.07 -18.43
C GLY C 145 18.12 30.53 -18.10
N ALA C 146 17.06 31.33 -18.25
CA ALA C 146 17.12 32.75 -17.93
C ALA C 146 17.65 32.96 -16.51
N SER C 147 18.19 34.14 -16.23
CA SER C 147 18.84 34.37 -14.95
C SER C 147 18.40 35.71 -14.36
N ILE C 148 18.29 35.74 -13.04
CA ILE C 148 18.05 36.95 -12.27
C ILE C 148 19.36 37.30 -11.59
N LEU C 149 19.89 38.49 -11.89
CA LEU C 149 21.24 38.86 -11.49
C LEU C 149 21.20 39.89 -10.37
N PHE C 150 21.40 39.42 -9.15
CA PHE C 150 21.43 40.27 -7.96
C PHE C 150 22.86 40.74 -7.69
N THR C 151 23.00 42.01 -7.34
CA THR C 151 24.28 42.57 -6.93
C THR C 151 24.09 43.23 -5.57
N HIS C 152 24.77 42.71 -4.55
CA HIS C 152 24.71 43.23 -3.20
C HIS C 152 25.99 43.99 -2.89
N SER C 153 25.86 45.29 -2.64
CA SER C 153 27.00 46.14 -2.38
C SER C 153 27.36 46.11 -0.89
N SER C 154 28.56 46.61 -0.59
CA SER C 154 28.97 46.73 0.82
C SER C 154 28.10 47.74 1.56
N THR C 155 27.68 48.80 0.88
CA THR C 155 26.86 49.83 1.50
C THR C 155 25.38 49.51 1.51
N GLY C 156 24.96 48.41 0.89
CA GLY C 156 23.59 47.97 0.95
C GLY C 156 22.73 48.27 -0.27
N VAL C 157 23.33 48.65 -1.39
CA VAL C 157 22.58 48.97 -2.60
C VAL C 157 22.46 47.71 -3.44
N LEU C 158 21.24 47.18 -3.53
CA LEU C 158 20.95 45.98 -4.31
C LEU C 158 20.62 46.36 -5.74
N THR C 159 21.43 45.92 -6.69
CA THR C 159 21.19 46.15 -8.11
C THR C 159 20.56 44.92 -8.73
N VAL C 160 19.43 45.10 -9.42
CA VAL C 160 18.68 44.02 -10.03
C VAL C 160 18.82 44.14 -11.54
N ALA C 161 19.30 43.08 -12.17
CA ALA C 161 19.43 43.02 -13.62
C ALA C 161 19.06 41.61 -14.09
N PHE C 162 18.68 41.52 -15.37
CA PHE C 162 18.17 40.27 -15.92
C PHE C 162 19.00 39.84 -17.12
N SER C 163 18.97 38.54 -17.40
CA SER C 163 19.72 37.95 -18.49
C SER C 163 18.91 36.83 -19.14
N LYS C 164 19.13 36.64 -20.44
CA LYS C 164 18.35 35.64 -21.18
C LYS C 164 18.82 34.22 -20.88
N ASP C 165 20.12 33.96 -20.96
CA ASP C 165 20.70 32.69 -20.59
C ASP C 165 21.49 32.87 -19.29
N SER C 166 22.53 32.07 -19.09
CA SER C 166 23.37 32.19 -17.91
C SER C 166 24.34 33.37 -18.00
N SER C 167 24.52 33.95 -19.18
CA SER C 167 25.45 35.06 -19.34
C SER C 167 25.02 36.25 -18.48
N VAL C 168 25.97 36.83 -17.77
CA VAL C 168 25.75 38.04 -16.99
C VAL C 168 25.98 39.24 -17.91
N PRO C 169 24.96 40.04 -18.20
CA PRO C 169 25.17 41.18 -19.10
C PRO C 169 26.11 42.21 -18.49
N ALA C 170 26.66 43.05 -19.36
CA ALA C 170 27.63 44.04 -18.93
C ALA C 170 27.00 45.34 -18.48
N SER C 171 25.75 45.61 -18.88
CA SER C 171 25.06 46.84 -18.49
C SER C 171 24.17 46.59 -17.28
N GLY C 172 24.07 47.59 -16.42
CA GLY C 172 23.28 47.46 -15.22
C GLY C 172 21.79 47.50 -15.50
N GLY C 173 21.03 47.69 -14.43
CA GLY C 173 19.58 47.77 -14.53
C GLY C 173 18.97 48.70 -13.49
N VAL C 174 18.20 48.14 -12.57
CA VAL C 174 17.56 48.90 -11.51
C VAL C 174 18.41 48.76 -10.25
N ALA C 175 18.42 49.82 -9.44
CA ALA C 175 19.19 49.86 -8.21
C ALA C 175 18.31 50.37 -7.08
N ILE C 176 18.10 49.54 -6.06
CA ILE C 176 17.36 49.91 -4.86
C ILE C 176 18.37 50.26 -3.78
N GLU C 177 18.22 51.44 -3.18
CA GLU C 177 19.20 51.96 -2.23
C GLU C 177 18.76 51.73 -0.79
N ASN C 178 18.35 50.50 -0.48
CA ASN C 178 17.93 50.12 0.87
C ASN C 178 18.76 48.92 1.32
N LYS C 179 19.53 49.11 2.39
CA LYS C 179 20.42 48.05 2.86
C LYS C 179 19.65 46.88 3.47
N HIS C 180 18.43 47.10 3.96
CA HIS C 180 17.65 46.01 4.51
C HIS C 180 17.15 45.06 3.42
N LEU C 181 16.68 45.62 2.30
CA LEU C 181 16.28 44.77 1.18
C LEU C 181 17.48 44.06 0.57
N CYS C 182 18.59 44.78 0.41
CA CYS C 182 19.79 44.18 -0.16
C CYS C 182 20.19 42.91 0.58
N GLU C 183 20.12 42.93 1.92
CA GLU C 183 20.52 41.77 2.70
C GLU C 183 19.39 40.76 2.84
N ALA C 184 18.14 41.22 2.88
CA ALA C 184 17.03 40.29 3.02
C ALA C 184 16.88 39.39 1.79
N VAL C 185 17.26 39.89 0.61
CA VAL C 185 17.20 39.07 -0.60
C VAL C 185 18.24 37.95 -0.52
N LEU C 186 19.50 38.31 -0.26
CA LEU C 186 20.54 37.31 -0.14
C LEU C 186 20.34 36.44 1.10
N GLU C 187 19.76 37.00 2.16
CA GLU C 187 19.49 36.20 3.35
C GLU C 187 18.46 35.12 3.08
N SER C 188 17.43 35.43 2.28
CA SER C 188 16.41 34.44 1.97
C SER C 188 16.96 33.25 1.20
N ILE C 189 18.20 33.31 0.73
CA ILE C 189 18.83 32.20 0.03
C ILE C 189 19.72 31.38 0.96
N ILE C 190 20.66 32.03 1.64
CA ILE C 190 21.64 31.36 2.48
C ILE C 190 21.45 31.67 3.95
N GLY C 191 20.32 32.28 4.32
CA GLY C 191 20.09 32.67 5.70
C GLY C 191 19.94 31.50 6.65
N GLU C 192 19.35 31.75 7.82
CA GLU C 192 19.10 30.66 8.77
C GLU C 192 18.06 29.69 8.22
N HIS C 193 16.89 30.21 7.85
CA HIS C 193 15.82 29.42 7.23
C HIS C 193 15.82 29.58 5.72
N GLY C 194 16.99 29.52 5.08
CA GLY C 194 17.09 29.85 3.69
C GLY C 194 16.55 28.77 2.77
N VAL C 195 16.24 29.19 1.54
CA VAL C 195 15.60 28.30 0.58
C VAL C 195 16.58 27.31 -0.06
N SER C 196 17.88 27.62 -0.07
CA SER C 196 18.87 26.82 -0.78
C SER C 196 19.90 26.28 0.21
N PRO C 197 19.50 25.35 1.08
CA PRO C 197 20.49 24.70 1.95
C PRO C 197 21.53 23.92 1.18
N ALA C 198 21.27 23.60 -0.10
CA ALA C 198 22.32 23.06 -0.95
C ALA C 198 23.36 24.12 -1.28
N ALA C 199 22.95 25.39 -1.33
CA ALA C 199 23.90 26.48 -1.55
C ALA C 199 24.70 26.78 -0.29
N LYS C 200 24.01 26.89 0.86
CA LYS C 200 24.70 27.07 2.13
C LYS C 200 25.83 26.05 2.26
N LEU C 201 25.49 24.76 2.16
CA LEU C 201 26.49 23.71 2.27
C LEU C 201 27.64 23.92 1.30
N SER C 202 27.35 24.47 0.12
CA SER C 202 28.41 24.78 -0.84
C SER C 202 29.27 25.93 -0.35
N LEU C 203 28.63 27.04 0.04
CA LEU C 203 29.37 28.16 0.61
C LEU C 203 30.31 27.71 1.71
N ALA C 204 29.82 26.84 2.61
CA ALA C 204 30.63 26.37 3.72
C ALA C 204 31.88 25.65 3.22
N ALA C 205 31.68 24.53 2.52
CA ALA C 205 32.81 23.73 2.06
C ALA C 205 33.80 24.57 1.26
N ARG C 206 33.29 25.39 0.34
CA ARG C 206 34.17 26.21 -0.49
C ARG C 206 34.94 27.22 0.36
N VAL C 207 34.23 27.97 1.20
CA VAL C 207 34.88 28.95 2.05
C VAL C 207 35.87 28.28 3.00
N SER C 208 35.50 27.10 3.53
CA SER C 208 36.34 26.45 4.53
C SER C 208 37.66 25.94 3.96
N GLU C 209 37.76 25.78 2.64
CA GLU C 209 39.03 25.41 2.03
C GLU C 209 39.85 26.63 1.62
N LEU C 210 39.18 27.72 1.24
CA LEU C 210 39.90 28.94 0.90
C LEU C 210 40.41 29.68 2.12
N LEU C 211 39.86 29.40 3.31
CA LEU C 211 40.41 29.88 4.56
C LEU C 211 41.43 28.90 5.16
N THR C 212 42.04 28.07 4.32
CA THR C 212 43.14 27.21 4.74
C THR C 212 44.30 27.16 3.76
N LYS C 213 44.15 27.60 2.52
CA LYS C 213 45.28 27.70 1.60
C LYS C 213 46.24 28.79 2.05
N VAL D 3 -44.86 -7.28 10.53
CA VAL D 3 -43.63 -6.53 10.32
C VAL D 3 -43.92 -5.26 9.52
N PRO D 4 -42.97 -4.32 9.52
CA PRO D 4 -43.15 -3.08 8.77
C PRO D 4 -42.43 -3.09 7.43
N GLU D 5 -42.47 -1.97 6.71
CA GLU D 5 -41.58 -1.78 5.59
C GLU D 5 -40.23 -1.28 6.08
N VAL D 6 -39.24 -1.28 5.19
CA VAL D 6 -37.93 -0.72 5.49
C VAL D 6 -37.46 0.04 4.25
N VAL D 7 -37.28 1.34 4.39
CA VAL D 7 -36.77 2.18 3.30
C VAL D 7 -35.25 2.24 3.42
N VAL D 8 -34.56 1.93 2.33
CA VAL D 8 -33.10 1.87 2.32
C VAL D 8 -32.61 2.76 1.18
N GLU D 9 -32.04 3.91 1.53
CA GLU D 9 -31.49 4.86 0.54
C GLU D 9 -32.49 5.12 -0.59
N GLY D 10 -33.76 5.26 -0.22
CA GLY D 10 -34.81 5.60 -1.16
C GLY D 10 -35.60 4.42 -1.68
N VAL D 11 -35.02 3.22 -1.71
CA VAL D 11 -35.71 2.04 -2.20
C VAL D 11 -36.67 1.54 -1.12
N VAL D 12 -37.88 1.16 -1.55
CA VAL D 12 -38.96 0.80 -0.65
C VAL D 12 -39.12 -0.71 -0.69
N PHE D 13 -38.71 -1.37 0.39
CA PHE D 13 -38.91 -2.82 0.52
C PHE D 13 -40.15 -3.07 1.34
N PRO D 14 -41.21 -3.63 0.77
CA PRO D 14 -42.44 -3.86 1.55
C PRO D 14 -42.24 -4.95 2.59
N PRO D 15 -43.23 -5.17 3.46
CA PRO D 15 -43.07 -6.20 4.49
C PRO D 15 -43.34 -7.61 3.98
N VAL D 16 -44.04 -7.76 2.86
CA VAL D 16 -44.38 -9.07 2.31
C VAL D 16 -43.95 -9.09 0.85
N ALA D 17 -43.71 -10.31 0.35
CA ALA D 17 -43.29 -10.48 -1.03
C ALA D 17 -43.56 -11.90 -1.47
N ARG D 18 -44.14 -12.05 -2.66
CA ARG D 18 -44.36 -13.36 -3.25
C ARG D 18 -43.37 -13.53 -4.40
N PRO D 19 -42.36 -14.39 -4.26
CA PRO D 19 -41.32 -14.51 -5.29
C PRO D 19 -41.93 -14.74 -6.65
N PRO D 20 -41.17 -14.49 -7.74
CA PRO D 20 -41.72 -14.64 -9.09
C PRO D 20 -42.54 -15.90 -9.27
N GLY D 21 -43.83 -15.73 -9.50
CA GLY D 21 -44.76 -16.86 -9.62
C GLY D 21 -45.24 -17.43 -8.30
N SER D 22 -44.32 -17.73 -7.38
CA SER D 22 -44.69 -18.31 -6.11
C SER D 22 -45.71 -17.44 -5.38
N ALA D 23 -46.65 -18.10 -4.70
CA ALA D 23 -47.61 -17.43 -3.85
C ALA D 23 -47.40 -17.76 -2.38
N GLY D 24 -46.29 -18.40 -2.04
CA GLY D 24 -46.02 -18.83 -0.68
C GLY D 24 -46.00 -17.72 0.35
N SER D 25 -46.06 -16.46 -0.09
CA SER D 25 -46.04 -15.34 0.82
C SER D 25 -44.76 -15.32 1.65
N HIS D 26 -43.85 -14.41 1.31
CA HIS D 26 -42.60 -14.25 2.03
C HIS D 26 -42.61 -12.92 2.78
N PHE D 27 -41.96 -12.90 3.94
CA PHE D 27 -41.88 -11.70 4.76
C PHE D 27 -40.49 -11.10 4.67
N LEU D 28 -40.44 -9.77 4.74
CA LEU D 28 -39.16 -9.06 4.72
C LEU D 28 -38.47 -9.22 6.06
N GLY D 29 -37.26 -9.76 6.04
CA GLY D 29 -36.52 -10.01 7.27
C GLY D 29 -35.41 -9.01 7.51
N GLY D 30 -35.25 -8.04 6.62
CA GLY D 30 -34.23 -7.04 6.79
C GLY D 30 -33.64 -6.54 5.48
N ALA D 31 -33.58 -5.22 5.33
CA ALA D 31 -32.96 -4.58 4.18
C ALA D 31 -31.70 -3.85 4.64
N GLY D 32 -30.99 -3.26 3.67
CA GLY D 32 -29.78 -2.53 3.98
C GLY D 32 -28.97 -2.17 2.76
N VAL D 33 -28.18 -1.10 2.86
CA VAL D 33 -27.34 -0.67 1.74
C VAL D 33 -26.11 -1.56 1.64
N ARG D 34 -25.54 -1.61 0.44
CA ARG D 34 -24.28 -2.31 0.18
C ARG D 34 -23.38 -1.37 -0.61
N GLY D 35 -22.32 -0.86 0.04
CA GLY D 35 -21.38 0.02 -0.60
C GLY D 35 -19.97 -0.55 -0.53
N ILE D 36 -19.07 0.09 -1.26
CA ILE D 36 -17.68 -0.31 -1.30
C ILE D 36 -16.81 0.88 -0.93
N GLU D 37 -15.69 0.58 -0.24
CA GLU D 37 -14.76 1.61 0.23
C GLU D 37 -13.74 1.85 -0.87
N ILE D 38 -14.15 2.61 -1.88
CA ILE D 38 -13.34 2.86 -3.07
C ILE D 38 -12.70 4.24 -2.97
N GLY D 39 -11.45 4.33 -3.42
CA GLY D 39 -10.67 5.50 -3.11
C GLY D 39 -10.48 5.57 -1.61
N GLY D 40 -10.83 6.71 -1.03
CA GLY D 40 -10.77 6.86 0.40
C GLY D 40 -12.12 7.17 1.02
N ASN D 41 -13.20 6.85 0.30
CA ASN D 41 -14.54 7.14 0.78
C ASN D 41 -15.46 5.95 0.49
N PHE D 42 -16.64 6.01 1.09
CA PHE D 42 -17.67 5.00 0.91
C PHE D 42 -18.58 5.41 -0.25
N ILE D 43 -18.79 4.48 -1.18
CA ILE D 43 -19.74 4.68 -2.28
C ILE D 43 -20.83 3.63 -2.16
N LYS D 44 -22.08 4.07 -2.22
CA LYS D 44 -23.23 3.17 -2.15
C LYS D 44 -23.62 2.74 -3.56
N PHE D 45 -23.73 1.43 -3.77
CA PHE D 45 -24.05 0.89 -5.08
C PHE D 45 -25.42 0.24 -5.16
N THR D 46 -25.85 -0.49 -4.12
CA THR D 46 -27.16 -1.13 -4.15
C THR D 46 -27.75 -1.16 -2.75
N ALA D 47 -29.05 -0.90 -2.67
CA ALA D 47 -29.84 -1.15 -1.47
C ALA D 47 -30.59 -2.46 -1.65
N ILE D 48 -30.69 -3.23 -0.57
CA ILE D 48 -31.05 -4.64 -0.70
C ILE D 48 -31.85 -5.10 0.50
N GLY D 49 -32.80 -6.00 0.26
CA GLY D 49 -33.57 -6.63 1.30
C GLY D 49 -33.66 -8.14 1.12
N VAL D 50 -33.40 -8.89 2.18
CA VAL D 50 -33.50 -10.34 2.17
C VAL D 50 -34.88 -10.72 2.66
N TYR D 51 -35.54 -11.63 1.94
CA TYR D 51 -36.88 -12.07 2.29
C TYR D 51 -36.87 -13.53 2.74
N LEU D 52 -37.94 -13.91 3.44
CA LEU D 52 -38.03 -15.21 4.08
C LEU D 52 -39.48 -15.69 4.03
N GLU D 53 -39.66 -16.96 3.71
CA GLU D 53 -41.01 -17.53 3.72
C GLU D 53 -41.49 -17.69 5.15
N ASP D 54 -42.77 -17.39 5.38
CA ASP D 54 -43.29 -17.32 6.74
C ASP D 54 -42.97 -18.56 7.56
N ALA D 55 -42.83 -19.72 6.92
CA ALA D 55 -42.44 -20.92 7.64
C ALA D 55 -41.06 -20.80 8.28
N ALA D 56 -40.27 -19.80 7.88
CA ALA D 56 -38.91 -19.68 8.40
C ALA D 56 -38.90 -19.35 9.89
N VAL D 57 -39.93 -18.67 10.38
CA VAL D 57 -39.99 -18.25 11.77
C VAL D 57 -39.90 -19.46 12.69
N SER D 58 -40.95 -20.29 12.69
CA SER D 58 -41.01 -21.46 13.57
C SER D 58 -40.02 -22.53 13.14
N ALA D 59 -39.03 -22.15 12.34
CA ALA D 59 -37.89 -23.01 12.03
C ALA D 59 -36.59 -22.55 12.66
N LEU D 60 -36.42 -21.24 12.82
CA LEU D 60 -35.28 -20.67 13.52
C LEU D 60 -35.52 -20.55 15.02
N ALA D 61 -36.76 -20.74 15.48
CA ALA D 61 -37.10 -20.49 16.88
C ALA D 61 -36.57 -21.58 17.79
N LYS D 62 -36.37 -22.79 17.28
CA LYS D 62 -35.80 -23.85 18.11
C LYS D 62 -34.50 -23.39 18.76
N LYS D 63 -33.69 -22.62 18.02
CA LYS D 63 -32.38 -22.20 18.49
C LYS D 63 -32.27 -20.71 18.78
N TRP D 64 -33.15 -19.88 18.20
CA TRP D 64 -32.97 -18.43 18.23
C TRP D 64 -34.19 -17.70 18.78
N ALA D 65 -35.05 -18.36 19.55
CA ALA D 65 -36.17 -17.68 20.17
C ALA D 65 -35.72 -16.97 21.44
N GLY D 66 -36.28 -15.78 21.67
CA GLY D 66 -35.87 -15.00 22.83
C GLY D 66 -34.50 -14.38 22.72
N LYS D 67 -33.94 -14.32 21.51
CA LYS D 67 -32.68 -13.62 21.28
C LYS D 67 -32.96 -12.14 21.04
N THR D 68 -32.03 -11.30 21.50
CA THR D 68 -32.29 -9.86 21.58
C THR D 68 -32.11 -9.18 20.24
N ALA D 69 -30.89 -9.23 19.68
CA ALA D 69 -30.53 -8.54 18.45
C ALA D 69 -29.02 -8.40 18.42
N ASP D 70 -28.45 -7.73 19.43
CA ASP D 70 -27.01 -7.73 19.59
C ASP D 70 -26.47 -9.14 19.78
N GLU D 71 -27.27 -10.03 20.37
CA GLU D 71 -26.95 -11.45 20.35
C GLU D 71 -27.08 -11.99 18.94
N LEU D 72 -28.29 -11.92 18.37
CA LEU D 72 -28.54 -12.43 17.02
C LEU D 72 -27.53 -11.87 16.03
N ALA D 73 -27.19 -10.58 16.16
CA ALA D 73 -26.28 -9.92 15.24
C ALA D 73 -24.81 -10.21 15.54
N SER D 74 -24.52 -11.00 16.58
CA SER D 74 -23.14 -11.31 16.94
C SER D 74 -22.76 -12.76 16.70
N ASP D 75 -23.73 -13.67 16.64
CA ASP D 75 -23.47 -15.09 16.50
C ASP D 75 -23.39 -15.44 15.02
N ALA D 76 -22.18 -15.76 14.55
CA ALA D 76 -22.02 -16.13 13.15
C ALA D 76 -22.78 -17.39 12.79
N ALA D 77 -23.24 -18.16 13.78
CA ALA D 77 -24.03 -19.35 13.52
C ALA D 77 -25.51 -19.05 13.34
N PHE D 78 -26.00 -17.93 13.88
CA PHE D 78 -27.37 -17.53 13.58
C PHE D 78 -27.55 -17.25 12.10
N PHE D 79 -26.58 -16.56 11.50
CA PHE D 79 -26.71 -16.17 10.11
C PHE D 79 -26.47 -17.35 9.17
N ARG D 80 -25.66 -18.34 9.59
CA ARG D 80 -25.63 -19.60 8.87
C ARG D 80 -26.98 -20.31 8.95
N ASP D 81 -27.68 -20.17 10.08
CA ASP D 81 -29.00 -20.77 10.22
C ASP D 81 -30.05 -20.11 9.34
N VAL D 82 -29.74 -18.97 8.74
CA VAL D 82 -30.61 -18.34 7.75
C VAL D 82 -30.22 -18.72 6.34
N VAL D 83 -28.93 -18.56 6.01
CA VAL D 83 -28.43 -18.96 4.69
C VAL D 83 -28.59 -20.47 4.51
N THR D 84 -27.99 -21.25 5.40
CA THR D 84 -28.13 -22.72 5.37
C THR D 84 -29.45 -23.19 5.97
N GLY D 85 -30.52 -22.42 5.78
CA GLY D 85 -31.80 -22.80 6.34
C GLY D 85 -32.55 -23.76 5.46
N ASP D 86 -33.52 -24.44 6.07
CA ASP D 86 -34.39 -25.37 5.35
C ASP D 86 -35.73 -24.71 5.03
N PHE D 87 -35.65 -23.60 4.31
CA PHE D 87 -36.83 -22.87 3.88
C PHE D 87 -36.46 -22.03 2.67
N GLU D 88 -37.46 -21.35 2.10
CA GLU D 88 -37.23 -20.50 0.94
C GLU D 88 -36.81 -19.10 1.38
N LYS D 89 -35.88 -18.52 0.62
CA LYS D 89 -35.44 -17.15 0.82
C LYS D 89 -35.55 -16.42 -0.51
N PHE D 90 -35.69 -15.10 -0.45
CA PHE D 90 -35.88 -14.30 -1.66
C PHE D 90 -35.14 -12.98 -1.48
N THR D 91 -33.99 -12.86 -2.14
CA THR D 91 -33.16 -11.66 -2.08
C THR D 91 -33.47 -10.77 -3.27
N ARG D 92 -33.82 -9.52 -3.01
CA ARG D 92 -33.97 -8.50 -4.04
C ARG D 92 -32.85 -7.49 -3.91
N VAL D 93 -32.16 -7.23 -5.01
CA VAL D 93 -31.07 -6.26 -5.06
C VAL D 93 -31.48 -5.16 -6.03
N THR D 94 -31.69 -3.96 -5.50
CA THR D 94 -32.08 -2.80 -6.29
C THR D 94 -30.91 -1.83 -6.40
N MET D 95 -30.68 -1.32 -7.60
CA MET D 95 -29.48 -0.55 -7.90
C MET D 95 -29.65 0.90 -7.48
N LEU D 96 -28.67 1.41 -6.73
CA LEU D 96 -28.55 2.85 -6.47
C LEU D 96 -27.75 3.55 -7.55
N LEU D 97 -26.62 2.95 -7.95
CA LEU D 97 -25.80 3.39 -9.06
C LEU D 97 -25.90 2.40 -10.21
N PRO D 98 -25.71 2.85 -11.45
CA PRO D 98 -25.84 1.93 -12.58
C PRO D 98 -24.79 0.82 -12.52
N LEU D 99 -25.22 -0.38 -12.91
CA LEU D 99 -24.37 -1.56 -12.92
C LEU D 99 -24.76 -2.43 -14.11
N THR D 100 -23.79 -3.18 -14.62
CA THR D 100 -24.01 -4.09 -15.74
C THR D 100 -23.99 -5.52 -15.27
N GLY D 101 -24.76 -6.37 -15.96
CA GLY D 101 -24.84 -7.77 -15.58
C GLY D 101 -23.48 -8.44 -15.49
N GLU D 102 -22.60 -8.14 -16.45
CA GLU D 102 -21.30 -8.79 -16.48
C GLU D 102 -20.50 -8.49 -15.22
N GLN D 103 -20.62 -7.26 -14.69
CA GLN D 103 -19.81 -6.87 -13.54
C GLN D 103 -20.46 -7.22 -12.21
N TYR D 104 -21.79 -7.21 -12.11
CA TYR D 104 -22.42 -7.73 -10.91
C TYR D 104 -22.15 -9.23 -10.78
N ALA D 105 -22.41 -9.99 -11.85
CA ALA D 105 -22.16 -11.42 -11.81
C ALA D 105 -20.68 -11.72 -11.58
N GLY D 106 -19.81 -10.93 -12.21
CA GLY D 106 -18.38 -11.20 -12.10
C GLY D 106 -17.85 -11.01 -10.70
N LYS D 107 -18.37 -10.01 -9.98
CA LYS D 107 -17.89 -9.77 -8.63
C LYS D 107 -18.49 -10.71 -7.59
N VAL D 108 -19.65 -11.31 -7.88
CA VAL D 108 -20.22 -12.28 -6.97
C VAL D 108 -19.51 -13.63 -7.10
N THR D 109 -19.30 -14.07 -8.34
CA THR D 109 -18.65 -15.37 -8.57
C THR D 109 -17.17 -15.31 -8.22
N GLU D 110 -16.46 -14.29 -8.72
CA GLU D 110 -15.05 -14.13 -8.41
C GLU D 110 -14.81 -14.17 -6.91
N ASN D 111 -15.81 -13.78 -6.12
CA ASN D 111 -15.72 -13.89 -4.67
C ASN D 111 -15.95 -15.32 -4.20
N CYS D 112 -16.98 -15.97 -4.75
CA CYS D 112 -17.33 -17.32 -4.30
C CYS D 112 -16.34 -18.34 -4.81
N VAL D 113 -16.18 -18.43 -6.13
CA VAL D 113 -15.24 -19.36 -6.76
C VAL D 113 -13.93 -19.33 -5.99
N ALA D 114 -13.47 -18.13 -5.64
CA ALA D 114 -12.26 -18.00 -4.83
C ALA D 114 -12.38 -18.80 -3.54
N PHE D 115 -13.42 -18.51 -2.74
CA PHE D 115 -13.58 -19.18 -1.46
C PHE D 115 -13.66 -20.70 -1.65
N TRP D 116 -14.58 -21.17 -2.49
CA TRP D 116 -14.78 -22.61 -2.68
C TRP D 116 -13.44 -23.32 -2.86
N LYS D 117 -12.60 -22.79 -3.76
CA LYS D 117 -11.30 -23.40 -4.03
C LYS D 117 -10.38 -23.36 -2.81
N ALA D 118 -10.65 -22.45 -1.86
CA ALA D 118 -9.82 -22.30 -0.67
C ALA D 118 -10.41 -23.01 0.54
N VAL D 119 -11.25 -24.01 0.33
CA VAL D 119 -11.80 -24.82 1.42
C VAL D 119 -11.90 -26.27 0.93
N GLY D 120 -11.91 -26.43 -0.39
CA GLY D 120 -12.04 -27.75 -1.00
C GLY D 120 -13.37 -28.03 -1.64
N LEU D 121 -14.26 -27.05 -1.75
CA LEU D 121 -15.60 -27.25 -2.29
C LEU D 121 -15.74 -26.73 -3.73
N TYR D 122 -14.64 -26.53 -4.44
CA TYR D 122 -14.71 -26.22 -5.86
C TYR D 122 -14.76 -27.54 -6.64
N THR D 123 -15.93 -27.88 -7.13
CA THR D 123 -16.12 -29.01 -8.04
C THR D 123 -16.64 -28.48 -9.36
N ASP D 124 -16.49 -29.30 -10.41
CA ASP D 124 -17.01 -28.91 -11.71
C ASP D 124 -18.47 -28.49 -11.65
N ALA D 125 -19.19 -28.93 -10.62
CA ALA D 125 -20.54 -28.44 -10.39
C ALA D 125 -20.54 -26.92 -10.14
N GLU D 126 -19.78 -26.49 -9.13
CA GLU D 126 -19.70 -25.06 -8.83
C GLU D 126 -19.22 -24.27 -10.04
N GLY D 127 -18.31 -24.84 -10.82
CA GLY D 127 -17.86 -24.16 -12.02
C GLY D 127 -18.95 -24.03 -13.07
N VAL D 128 -19.70 -25.12 -13.29
CA VAL D 128 -20.77 -25.09 -14.28
C VAL D 128 -21.87 -24.13 -13.85
N ALA D 129 -22.28 -24.22 -12.59
CA ALA D 129 -23.29 -23.29 -12.08
C ALA D 129 -22.81 -21.85 -12.18
N VAL D 130 -21.54 -21.61 -11.85
CA VAL D 130 -21.00 -20.26 -11.94
C VAL D 130 -21.08 -19.73 -13.36
N GLU D 131 -20.76 -20.58 -14.34
CA GLU D 131 -20.79 -20.13 -15.73
C GLU D 131 -22.20 -19.99 -16.27
N LYS D 132 -23.15 -20.77 -15.74
CA LYS D 132 -24.55 -20.55 -16.05
C LYS D 132 -25.05 -19.25 -15.41
N PHE D 133 -24.68 -19.03 -14.14
CA PHE D 133 -24.96 -17.77 -13.47
C PHE D 133 -24.48 -16.58 -14.30
N LYS D 134 -23.18 -16.53 -14.56
CA LYS D 134 -22.62 -15.43 -15.34
C LYS D 134 -23.28 -15.30 -16.71
N GLU D 135 -23.71 -16.42 -17.29
CA GLU D 135 -24.29 -16.40 -18.62
C GLU D 135 -25.60 -15.64 -18.65
N ALA D 136 -26.41 -15.77 -17.59
CA ALA D 136 -27.72 -15.12 -17.57
C ALA D 136 -27.61 -13.61 -17.35
N PHE D 137 -26.52 -13.13 -16.76
CA PHE D 137 -26.36 -11.71 -16.49
C PHE D 137 -25.72 -10.97 -17.67
N LYS D 138 -24.76 -11.59 -18.35
CA LYS D 138 -24.01 -10.93 -19.43
C LYS D 138 -24.88 -10.07 -20.34
N PRO D 139 -26.01 -10.54 -20.87
CA PRO D 139 -26.83 -9.70 -21.74
C PRO D 139 -27.64 -8.64 -21.02
N GLU D 140 -27.51 -8.53 -19.71
CA GLU D 140 -28.36 -7.65 -18.91
C GLU D 140 -27.58 -6.46 -18.39
N THR D 141 -28.29 -5.37 -18.15
CA THR D 141 -27.75 -4.19 -17.48
C THR D 141 -28.80 -3.65 -16.53
N PHE D 142 -28.34 -2.96 -15.49
CA PHE D 142 -29.23 -2.49 -14.42
C PHE D 142 -28.99 -1.00 -14.17
N PRO D 143 -29.79 -0.13 -14.77
CA PRO D 143 -29.72 1.30 -14.43
C PRO D 143 -30.20 1.51 -13.01
N PRO D 144 -30.09 2.73 -12.49
CA PRO D 144 -30.58 2.99 -11.13
C PRO D 144 -32.07 2.68 -11.04
N GLY D 145 -32.45 1.97 -9.98
CA GLY D 145 -33.82 1.57 -9.75
C GLY D 145 -34.14 0.16 -10.20
N ALA D 146 -33.36 -0.40 -11.12
CA ALA D 146 -33.58 -1.76 -11.57
C ALA D 146 -33.29 -2.75 -10.45
N SER D 147 -33.69 -4.00 -10.66
CA SER D 147 -33.63 -5.01 -9.60
C SER D 147 -33.13 -6.34 -10.13
N ILE D 148 -32.33 -7.01 -9.30
CA ILE D 148 -31.99 -8.42 -9.47
C ILE D 148 -32.68 -9.19 -8.36
N LEU D 149 -33.41 -10.24 -8.74
CA LEU D 149 -34.31 -10.94 -7.81
C LEU D 149 -33.88 -12.39 -7.68
N PHE D 150 -33.26 -12.73 -6.55
CA PHE D 150 -32.73 -14.06 -6.29
C PHE D 150 -33.73 -14.86 -5.46
N THR D 151 -33.99 -16.09 -5.89
CA THR D 151 -34.79 -17.05 -5.14
C THR D 151 -33.89 -18.17 -4.64
N HIS D 152 -33.99 -18.48 -3.35
CA HIS D 152 -33.18 -19.51 -2.72
C HIS D 152 -34.10 -20.60 -2.19
N SER D 153 -34.00 -21.80 -2.76
CA SER D 153 -34.86 -22.90 -2.38
C SER D 153 -34.33 -23.60 -1.14
N SER D 154 -35.21 -24.38 -0.49
CA SER D 154 -34.79 -25.21 0.62
C SER D 154 -33.80 -26.28 0.19
N THR D 155 -33.83 -26.68 -1.08
CA THR D 155 -33.00 -27.75 -1.60
C THR D 155 -31.77 -27.26 -2.35
N GLY D 156 -31.61 -25.95 -2.49
CA GLY D 156 -30.41 -25.39 -3.09
C GLY D 156 -30.56 -24.85 -4.50
N VAL D 157 -31.78 -24.69 -5.00
CA VAL D 157 -32.02 -24.24 -6.37
C VAL D 157 -32.10 -22.72 -6.38
N LEU D 158 -31.18 -22.09 -7.12
CA LEU D 158 -31.12 -20.64 -7.22
C LEU D 158 -31.82 -20.19 -8.50
N THR D 159 -32.82 -19.33 -8.37
CA THR D 159 -33.52 -18.75 -9.51
C THR D 159 -33.16 -17.27 -9.63
N VAL D 160 -32.96 -16.81 -10.87
CA VAL D 160 -32.48 -15.46 -11.13
C VAL D 160 -33.40 -14.80 -12.14
N ALA D 161 -34.07 -13.72 -11.72
CA ALA D 161 -34.93 -12.94 -12.59
C ALA D 161 -34.67 -11.46 -12.34
N PHE D 162 -35.00 -10.63 -13.33
CA PHE D 162 -34.70 -9.20 -13.28
C PHE D 162 -35.98 -8.39 -13.47
N SER D 163 -35.85 -7.09 -13.20
CA SER D 163 -36.95 -6.14 -13.35
C SER D 163 -36.35 -4.76 -13.61
N LYS D 164 -37.19 -3.87 -14.15
CA LYS D 164 -36.72 -2.51 -14.44
C LYS D 164 -36.84 -1.57 -13.25
N ASP D 165 -37.71 -1.87 -12.29
CA ASP D 165 -37.80 -1.06 -11.09
C ASP D 165 -37.80 -1.94 -9.84
N SER D 166 -38.54 -1.54 -8.81
CA SER D 166 -38.56 -2.26 -7.55
C SER D 166 -39.64 -3.32 -7.48
N SER D 167 -40.30 -3.62 -8.59
CA SER D 167 -41.36 -4.62 -8.62
C SER D 167 -40.79 -6.00 -8.94
N VAL D 168 -41.44 -7.01 -8.37
CA VAL D 168 -41.06 -8.40 -8.64
C VAL D 168 -41.87 -8.90 -9.83
N PRO D 169 -41.22 -9.44 -10.87
CA PRO D 169 -41.97 -9.94 -12.03
C PRO D 169 -42.56 -11.31 -11.74
N ALA D 170 -43.77 -11.52 -12.24
CA ALA D 170 -44.52 -12.74 -11.91
C ALA D 170 -43.90 -13.98 -12.53
N SER D 171 -43.35 -13.87 -13.74
CA SER D 171 -42.80 -15.02 -14.46
C SER D 171 -41.31 -15.15 -14.13
N GLY D 172 -40.92 -16.31 -13.62
CA GLY D 172 -39.56 -16.55 -13.20
C GLY D 172 -38.53 -16.45 -14.31
N GLY D 173 -37.28 -16.79 -13.98
CA GLY D 173 -36.18 -16.72 -14.95
C GLY D 173 -35.34 -17.98 -14.87
N VAL D 174 -34.02 -17.78 -14.96
CA VAL D 174 -33.08 -18.89 -14.98
C VAL D 174 -32.95 -19.50 -13.60
N ALA D 175 -32.94 -20.84 -13.54
CA ALA D 175 -32.74 -21.57 -12.31
C ALA D 175 -31.44 -22.36 -12.40
N ILE D 176 -30.59 -22.22 -11.40
CA ILE D 176 -29.32 -22.93 -11.32
C ILE D 176 -29.38 -23.86 -10.11
N GLU D 177 -28.99 -25.11 -10.31
CA GLU D 177 -29.19 -26.16 -9.31
C GLU D 177 -27.84 -26.57 -8.74
N ASN D 178 -27.30 -25.71 -7.87
CA ASN D 178 -26.12 -26.04 -7.06
C ASN D 178 -26.30 -25.40 -5.70
N LYS D 179 -26.42 -26.23 -4.66
CA LYS D 179 -26.67 -25.70 -3.33
C LYS D 179 -25.56 -24.80 -2.84
N HIS D 180 -24.35 -24.91 -3.39
CA HIS D 180 -23.26 -24.07 -2.96
C HIS D 180 -23.37 -22.67 -3.55
N LEU D 181 -23.62 -22.58 -4.86
CA LEU D 181 -23.82 -21.27 -5.48
C LEU D 181 -25.05 -20.56 -4.92
N CYS D 182 -26.08 -21.32 -4.54
CA CYS D 182 -27.30 -20.72 -4.04
C CYS D 182 -27.08 -20.06 -2.68
N GLU D 183 -26.56 -20.82 -1.71
CA GLU D 183 -26.25 -20.21 -0.43
C GLU D 183 -25.11 -19.20 -0.53
N ALA D 184 -24.20 -19.39 -1.48
CA ALA D 184 -23.08 -18.48 -1.63
C ALA D 184 -23.54 -17.07 -1.99
N VAL D 185 -24.60 -16.96 -2.78
CA VAL D 185 -25.10 -15.64 -3.15
C VAL D 185 -25.69 -14.94 -1.94
N LEU D 186 -26.64 -15.60 -1.26
CA LEU D 186 -27.17 -15.05 -0.03
C LEU D 186 -26.09 -14.95 1.05
N GLU D 187 -25.14 -15.89 1.05
CA GLU D 187 -24.04 -15.84 2.02
C GLU D 187 -23.23 -14.55 1.86
N SER D 188 -22.91 -14.18 0.63
CA SER D 188 -22.06 -13.03 0.37
C SER D 188 -22.74 -11.73 0.75
N ILE D 189 -23.82 -11.81 1.53
CA ILE D 189 -24.60 -10.65 1.93
C ILE D 189 -24.65 -10.60 3.45
N ILE D 190 -25.22 -11.64 4.06
CA ILE D 190 -25.47 -11.67 5.49
C ILE D 190 -24.58 -12.69 6.20
N GLY D 191 -23.53 -13.18 5.53
CA GLY D 191 -22.59 -14.10 6.13
C GLY D 191 -21.69 -13.43 7.15
N GLU D 192 -20.46 -13.94 7.26
CA GLU D 192 -19.51 -13.35 8.17
C GLU D 192 -18.84 -12.13 7.56
N HIS D 193 -18.26 -12.28 6.37
CA HIS D 193 -17.76 -11.14 5.61
C HIS D 193 -18.83 -10.58 4.67
N GLY D 194 -20.08 -10.51 5.13
CA GLY D 194 -21.14 -10.05 4.27
C GLY D 194 -20.97 -8.60 3.87
N VAL D 195 -21.50 -8.26 2.70
CA VAL D 195 -21.29 -6.94 2.09
C VAL D 195 -22.33 -5.93 2.55
N SER D 196 -23.21 -6.33 3.47
CA SER D 196 -24.30 -5.46 3.90
C SER D 196 -24.51 -5.58 5.40
N PRO D 197 -23.59 -5.06 6.21
CA PRO D 197 -23.86 -4.93 7.65
C PRO D 197 -25.14 -4.15 7.92
N ALA D 198 -25.49 -3.20 7.05
CA ALA D 198 -26.78 -2.53 7.17
C ALA D 198 -27.93 -3.53 7.09
N ALA D 199 -27.78 -4.58 6.26
CA ALA D 199 -28.82 -5.58 6.12
C ALA D 199 -28.76 -6.66 7.20
N LYS D 200 -27.56 -7.14 7.53
CA LYS D 200 -27.45 -8.12 8.61
C LYS D 200 -28.07 -7.58 9.90
N LEU D 201 -27.91 -6.28 10.14
CA LEU D 201 -28.46 -5.70 11.37
C LEU D 201 -29.99 -5.68 11.33
N SER D 202 -30.57 -5.29 10.20
CA SER D 202 -32.02 -5.27 10.07
C SER D 202 -32.61 -6.67 10.23
N LEU D 203 -31.87 -7.70 9.82
CA LEU D 203 -32.34 -9.07 10.00
C LEU D 203 -32.31 -9.48 11.47
N ALA D 204 -31.11 -9.54 12.05
CA ALA D 204 -30.97 -9.97 13.44
C ALA D 204 -31.96 -9.25 14.35
N ALA D 205 -32.22 -7.97 14.08
CA ALA D 205 -33.15 -7.22 14.91
C ALA D 205 -34.60 -7.53 14.55
N ARG D 206 -34.90 -7.67 13.26
CA ARG D 206 -36.28 -7.94 12.86
C ARG D 206 -36.71 -9.35 13.27
N VAL D 207 -35.77 -10.28 13.38
CA VAL D 207 -36.11 -11.64 13.79
C VAL D 207 -36.39 -11.70 15.28
N SER D 208 -35.62 -10.96 16.09
CA SER D 208 -35.78 -11.02 17.53
C SER D 208 -37.18 -10.61 17.97
N GLU D 209 -37.82 -9.71 17.23
CA GLU D 209 -39.21 -9.37 17.53
C GLU D 209 -40.16 -10.45 17.06
N LEU D 210 -39.90 -11.03 15.88
CA LEU D 210 -40.77 -12.09 15.37
C LEU D 210 -40.65 -13.38 16.17
N LEU D 211 -39.50 -13.60 16.81
CA LEU D 211 -39.31 -14.79 17.64
C LEU D 211 -39.63 -14.50 19.09
N PRO E 4 28.96 13.27 -5.05
CA PRO E 4 27.63 13.79 -5.40
C PRO E 4 26.70 13.89 -4.19
N GLU E 5 26.13 15.06 -3.96
CA GLU E 5 25.19 15.22 -2.86
C GLU E 5 23.85 14.57 -3.20
N VAL E 6 23.12 14.19 -2.16
CA VAL E 6 21.80 13.58 -2.30
C VAL E 6 20.78 14.47 -1.62
N VAL E 7 19.65 14.67 -2.28
CA VAL E 7 18.57 15.53 -1.79
C VAL E 7 17.34 14.68 -1.61
N VAL E 8 16.87 14.56 -0.37
CA VAL E 8 15.77 13.67 -0.01
C VAL E 8 14.62 14.55 0.47
N GLU E 9 13.66 14.84 -0.42
CA GLU E 9 12.48 15.62 -0.09
C GLU E 9 12.85 16.98 0.49
N GLY E 10 13.64 17.73 -0.27
CA GLY E 10 14.07 19.05 0.13
C GLY E 10 15.21 19.09 1.12
N VAL E 11 15.48 18.00 1.82
CA VAL E 11 16.65 17.90 2.68
C VAL E 11 17.87 17.55 1.84
N VAL E 12 18.99 18.19 2.14
CA VAL E 12 20.22 18.04 1.34
C VAL E 12 21.26 17.37 2.21
N PHE E 13 21.78 16.23 1.74
CA PHE E 13 22.80 15.48 2.46
C PHE E 13 24.15 15.70 1.80
N PRO E 14 25.10 16.35 2.46
CA PRO E 14 26.38 16.63 1.82
C PRO E 14 27.08 15.34 1.46
N PRO E 15 27.93 15.35 0.43
CA PRO E 15 28.68 14.13 0.07
C PRO E 15 29.81 13.79 1.04
N VAL E 16 30.20 14.73 1.91
CA VAL E 16 31.20 14.48 2.95
C VAL E 16 30.65 15.01 4.26
N ALA E 17 31.12 14.42 5.36
CA ALA E 17 30.62 14.84 6.66
C ALA E 17 31.55 14.32 7.75
N ARG E 18 31.69 15.11 8.81
CA ARG E 18 32.41 14.73 10.00
C ARG E 18 31.45 14.69 11.18
N PRO E 19 31.39 13.60 11.93
CA PRO E 19 30.26 13.38 12.84
C PRO E 19 30.34 14.26 14.08
N PRO E 20 29.30 14.23 14.93
CA PRO E 20 29.33 15.02 16.18
C PRO E 20 30.69 15.00 16.84
N GLY E 21 31.03 13.86 17.45
CA GLY E 21 32.37 13.64 17.94
C GLY E 21 32.97 12.40 17.32
N SER E 22 34.06 12.56 16.56
CA SER E 22 34.64 11.43 15.86
C SER E 22 35.92 11.86 15.17
N ALA E 23 36.78 10.88 14.90
CA ALA E 23 38.00 11.08 14.15
C ALA E 23 37.81 10.48 12.76
N GLY E 24 37.94 11.32 11.73
CA GLY E 24 37.81 10.88 10.36
C GLY E 24 36.79 11.72 9.61
N SER E 25 36.80 11.55 8.29
CA SER E 25 35.85 12.18 7.38
C SER E 25 35.12 11.09 6.61
N HIS E 26 33.82 11.29 6.41
CA HIS E 26 32.95 10.24 5.90
C HIS E 26 32.33 10.64 4.56
N PHE E 27 32.04 9.63 3.75
CA PHE E 27 31.32 9.80 2.50
C PHE E 27 29.89 9.31 2.64
N LEU E 28 29.02 9.83 1.77
CA LEU E 28 27.59 9.55 1.83
C LEU E 28 27.32 8.22 1.13
N GLY E 29 27.35 7.14 1.91
CA GLY E 29 27.05 5.83 1.35
C GLY E 29 25.73 5.82 0.60
N GLY E 30 24.69 6.33 1.24
CA GLY E 30 23.39 6.44 0.59
C GLY E 30 22.44 7.23 1.46
N ALA E 31 21.38 7.72 0.83
CA ALA E 31 20.35 8.45 1.54
C ALA E 31 19.03 8.31 0.80
N GLY E 32 17.95 8.49 1.54
CA GLY E 32 16.62 8.35 0.95
C GLY E 32 15.56 8.59 1.98
N VAL E 33 14.31 8.56 1.52
CA VAL E 33 13.16 8.87 2.36
C VAL E 33 12.78 7.63 3.16
N ARG E 34 12.20 7.86 4.34
CA ARG E 34 11.48 6.84 5.08
C ARG E 34 10.01 7.23 5.11
N GLY E 35 9.14 6.34 4.63
CA GLY E 35 7.72 6.54 4.65
C GLY E 35 7.00 5.41 5.37
N ILE E 36 5.67 5.51 5.37
CA ILE E 36 4.82 4.48 5.97
C ILE E 36 3.51 4.45 5.21
N GLU E 37 2.87 3.29 5.21
CA GLU E 37 1.60 3.10 4.50
C GLU E 37 0.43 3.33 5.45
N ILE E 38 0.39 4.52 6.03
CA ILE E 38 -0.79 4.92 6.80
C ILE E 38 -1.98 4.98 5.87
N GLY E 39 -3.06 4.30 6.25
CA GLY E 39 -4.19 4.20 5.34
C GLY E 39 -3.76 3.54 4.05
N GLY E 40 -4.03 4.20 2.93
CA GLY E 40 -3.65 3.67 1.64
C GLY E 40 -2.72 4.58 0.86
N ASN E 41 -1.90 5.34 1.58
CA ASN E 41 -0.97 6.28 0.97
C ASN E 41 0.39 6.17 1.63
N PHE E 42 1.41 6.57 0.89
CA PHE E 42 2.78 6.62 1.41
C PHE E 42 2.99 7.95 2.11
N ILE E 43 3.22 7.91 3.41
CA ILE E 43 3.48 9.10 4.21
C ILE E 43 4.97 9.17 4.47
N LYS E 44 5.63 10.14 3.83
CA LYS E 44 7.05 10.36 4.06
C LYS E 44 7.26 10.95 5.45
N PHE E 45 7.96 10.23 6.32
CA PHE E 45 8.13 10.63 7.71
C PHE E 45 9.49 11.26 7.99
N THR E 46 10.55 10.78 7.34
CA THR E 46 11.89 11.31 7.57
C THR E 46 12.72 11.14 6.31
N ALA E 47 13.86 11.82 6.29
CA ALA E 47 14.88 11.66 5.24
C ALA E 47 16.16 11.20 5.92
N ILE E 48 16.65 10.03 5.52
CA ILE E 48 17.74 9.35 6.21
C ILE E 48 19.00 9.40 5.36
N GLY E 49 20.14 9.64 6.00
CA GLY E 49 21.43 9.63 5.33
C GLY E 49 22.42 8.71 6.02
N VAL E 50 23.06 7.83 5.24
CA VAL E 50 24.00 6.86 5.77
C VAL E 50 25.39 7.25 5.32
N TYR E 51 26.22 7.70 6.27
CA TYR E 51 27.60 8.07 6.01
C TYR E 51 28.53 7.01 6.56
N LEU E 52 29.56 6.67 5.80
CA LEU E 52 30.52 5.65 6.20
C LEU E 52 31.93 6.20 6.14
N GLU E 53 32.78 5.69 7.03
CA GLU E 53 34.19 6.06 7.03
C GLU E 53 34.81 5.81 5.66
N ASP E 54 35.79 6.63 5.30
CA ASP E 54 36.46 6.46 4.02
C ASP E 54 37.25 5.15 3.95
N ALA E 55 37.54 4.53 5.08
CA ALA E 55 38.17 3.22 5.10
C ALA E 55 37.19 2.11 4.73
N ALA E 56 35.91 2.43 4.56
CA ALA E 56 34.93 1.42 4.15
C ALA E 56 35.09 1.06 2.68
N VAL E 57 35.59 1.99 1.87
CA VAL E 57 35.76 1.71 0.44
C VAL E 57 36.62 0.48 0.24
N SER E 58 37.74 0.39 0.97
CA SER E 58 38.56 -0.81 0.90
C SER E 58 37.92 -1.95 1.68
N ALA E 59 37.55 -1.69 2.93
CA ALA E 59 36.96 -2.73 3.78
C ALA E 59 35.87 -3.49 3.04
N LEU E 60 34.96 -2.77 2.38
CA LEU E 60 33.88 -3.43 1.65
C LEU E 60 34.40 -4.08 0.37
N ALA E 61 35.36 -3.44 -0.29
CA ALA E 61 35.81 -3.91 -1.60
C ALA E 61 36.26 -5.37 -1.56
N LYS E 62 36.72 -5.85 -0.41
CA LYS E 62 37.20 -7.22 -0.33
C LYS E 62 36.21 -8.21 -0.90
N LYS E 63 34.91 -7.95 -0.75
CA LYS E 63 33.88 -8.88 -1.17
C LYS E 63 33.00 -8.36 -2.30
N TRP E 64 33.03 -7.06 -2.60
CA TRP E 64 32.00 -6.47 -3.43
C TRP E 64 32.51 -5.63 -4.60
N ALA E 65 33.83 -5.48 -4.74
CA ALA E 65 34.37 -4.62 -5.79
C ALA E 65 33.80 -4.96 -7.16
N GLY E 66 33.81 -4.00 -8.08
CA GLY E 66 33.39 -4.23 -9.45
C GLY E 66 31.90 -4.45 -9.61
N LYS E 67 31.30 -5.25 -8.72
CA LYS E 67 29.88 -5.56 -8.79
C LYS E 67 29.04 -4.31 -9.05
N THR E 68 27.91 -4.47 -9.72
CA THR E 68 27.05 -3.34 -10.05
C THR E 68 26.16 -2.99 -8.87
N ALA E 69 25.35 -1.95 -9.05
CA ALA E 69 24.37 -1.59 -8.03
C ALA E 69 23.28 -2.65 -7.94
N ASP E 70 22.69 -3.03 -9.07
CA ASP E 70 21.65 -4.04 -9.07
C ASP E 70 22.14 -5.35 -8.46
N GLU E 71 23.44 -5.62 -8.57
CA GLU E 71 24.02 -6.81 -7.93
C GLU E 71 24.11 -6.63 -6.43
N LEU E 72 24.74 -5.54 -5.98
CA LEU E 72 24.82 -5.26 -4.55
C LEU E 72 23.43 -5.20 -3.92
N ALA E 73 22.54 -4.39 -4.51
CA ALA E 73 21.19 -4.23 -3.98
C ALA E 73 20.49 -5.57 -3.79
N SER E 74 20.91 -6.61 -4.51
CA SER E 74 20.25 -7.92 -4.39
C SER E 74 20.81 -8.73 -3.24
N ASP E 75 22.13 -8.75 -3.08
CA ASP E 75 22.73 -9.56 -2.02
C ASP E 75 22.44 -8.96 -0.66
N ALA E 76 21.68 -9.68 0.16
CA ALA E 76 21.45 -9.25 1.53
C ALA E 76 22.74 -9.21 2.35
N ALA E 77 23.83 -9.77 1.83
CA ALA E 77 25.09 -9.75 2.56
C ALA E 77 25.77 -8.39 2.48
N PHE E 78 25.65 -7.70 1.35
CA PHE E 78 26.27 -6.39 1.23
C PHE E 78 25.76 -5.42 2.29
N PHE E 79 24.46 -5.47 2.57
CA PHE E 79 23.91 -4.60 3.61
C PHE E 79 24.26 -5.09 5.01
N ARG E 80 24.43 -6.41 5.19
CA ARG E 80 24.93 -6.90 6.46
C ARG E 80 26.38 -6.50 6.67
N ASP E 81 27.19 -6.53 5.60
CA ASP E 81 28.59 -6.12 5.71
C ASP E 81 28.70 -4.65 6.07
N VAL E 82 27.84 -3.81 5.49
CA VAL E 82 27.86 -2.38 5.81
C VAL E 82 27.45 -2.16 7.26
N VAL E 83 26.46 -2.93 7.74
CA VAL E 83 25.99 -2.76 9.11
C VAL E 83 27.06 -3.17 10.11
N THR E 84 27.64 -4.35 9.93
CA THR E 84 28.58 -4.92 10.89
C THR E 84 30.03 -4.58 10.59
N GLY E 85 30.30 -3.85 9.51
CA GLY E 85 31.66 -3.59 9.07
C GLY E 85 32.60 -3.04 10.13
N ASP E 86 33.83 -3.54 10.15
CA ASP E 86 34.86 -3.05 11.08
C ASP E 86 35.29 -1.64 10.72
N PHE E 87 34.40 -0.68 10.92
CA PHE E 87 34.70 0.73 10.69
C PHE E 87 33.56 1.55 11.29
N GLU E 88 33.69 2.87 11.21
CA GLU E 88 32.68 3.76 11.76
C GLU E 88 31.62 4.08 10.72
N LYS E 89 30.37 4.14 11.17
CA LYS E 89 29.24 4.50 10.33
C LYS E 89 28.47 5.62 11.00
N PHE E 90 27.88 6.49 10.19
CA PHE E 90 27.17 7.66 10.71
C PHE E 90 25.87 7.83 9.95
N THR E 91 24.77 7.93 10.69
CA THR E 91 23.43 8.04 10.12
C THR E 91 22.77 9.31 10.64
N ARG E 92 22.36 10.18 9.71
CA ARG E 92 21.52 11.32 10.05
C ARG E 92 20.08 11.02 9.64
N VAL E 93 19.16 11.21 10.57
CA VAL E 93 17.73 11.03 10.31
C VAL E 93 17.08 12.37 10.56
N THR E 94 16.87 13.15 9.50
CA THR E 94 16.20 14.43 9.59
C THR E 94 14.69 14.22 9.46
N MET E 95 13.94 15.04 10.18
CA MET E 95 12.48 14.90 10.24
C MET E 95 11.81 15.67 9.12
N LEU E 96 10.98 14.98 8.34
CA LEU E 96 10.06 15.62 7.42
C LEU E 96 8.74 15.98 8.10
N LEU E 97 8.22 15.08 8.93
CA LEU E 97 7.02 15.26 9.71
C LEU E 97 7.36 15.23 11.19
N PRO E 98 6.71 16.08 12.00
CA PRO E 98 7.07 16.13 13.43
C PRO E 98 6.88 14.77 14.09
N LEU E 99 7.80 14.46 15.02
CA LEU E 99 7.83 13.16 15.66
C LEU E 99 8.37 13.34 17.07
N THR E 100 7.71 12.68 18.04
CA THR E 100 8.14 12.78 19.43
C THR E 100 9.33 11.87 19.68
N GLY E 101 10.31 12.38 20.43
CA GLY E 101 11.42 11.53 20.86
C GLY E 101 10.94 10.29 21.58
N GLU E 102 9.94 10.45 22.46
CA GLU E 102 9.37 9.29 23.15
C GLU E 102 8.94 8.22 22.17
N GLN E 103 8.31 8.62 21.05
CA GLN E 103 7.74 7.64 20.13
C GLN E 103 8.77 7.08 19.17
N TYR E 104 9.77 7.86 18.77
CA TYR E 104 10.75 7.35 17.81
C TYR E 104 11.52 6.18 18.39
N ALA E 105 12.09 6.36 19.59
CA ALA E 105 12.83 5.26 20.23
C ALA E 105 11.93 4.05 20.45
N GLY E 106 10.67 4.29 20.83
CA GLY E 106 9.77 3.18 21.05
C GLY E 106 9.66 2.27 19.84
N LYS E 107 9.41 2.85 18.66
CA LYS E 107 9.32 2.04 17.45
C LYS E 107 10.63 1.34 17.16
N VAL E 108 11.76 2.00 17.40
CA VAL E 108 13.06 1.38 17.15
C VAL E 108 13.43 0.43 18.27
N THR E 109 12.97 0.70 19.50
CA THR E 109 13.34 -0.16 20.63
C THR E 109 12.47 -1.40 20.71
N GLU E 110 11.18 -1.27 20.42
CA GLU E 110 10.30 -2.44 20.44
C GLU E 110 10.79 -3.52 19.50
N ASN E 111 11.21 -3.13 18.29
CA ASN E 111 11.56 -4.11 17.27
C ASN E 111 12.79 -4.92 17.66
N CYS E 112 13.87 -4.24 18.06
CA CYS E 112 15.10 -4.94 18.41
C CYS E 112 14.86 -5.93 19.54
N VAL E 113 14.28 -5.46 20.64
CA VAL E 113 13.99 -6.34 21.77
C VAL E 113 13.09 -7.49 21.33
N ALA E 114 12.19 -7.24 20.38
CA ALA E 114 11.32 -8.30 19.88
C ALA E 114 12.13 -9.41 19.23
N PHE E 115 13.10 -9.03 18.38
CA PHE E 115 13.88 -10.02 17.66
C PHE E 115 14.93 -10.69 18.54
N TRP E 116 15.40 -10.01 19.58
CA TRP E 116 16.44 -10.59 20.45
C TRP E 116 15.86 -11.70 21.33
N LYS E 117 14.81 -11.39 22.10
CA LYS E 117 14.18 -12.43 22.89
C LYS E 117 13.79 -13.62 22.02
N ALA E 118 13.32 -13.36 20.80
CA ALA E 118 13.00 -14.44 19.87
C ALA E 118 14.24 -15.26 19.54
N VAL E 119 15.25 -14.61 18.96
CA VAL E 119 16.44 -15.32 18.50
C VAL E 119 17.33 -15.81 19.63
N GLY E 120 17.09 -15.32 20.85
CA GLY E 120 17.87 -15.74 22.01
C GLY E 120 19.01 -14.83 22.37
N LEU E 121 19.29 -13.80 21.57
CA LEU E 121 20.38 -12.87 21.85
C LEU E 121 20.02 -11.82 22.88
N TYR E 122 18.85 -11.89 23.50
CA TYR E 122 18.45 -10.92 24.50
C TYR E 122 19.18 -11.19 25.81
N THR E 123 19.95 -10.20 26.27
CA THR E 123 20.68 -10.28 27.53
C THR E 123 20.20 -9.16 28.45
N ASP E 124 20.88 -9.00 29.58
CA ASP E 124 20.61 -7.85 30.44
C ASP E 124 21.15 -6.57 29.83
N ALA E 125 22.33 -6.65 29.19
CA ALA E 125 22.90 -5.48 28.54
C ALA E 125 21.94 -4.90 27.51
N GLU E 126 21.41 -5.75 26.62
CA GLU E 126 20.45 -5.28 25.63
C GLU E 126 19.31 -4.51 26.29
N GLY E 127 18.91 -4.91 27.49
CA GLY E 127 17.87 -4.21 28.22
C GLY E 127 18.30 -2.83 28.67
N VAL E 128 19.30 -2.78 29.56
CA VAL E 128 19.78 -1.48 30.05
C VAL E 128 20.14 -0.57 28.87
N ALA E 129 20.76 -1.14 27.84
CA ALA E 129 21.11 -0.34 26.67
C ALA E 129 19.87 0.35 26.09
N VAL E 130 18.76 -0.38 25.97
CA VAL E 130 17.56 0.19 25.37
C VAL E 130 16.99 1.29 26.25
N GLU E 131 16.94 1.07 27.56
CA GLU E 131 16.48 2.11 28.46
C GLU E 131 17.40 3.32 28.45
N LYS E 132 18.71 3.09 28.29
CA LYS E 132 19.62 4.20 28.03
C LYS E 132 19.31 4.85 26.69
N PHE E 133 18.80 4.07 25.74
CA PHE E 133 18.44 4.59 24.43
C PHE E 133 17.14 5.38 24.48
N LYS E 134 16.06 4.74 24.93
CA LYS E 134 14.77 5.43 25.04
C LYS E 134 14.88 6.63 25.97
N GLU E 135 15.59 6.49 27.08
CA GLU E 135 15.80 7.60 28.00
C GLU E 135 16.28 8.84 27.26
N ALA E 136 17.40 8.71 26.55
CA ALA E 136 17.99 9.87 25.86
C ALA E 136 16.99 10.51 24.90
N PHE E 137 16.05 9.74 24.37
CA PHE E 137 15.07 10.27 23.43
C PHE E 137 13.86 10.90 24.12
N LYS E 138 13.35 10.26 25.18
CA LYS E 138 12.10 10.65 25.82
C LYS E 138 11.93 12.17 25.97
N PRO E 139 12.91 12.92 26.46
CA PRO E 139 12.68 14.35 26.72
C PRO E 139 13.00 15.25 25.53
N GLU E 140 13.06 14.68 24.34
CA GLU E 140 13.32 15.45 23.13
C GLU E 140 12.13 15.37 22.18
N THR E 141 11.98 16.41 21.38
CA THR E 141 10.95 16.46 20.34
C THR E 141 11.58 17.02 19.07
N PHE E 142 11.18 16.47 17.92
CA PHE E 142 11.78 16.83 16.64
C PHE E 142 10.74 17.46 15.73
N PRO E 143 10.72 18.78 15.61
CA PRO E 143 9.86 19.42 14.60
C PRO E 143 10.45 19.22 13.22
N PRO E 144 9.65 19.43 12.17
CA PRO E 144 10.19 19.36 10.81
C PRO E 144 11.48 20.18 10.68
N GLY E 145 12.53 19.55 10.16
CA GLY E 145 13.82 20.16 10.04
C GLY E 145 14.84 19.68 11.06
N ALA E 146 14.39 19.20 12.21
CA ALA E 146 15.31 18.66 13.20
C ALA E 146 15.89 17.33 12.73
N SER E 147 17.04 16.98 13.32
CA SER E 147 17.75 15.77 12.95
C SER E 147 17.97 14.89 14.17
N ILE E 148 18.10 13.59 13.93
CA ILE E 148 18.56 12.62 14.91
C ILE E 148 19.88 12.05 14.38
N LEU E 149 20.91 12.07 15.22
CA LEU E 149 22.26 11.75 14.80
C LEU E 149 22.74 10.49 15.52
N PHE E 150 23.12 9.48 14.74
CA PHE E 150 23.67 8.23 15.25
C PHE E 150 25.09 8.08 14.76
N THR E 151 26.02 7.78 15.66
CA THR E 151 27.39 7.42 15.32
C THR E 151 27.60 5.97 15.70
N HIS E 152 27.97 5.15 14.72
CA HIS E 152 28.17 3.72 14.91
C HIS E 152 29.67 3.43 14.85
N SER E 153 30.27 3.13 16.00
CA SER E 153 31.70 2.90 16.08
C SER E 153 32.04 1.48 15.64
N SER E 154 33.29 1.29 15.22
CA SER E 154 33.73 -0.02 14.78
C SER E 154 33.59 -1.08 15.86
N THR E 155 33.61 -0.65 17.13
CA THR E 155 33.59 -1.58 18.25
C THR E 155 32.20 -1.81 18.83
N GLY E 156 31.18 -1.08 18.36
CA GLY E 156 29.82 -1.30 18.80
C GLY E 156 29.21 -0.19 19.64
N VAL E 157 29.88 0.93 19.79
CA VAL E 157 29.35 2.04 20.60
C VAL E 157 28.41 2.87 19.74
N LEU E 158 27.22 3.14 20.27
CA LEU E 158 26.23 3.99 19.62
C LEU E 158 26.19 5.34 20.32
N THR E 159 26.33 6.41 19.56
CA THR E 159 26.26 7.77 20.08
C THR E 159 24.98 8.42 19.57
N VAL E 160 24.12 8.82 20.49
CA VAL E 160 22.86 9.49 20.16
C VAL E 160 23.06 10.98 20.41
N ALA E 161 23.07 11.76 19.33
CA ALA E 161 23.09 13.21 19.40
C ALA E 161 21.88 13.76 18.66
N PHE E 162 21.48 14.97 19.01
CA PHE E 162 20.28 15.58 18.46
C PHE E 162 20.62 16.95 17.89
N SER E 163 19.70 17.49 17.10
CA SER E 163 19.96 18.72 16.38
C SER E 163 18.66 19.29 15.85
N LYS E 164 18.50 20.61 15.96
CA LYS E 164 17.33 21.30 15.48
C LYS E 164 17.40 21.63 13.98
N ASP E 165 18.57 21.47 13.37
CA ASP E 165 18.78 21.78 11.96
C ASP E 165 19.23 20.51 11.23
N SER E 166 19.64 20.69 9.98
CA SER E 166 20.29 19.62 9.25
C SER E 166 21.74 19.44 9.66
N SER E 167 22.35 20.46 10.26
CA SER E 167 23.74 20.40 10.66
C SER E 167 23.91 19.52 11.90
N VAL E 168 25.16 19.14 12.15
CA VAL E 168 25.49 18.26 13.27
C VAL E 168 26.11 19.09 14.40
N PRO E 169 25.82 18.78 15.66
CA PRO E 169 26.48 19.47 16.77
C PRO E 169 27.95 19.10 16.83
N ALA E 170 28.65 19.80 17.73
CA ALA E 170 30.05 19.50 18.02
C ALA E 170 30.23 18.67 19.28
N SER E 171 29.39 18.90 20.29
CA SER E 171 29.40 18.09 21.50
C SER E 171 28.59 16.82 21.27
N GLY E 172 29.24 15.67 21.42
CA GLY E 172 28.52 14.42 21.36
C GLY E 172 27.41 14.37 22.38
N GLY E 173 26.58 13.34 22.26
CA GLY E 173 25.49 13.17 23.19
C GLY E 173 25.76 12.09 24.22
N VAL E 174 24.85 11.13 24.32
CA VAL E 174 25.02 9.95 25.17
C VAL E 174 25.44 8.78 24.30
N ALA E 175 26.38 7.97 24.78
CA ALA E 175 26.87 6.82 24.06
C ALA E 175 26.49 5.55 24.82
N ILE E 176 25.87 4.61 24.13
CA ILE E 176 25.48 3.32 24.70
C ILE E 176 26.44 2.27 24.15
N GLU E 177 27.21 1.65 25.04
CA GLU E 177 28.21 0.66 24.66
C GLU E 177 27.54 -0.71 24.59
N ASN E 178 26.99 -1.04 23.44
CA ASN E 178 26.33 -2.33 23.24
C ASN E 178 26.31 -2.61 21.74
N LYS E 179 27.14 -3.54 21.29
CA LYS E 179 27.34 -3.72 19.86
C LYS E 179 26.03 -4.07 19.15
N HIS E 180 25.23 -4.96 19.74
CA HIS E 180 24.00 -5.37 19.08
C HIS E 180 23.06 -4.19 18.86
N LEU E 181 22.88 -3.35 19.89
CA LEU E 181 22.02 -2.18 19.75
C LEU E 181 22.59 -1.19 18.74
N CYS E 182 23.91 -0.98 18.77
CA CYS E 182 24.55 -0.10 17.79
C CYS E 182 24.26 -0.56 16.37
N GLU E 183 24.44 -1.86 16.11
CA GLU E 183 24.17 -2.39 14.78
C GLU E 183 22.67 -2.46 14.50
N ALA E 184 21.85 -2.63 15.54
CA ALA E 184 20.41 -2.77 15.34
C ALA E 184 19.80 -1.49 14.78
N VAL E 185 20.20 -0.34 15.33
CA VAL E 185 19.65 0.93 14.84
C VAL E 185 20.05 1.17 13.39
N LEU E 186 21.30 0.90 13.06
CA LEU E 186 21.73 1.02 11.66
C LEU E 186 21.18 -0.11 10.80
N GLU E 187 21.06 -1.31 11.38
CA GLU E 187 20.43 -2.41 10.64
C GLU E 187 19.00 -2.06 10.24
N SER E 188 18.32 -1.25 11.03
CA SER E 188 16.91 -0.95 10.81
C SER E 188 16.65 0.02 9.66
N ILE E 189 17.68 0.72 9.18
CA ILE E 189 17.50 1.54 7.99
C ILE E 189 17.77 0.75 6.71
N ILE E 190 18.70 -0.20 6.76
CA ILE E 190 19.22 -0.80 5.53
C ILE E 190 19.31 -2.32 5.65
N GLY E 191 18.60 -2.89 6.62
CA GLY E 191 18.53 -4.33 6.74
C GLY E 191 17.64 -4.92 5.67
N GLU E 192 17.38 -6.22 5.82
CA GLU E 192 16.48 -6.90 4.88
C GLU E 192 15.08 -6.31 4.94
N HIS E 193 14.64 -5.87 6.12
CA HIS E 193 13.39 -5.15 6.27
C HIS E 193 13.65 -3.68 6.61
N GLY E 194 14.61 -3.08 5.92
CA GLY E 194 14.98 -1.71 6.22
C GLY E 194 13.86 -0.74 5.90
N VAL E 195 13.65 0.21 6.82
CA VAL E 195 12.55 1.16 6.71
C VAL E 195 12.67 2.07 5.51
N SER E 196 13.78 2.02 4.77
CA SER E 196 14.03 2.94 3.67
C SER E 196 14.72 2.22 2.53
N PRO E 197 13.94 1.56 1.66
CA PRO E 197 14.55 0.98 0.45
C PRO E 197 15.14 2.03 -0.48
N ALA E 198 14.57 3.23 -0.50
CA ALA E 198 15.19 4.32 -1.25
C ALA E 198 16.61 4.55 -0.79
N ALA E 199 16.88 4.37 0.50
CA ALA E 199 18.24 4.44 1.00
C ALA E 199 19.04 3.22 0.55
N LYS E 200 18.50 2.02 0.75
CA LYS E 200 19.20 0.80 0.37
C LYS E 200 19.70 0.87 -1.07
N LEU E 201 18.89 1.43 -1.97
CA LEU E 201 19.29 1.51 -3.37
C LEU E 201 20.37 2.57 -3.57
N SER E 202 20.23 3.71 -2.91
CA SER E 202 21.29 4.72 -2.96
C SER E 202 22.60 4.14 -2.42
N LEU E 203 22.55 3.46 -1.27
CA LEU E 203 23.75 2.92 -0.66
C LEU E 203 24.47 1.98 -1.62
N ALA E 204 23.75 0.99 -2.17
CA ALA E 204 24.37 -0.01 -3.01
C ALA E 204 24.93 0.60 -4.29
N ALA E 205 24.14 1.44 -4.95
CA ALA E 205 24.56 2.02 -6.22
C ALA E 205 25.71 3.01 -6.06
N ARG E 206 25.88 3.58 -4.88
CA ARG E 206 27.00 4.50 -4.64
C ARG E 206 28.27 3.77 -4.22
N VAL E 207 28.13 2.66 -3.48
CA VAL E 207 29.30 1.88 -3.10
C VAL E 207 29.87 1.14 -4.31
N SER E 208 29.02 0.76 -5.26
CA SER E 208 29.51 0.11 -6.46
C SER E 208 30.09 1.11 -7.45
N GLU E 209 29.50 2.30 -7.53
CA GLU E 209 30.13 3.37 -8.31
C GLU E 209 31.52 3.66 -7.78
N LEU E 210 31.70 3.60 -6.45
CA LEU E 210 33.03 3.79 -5.88
C LEU E 210 33.91 2.58 -6.13
N LEU E 211 33.36 1.38 -5.99
CA LEU E 211 34.11 0.15 -6.22
C LEU E 211 34.31 -0.08 -7.72
N THR E 212 34.49 1.01 -8.46
CA THR E 212 34.69 0.96 -9.90
C THR E 212 35.84 1.87 -10.32
N VAL F 3 -35.94 7.65 13.74
CA VAL F 3 -34.84 8.28 13.03
C VAL F 3 -34.03 7.23 12.26
N PRO F 4 -33.36 7.66 11.19
CA PRO F 4 -32.67 6.72 10.32
C PRO F 4 -31.30 6.33 10.85
N GLU F 5 -30.82 5.18 10.37
CA GLU F 5 -29.46 4.76 10.64
C GLU F 5 -28.47 5.62 9.87
N VAL F 6 -27.23 5.63 10.31
CA VAL F 6 -26.16 6.40 9.69
C VAL F 6 -25.02 5.45 9.35
N VAL F 7 -24.65 5.39 8.08
CA VAL F 7 -23.50 4.61 7.61
C VAL F 7 -22.35 5.58 7.41
N VAL F 8 -21.22 5.30 8.06
CA VAL F 8 -20.04 6.16 8.01
C VAL F 8 -18.85 5.30 7.61
N GLU F 9 -18.48 5.34 6.33
CA GLU F 9 -17.31 4.62 5.82
C GLU F 9 -17.47 3.11 5.98
N GLY F 10 -18.64 2.61 5.57
CA GLY F 10 -18.93 1.20 5.66
C GLY F 10 -19.41 0.71 7.00
N VAL F 11 -19.19 1.49 8.07
CA VAL F 11 -19.67 1.12 9.40
C VAL F 11 -21.11 1.57 9.54
N VAL F 12 -21.99 0.64 9.88
CA VAL F 12 -23.42 0.91 10.02
C VAL F 12 -23.72 1.20 11.47
N PHE F 13 -24.27 2.38 11.75
CA PHE F 13 -24.67 2.76 13.10
C PHE F 13 -26.19 2.69 13.19
N PRO F 14 -26.75 1.66 13.81
CA PRO F 14 -28.21 1.51 13.83
C PRO F 14 -28.86 2.61 14.67
N PRO F 15 -30.13 2.93 14.40
CA PRO F 15 -30.74 4.09 15.05
C PRO F 15 -31.05 3.90 16.52
N VAL F 16 -31.06 2.66 17.03
CA VAL F 16 -31.29 2.39 18.43
C VAL F 16 -30.22 1.44 18.93
N ALA F 17 -29.75 1.66 20.15
CA ALA F 17 -28.66 0.87 20.71
C ALA F 17 -28.82 0.77 22.22
N ARG F 18 -28.53 -0.41 22.76
CA ARG F 18 -28.58 -0.65 24.19
C ARG F 18 -27.16 -0.85 24.71
N PRO F 19 -26.62 0.05 25.51
CA PRO F 19 -25.21 -0.05 25.92
C PRO F 19 -24.94 -1.37 26.60
N PRO F 20 -23.65 -1.74 26.76
CA PRO F 20 -23.32 -3.01 27.40
C PRO F 20 -23.99 -3.14 28.77
N GLY F 21 -24.76 -4.20 28.95
CA GLY F 21 -25.52 -4.35 30.17
C GLY F 21 -26.52 -3.21 30.36
N SER F 22 -27.76 -3.45 29.93
CA SER F 22 -28.86 -2.50 30.09
C SER F 22 -29.96 -2.78 29.07
N ALA F 23 -31.21 -2.60 29.48
CA ALA F 23 -32.33 -2.64 28.55
C ALA F 23 -32.80 -1.25 28.12
N GLY F 24 -32.42 -0.22 28.86
CA GLY F 24 -32.73 1.15 28.48
C GLY F 24 -32.33 1.43 27.05
N SER F 25 -33.32 1.76 26.21
CA SER F 25 -33.10 1.90 24.78
C SER F 25 -32.69 3.34 24.45
N HIS F 26 -31.53 3.49 23.82
CA HIS F 26 -31.04 4.78 23.36
C HIS F 26 -31.24 4.92 21.86
N PHE F 27 -31.11 6.16 21.39
CA PHE F 27 -31.18 6.47 19.97
C PHE F 27 -29.84 7.04 19.51
N LEU F 28 -29.72 7.22 18.20
CA LEU F 28 -28.48 7.64 17.55
C LEU F 28 -28.56 9.13 17.28
N GLY F 29 -28.02 9.94 18.21
CA GLY F 29 -27.98 11.37 18.03
C GLY F 29 -27.28 11.74 16.72
N GLY F 30 -26.06 11.26 16.56
CA GLY F 30 -25.32 11.47 15.33
C GLY F 30 -24.09 10.59 15.21
N ALA F 31 -23.80 10.16 13.99
CA ALA F 31 -22.57 9.44 13.68
C ALA F 31 -21.77 10.24 12.67
N GLY F 32 -20.49 9.92 12.56
CA GLY F 32 -19.64 10.66 11.64
C GLY F 32 -18.21 10.16 11.71
N VAL F 33 -17.42 10.65 10.75
CA VAL F 33 -16.03 10.23 10.63
C VAL F 33 -15.18 10.91 11.69
N ARG F 34 -14.00 10.35 11.91
CA ARG F 34 -12.95 11.00 12.70
C ARG F 34 -11.62 10.75 12.02
N GLY F 35 -10.85 11.81 11.81
CA GLY F 35 -9.58 11.69 11.13
C GLY F 35 -8.54 12.63 11.70
N ILE F 36 -7.30 12.44 11.25
CA ILE F 36 -6.19 13.30 11.57
C ILE F 36 -5.52 13.70 10.26
N GLU F 37 -4.92 14.89 10.25
CA GLU F 37 -4.19 15.37 9.07
C GLU F 37 -2.71 14.97 9.14
N ILE F 38 -2.49 13.67 9.25
CA ILE F 38 -1.13 13.14 9.11
C ILE F 38 -0.71 13.28 7.65
N GLY F 39 0.39 13.97 7.42
CA GLY F 39 0.82 14.26 6.06
C GLY F 39 0.07 15.43 5.47
N GLY F 40 -0.29 15.33 4.20
CA GLY F 40 -1.03 16.39 3.54
C GLY F 40 -2.41 15.95 3.09
N ASN F 41 -2.91 14.88 3.69
CA ASN F 41 -4.23 14.35 3.37
C ASN F 41 -5.03 14.15 4.64
N PHE F 42 -6.35 14.11 4.48
CA PHE F 42 -7.22 13.60 5.54
C PHE F 42 -7.09 12.09 5.57
N ILE F 43 -6.87 11.54 6.77
CA ILE F 43 -6.67 10.10 6.95
C ILE F 43 -7.69 9.62 7.98
N LYS F 44 -8.73 8.92 7.51
CA LYS F 44 -9.82 8.50 8.38
C LYS F 44 -9.39 7.30 9.22
N PHE F 45 -9.47 7.45 10.54
CA PHE F 45 -9.06 6.40 11.46
C PHE F 45 -10.23 5.59 12.01
N THR F 46 -11.30 6.25 12.45
CA THR F 46 -12.41 5.56 13.09
C THR F 46 -13.71 6.28 12.81
N ALA F 47 -14.80 5.52 12.85
CA ALA F 47 -16.16 6.05 12.70
C ALA F 47 -16.81 6.07 14.07
N ILE F 48 -17.28 7.24 14.50
CA ILE F 48 -17.81 7.46 15.84
C ILE F 48 -19.29 7.75 15.75
N GLY F 49 -20.08 7.08 16.59
CA GLY F 49 -21.50 7.34 16.70
C GLY F 49 -21.89 7.58 18.14
N VAL F 50 -22.45 8.74 18.44
CA VAL F 50 -22.81 9.13 19.79
C VAL F 50 -24.31 8.87 19.98
N TYR F 51 -24.65 7.83 20.73
CA TYR F 51 -26.02 7.53 21.07
C TYR F 51 -26.43 8.32 22.31
N LEU F 52 -27.72 8.66 22.37
CA LEU F 52 -28.29 9.38 23.50
C LEU F 52 -29.44 8.57 24.10
N GLU F 53 -29.58 8.67 25.42
CA GLU F 53 -30.71 8.06 26.09
C GLU F 53 -32.01 8.59 25.51
N ASP F 54 -33.08 7.81 25.69
CA ASP F 54 -34.38 8.22 25.18
C ASP F 54 -34.90 9.47 25.88
N ALA F 55 -34.59 9.63 27.17
CA ALA F 55 -35.05 10.80 27.92
C ALA F 55 -34.34 12.07 27.51
N ALA F 56 -33.25 11.99 26.73
CA ALA F 56 -32.51 13.17 26.36
C ALA F 56 -33.37 14.14 25.56
N VAL F 57 -34.30 13.63 24.75
CA VAL F 57 -35.14 14.50 23.92
C VAL F 57 -35.93 15.45 24.80
N SER F 58 -36.51 14.94 25.88
CA SER F 58 -37.32 15.79 26.76
C SER F 58 -36.49 16.92 27.36
N ALA F 59 -35.24 16.63 27.73
CA ALA F 59 -34.40 17.63 28.38
C ALA F 59 -33.98 18.72 27.39
N LEU F 60 -33.36 18.32 26.28
CA LEU F 60 -32.78 19.30 25.36
C LEU F 60 -33.83 20.19 24.72
N ALA F 61 -35.10 19.77 24.68
CA ALA F 61 -36.15 20.60 24.11
C ALA F 61 -36.45 21.81 25.00
N LYS F 62 -36.11 21.76 26.28
CA LYS F 62 -36.38 22.89 27.17
C LYS F 62 -35.72 24.16 26.67
N LYS F 63 -34.56 24.05 26.02
CA LYS F 63 -33.82 25.21 25.54
C LYS F 63 -33.39 25.12 24.09
N TRP F 64 -33.73 24.04 23.38
CA TRP F 64 -33.26 23.85 22.02
C TRP F 64 -34.34 23.45 21.03
N ALA F 65 -35.58 23.27 21.47
CA ALA F 65 -36.64 22.88 20.56
C ALA F 65 -36.89 23.96 19.52
N GLY F 66 -37.59 23.57 18.45
CA GLY F 66 -37.96 24.51 17.40
C GLY F 66 -36.79 24.98 16.56
N LYS F 67 -35.56 24.78 17.04
CA LYS F 67 -34.38 25.26 16.35
C LYS F 67 -33.99 24.31 15.22
N THR F 68 -33.55 24.89 14.11
CA THR F 68 -33.04 24.12 12.99
C THR F 68 -31.75 23.40 13.41
N ALA F 69 -31.08 22.79 12.44
CA ALA F 69 -29.77 22.20 12.69
C ALA F 69 -28.64 23.21 12.50
N ASP F 70 -28.78 24.11 11.54
CA ASP F 70 -27.80 25.19 11.38
C ASP F 70 -27.62 25.96 12.68
N GLU F 71 -28.68 26.03 13.49
CA GLU F 71 -28.61 26.76 14.76
C GLU F 71 -27.98 25.91 15.85
N LEU F 72 -28.46 24.68 16.04
CA LEU F 72 -27.83 23.78 17.00
C LEU F 72 -26.39 23.46 16.59
N ALA F 73 -26.10 23.47 15.28
CA ALA F 73 -24.76 23.15 14.84
C ALA F 73 -23.75 24.21 15.26
N SER F 74 -24.14 25.48 15.22
CA SER F 74 -23.22 26.59 15.46
C SER F 74 -23.40 27.21 16.85
N ASP F 75 -24.08 26.51 17.75
CA ASP F 75 -24.26 26.97 19.13
C ASP F 75 -23.42 26.07 20.04
N ALA F 76 -22.24 26.56 20.43
CA ALA F 76 -21.37 25.79 21.32
C ALA F 76 -22.05 25.41 22.63
N ALA F 77 -23.18 26.04 22.96
CA ALA F 77 -23.92 25.66 24.16
C ALA F 77 -24.67 24.35 23.95
N PHE F 78 -25.29 24.18 22.78
CA PHE F 78 -25.94 22.93 22.46
C PHE F 78 -25.02 21.74 22.72
N PHE F 79 -23.80 21.81 22.19
CA PHE F 79 -22.87 20.69 22.34
C PHE F 79 -22.40 20.55 23.78
N ARG F 80 -22.27 21.67 24.51
CA ARG F 80 -21.95 21.58 25.93
C ARG F 80 -23.14 21.06 26.74
N ASP F 81 -24.36 21.24 26.24
CA ASP F 81 -25.53 20.70 26.92
C ASP F 81 -25.73 19.21 26.64
N VAL F 82 -25.33 18.75 25.46
CA VAL F 82 -25.43 17.33 25.15
C VAL F 82 -24.32 16.53 25.82
N VAL F 83 -23.16 17.14 26.02
CA VAL F 83 -22.05 16.45 26.67
C VAL F 83 -22.30 16.32 28.17
N THR F 84 -22.67 17.43 28.81
CA THR F 84 -22.92 17.46 30.24
C THR F 84 -24.38 17.25 30.60
N GLY F 85 -25.18 16.71 29.67
CA GLY F 85 -26.58 16.47 29.96
C GLY F 85 -26.80 15.61 31.18
N ASP F 86 -28.05 15.61 31.65
CA ASP F 86 -28.46 14.81 32.79
C ASP F 86 -28.99 13.44 32.39
N PHE F 87 -28.50 12.88 31.29
CA PHE F 87 -28.96 11.60 30.76
C PHE F 87 -27.76 10.74 30.41
N GLU F 88 -28.04 9.51 29.98
CA GLU F 88 -26.98 8.59 29.59
C GLU F 88 -26.53 8.85 28.16
N LYS F 89 -25.22 8.78 27.95
CA LYS F 89 -24.63 8.83 26.61
C LYS F 89 -23.92 7.53 26.33
N PHE F 90 -24.06 7.03 25.11
CA PHE F 90 -23.40 5.81 24.66
C PHE F 90 -22.66 6.11 23.37
N THR F 91 -21.34 5.93 23.37
CA THR F 91 -20.49 6.28 22.25
C THR F 91 -19.72 5.05 21.80
N ARG F 92 -20.03 4.55 20.62
CA ARG F 92 -19.27 3.47 20.01
C ARG F 92 -18.20 4.06 19.09
N VAL F 93 -16.96 3.62 19.29
CA VAL F 93 -15.84 4.00 18.43
C VAL F 93 -15.47 2.77 17.62
N THR F 94 -15.67 2.85 16.30
CA THR F 94 -15.41 1.73 15.40
C THR F 94 -14.20 2.05 14.53
N MET F 95 -13.28 1.09 14.41
CA MET F 95 -12.02 1.32 13.72
C MET F 95 -12.21 1.24 12.21
N LEU F 96 -11.52 2.15 11.50
CA LEU F 96 -11.34 2.07 10.06
C LEU F 96 -9.93 1.65 9.67
N LEU F 97 -8.95 2.00 10.49
CA LEU F 97 -7.58 1.51 10.40
C LEU F 97 -7.19 0.94 11.76
N PRO F 98 -6.22 0.04 11.80
CA PRO F 98 -5.91 -0.65 13.06
C PRO F 98 -5.20 0.26 14.05
N LEU F 99 -5.68 0.25 15.29
CA LEU F 99 -5.05 0.97 16.39
C LEU F 99 -4.82 0.04 17.56
N THR F 100 -3.72 0.24 18.26
CA THR F 100 -3.49 -0.43 19.53
C THR F 100 -4.21 0.34 20.64
N GLY F 101 -4.84 -0.39 21.56
CA GLY F 101 -5.45 0.25 22.70
C GLY F 101 -4.49 1.20 23.39
N GLU F 102 -3.26 0.75 23.62
CA GLU F 102 -2.23 1.61 24.18
C GLU F 102 -2.09 2.90 23.40
N GLN F 103 -2.20 2.85 22.07
CA GLN F 103 -2.09 4.06 21.27
C GLN F 103 -3.36 4.90 21.37
N TYR F 104 -4.54 4.27 21.30
CA TYR F 104 -5.78 5.03 21.36
C TYR F 104 -5.94 5.76 22.68
N ALA F 105 -5.90 5.00 23.79
CA ALA F 105 -6.06 5.63 25.10
C ALA F 105 -4.99 6.68 25.35
N GLY F 106 -3.78 6.47 24.84
CA GLY F 106 -2.72 7.43 25.06
C GLY F 106 -3.05 8.82 24.54
N LYS F 107 -3.51 8.90 23.29
CA LYS F 107 -3.74 10.20 22.67
C LYS F 107 -4.96 10.89 23.25
N VAL F 108 -6.02 10.13 23.56
CA VAL F 108 -7.22 10.74 24.13
C VAL F 108 -6.94 11.26 25.54
N THR F 109 -5.98 10.66 26.24
CA THR F 109 -5.60 11.16 27.56
C THR F 109 -4.64 12.33 27.43
N GLU F 110 -3.60 12.19 26.60
CA GLU F 110 -2.65 13.27 26.38
C GLU F 110 -3.37 14.58 26.06
N ASN F 111 -4.57 14.51 25.49
CA ASN F 111 -5.34 15.70 25.19
C ASN F 111 -5.98 16.28 26.46
N CYS F 112 -6.96 15.56 27.02
CA CYS F 112 -7.69 16.07 28.17
C CYS F 112 -6.74 16.47 29.30
N VAL F 113 -5.85 15.56 29.67
CA VAL F 113 -4.90 15.77 30.78
C VAL F 113 -4.32 17.18 30.69
N ALA F 114 -4.08 17.66 29.47
CA ALA F 114 -3.65 19.03 29.27
C ALA F 114 -4.83 19.98 29.21
N PHE F 115 -5.93 19.56 28.59
CA PHE F 115 -7.11 20.41 28.53
C PHE F 115 -7.54 20.86 29.92
N TRP F 116 -7.47 19.95 30.90
CA TRP F 116 -7.72 20.33 32.28
C TRP F 116 -6.67 21.32 32.74
N LYS F 117 -5.43 20.84 32.94
CA LYS F 117 -4.30 21.65 33.38
C LYS F 117 -4.36 23.07 32.85
N ALA F 118 -4.74 23.23 31.59
CA ALA F 118 -4.79 24.57 30.98
C ALA F 118 -5.73 25.48 31.76
N VAL F 119 -6.98 25.07 31.93
CA VAL F 119 -7.94 25.82 32.72
C VAL F 119 -7.95 25.35 34.17
N GLY F 120 -6.93 24.57 34.54
CA GLY F 120 -6.82 24.06 35.91
C GLY F 120 -7.54 22.74 36.09
N LEU F 121 -7.74 22.39 37.35
CA LEU F 121 -8.56 21.24 37.71
C LEU F 121 -7.92 19.93 37.26
N TYR F 122 -6.61 19.79 37.47
CA TYR F 122 -5.94 18.50 37.23
C TYR F 122 -5.62 17.81 38.55
N THR F 123 -6.64 17.65 39.40
CA THR F 123 -6.46 17.02 40.68
C THR F 123 -6.02 15.56 40.50
N ASP F 124 -5.70 14.92 41.63
CA ASP F 124 -5.43 13.49 41.60
C ASP F 124 -6.62 12.71 41.06
N ALA F 125 -7.83 13.24 41.24
CA ALA F 125 -9.02 12.63 40.65
C ALA F 125 -8.83 12.39 39.16
N GLU F 126 -8.60 13.46 38.41
CA GLU F 126 -8.31 13.34 36.99
C GLU F 126 -7.13 12.42 36.71
N GLY F 127 -6.34 12.08 37.74
CA GLY F 127 -5.21 11.18 37.58
C GLY F 127 -5.57 9.73 37.82
N VAL F 128 -6.15 9.43 38.98
CA VAL F 128 -6.53 8.05 39.29
C VAL F 128 -7.44 7.49 38.20
N ALA F 129 -8.29 8.33 37.62
CA ALA F 129 -9.16 7.87 36.55
C ALA F 129 -8.39 7.61 35.26
N VAL F 130 -7.41 8.47 34.96
CA VAL F 130 -6.65 8.32 33.72
C VAL F 130 -5.82 7.03 33.76
N GLU F 131 -5.09 6.83 34.86
CA GLU F 131 -4.36 5.57 35.01
C GLU F 131 -5.30 4.38 34.89
N LYS F 132 -6.51 4.48 35.46
CA LYS F 132 -7.50 3.44 35.28
C LYS F 132 -7.93 3.33 33.83
N PHE F 133 -8.18 4.47 33.18
CA PHE F 133 -8.49 4.47 31.76
C PHE F 133 -7.40 3.76 30.96
N LYS F 134 -6.14 4.13 31.19
CA LYS F 134 -5.03 3.52 30.47
C LYS F 134 -4.86 2.06 30.88
N GLU F 135 -4.91 1.79 32.20
CA GLU F 135 -4.84 0.43 32.70
C GLU F 135 -5.78 -0.50 31.95
N ALA F 136 -6.88 0.02 31.41
CA ALA F 136 -7.93 -0.81 30.83
C ALA F 136 -7.75 -1.03 29.33
N PHE F 137 -7.13 -0.11 28.61
CA PHE F 137 -6.92 -0.29 27.18
C PHE F 137 -5.65 -1.08 26.88
N LYS F 138 -4.53 -0.69 27.50
CA LYS F 138 -3.19 -1.22 27.27
C LYS F 138 -3.20 -2.62 26.67
N PRO F 139 -3.77 -3.62 27.36
CA PRO F 139 -3.76 -4.99 26.82
C PRO F 139 -4.79 -5.21 25.73
N GLU F 140 -5.11 -4.17 24.96
CA GLU F 140 -6.13 -4.25 23.92
C GLU F 140 -5.56 -3.77 22.60
N THR F 141 -6.08 -4.34 21.51
CA THR F 141 -5.69 -3.97 20.16
C THR F 141 -6.91 -4.14 19.25
N PHE F 142 -7.23 -3.10 18.48
CA PHE F 142 -8.47 -3.04 17.71
C PHE F 142 -8.17 -3.13 16.22
N PRO F 143 -8.23 -4.32 15.62
CA PRO F 143 -8.13 -4.42 14.18
C PRO F 143 -9.33 -3.76 13.52
N PRO F 144 -9.22 -3.38 12.25
CA PRO F 144 -10.33 -2.68 11.59
C PRO F 144 -11.64 -3.45 11.77
N GLY F 145 -12.67 -2.73 12.24
CA GLY F 145 -13.97 -3.30 12.48
C GLY F 145 -14.29 -3.50 13.94
N ALA F 146 -13.29 -3.47 14.82
CA ALA F 146 -13.54 -3.55 16.25
C ALA F 146 -14.12 -2.23 16.75
N SER F 147 -14.44 -2.19 18.05
CA SER F 147 -15.11 -1.02 18.60
C SER F 147 -14.71 -0.81 20.05
N ILE F 148 -14.70 0.46 20.47
CA ILE F 148 -14.73 0.83 21.87
C ILE F 148 -16.16 1.25 22.21
N LEU F 149 -16.57 1.01 23.45
CA LEU F 149 -17.92 1.30 23.90
C LEU F 149 -17.85 2.12 25.18
N PHE F 150 -18.26 3.38 25.10
CA PHE F 150 -18.23 4.29 26.23
C PHE F 150 -19.62 4.48 26.79
N THR F 151 -19.73 4.41 28.12
CA THR F 151 -20.96 4.74 28.83
C THR F 151 -20.77 6.06 29.56
N HIS F 152 -21.73 6.96 29.43
CA HIS F 152 -21.69 8.28 30.07
C HIS F 152 -22.95 8.42 30.90
N SER F 153 -22.86 8.08 32.19
CA SER F 153 -23.99 8.21 33.08
C SER F 153 -24.35 9.67 33.31
N SER F 154 -25.54 9.90 33.85
CA SER F 154 -25.92 11.24 34.26
C SER F 154 -25.09 11.72 35.45
N THR F 155 -24.55 10.79 36.24
CA THR F 155 -23.72 11.14 37.38
C THR F 155 -22.25 11.31 37.02
N GLY F 156 -21.83 10.84 35.85
CA GLY F 156 -20.46 10.97 35.44
C GLY F 156 -19.63 9.72 35.70
N VAL F 157 -20.18 8.55 35.36
CA VAL F 157 -19.49 7.28 35.51
C VAL F 157 -19.22 6.72 34.12
N LEU F 158 -17.95 6.52 33.80
CA LEU F 158 -17.52 6.11 32.46
C LEU F 158 -17.21 4.62 32.49
N THR F 159 -18.16 3.81 32.05
CA THR F 159 -17.93 2.38 31.84
C THR F 159 -17.33 2.18 30.45
N VAL F 160 -16.13 1.62 30.40
CA VAL F 160 -15.37 1.47 29.16
C VAL F 160 -15.30 -0.01 28.83
N ALA F 161 -15.96 -0.41 27.74
CA ALA F 161 -15.97 -1.79 27.27
C ALA F 161 -15.46 -1.84 25.83
N PHE F 162 -15.24 -3.06 25.36
CA PHE F 162 -14.67 -3.27 24.04
C PHE F 162 -15.42 -4.39 23.32
N SER F 163 -15.33 -4.39 22.00
CA SER F 163 -15.96 -5.41 21.17
C SER F 163 -14.99 -5.83 20.07
N LYS F 164 -15.32 -6.93 19.41
CA LYS F 164 -14.57 -7.39 18.25
C LYS F 164 -15.11 -6.84 16.94
N ASP F 165 -16.34 -6.37 16.93
CA ASP F 165 -17.03 -5.95 15.72
C ASP F 165 -17.93 -4.76 16.04
N SER F 166 -18.73 -4.35 15.06
CA SER F 166 -19.68 -3.26 15.26
C SER F 166 -20.89 -3.73 16.05
N SER F 167 -20.66 -4.37 17.20
CA SER F 167 -21.74 -4.86 18.05
C SER F 167 -21.35 -4.70 19.50
N VAL F 168 -22.29 -4.23 20.31
CA VAL F 168 -22.03 -3.96 21.73
C VAL F 168 -22.19 -5.25 22.51
N PRO F 169 -21.15 -5.71 23.21
CA PRO F 169 -21.29 -6.89 24.08
C PRO F 169 -22.44 -6.75 25.07
N ALA F 170 -22.81 -7.86 25.70
CA ALA F 170 -23.86 -7.84 26.72
C ALA F 170 -23.32 -7.63 28.12
N SER F 171 -22.07 -8.01 28.36
CA SER F 171 -21.46 -7.83 29.67
C SER F 171 -20.67 -6.52 29.70
N GLY F 172 -20.64 -5.90 30.88
CA GLY F 172 -20.00 -4.61 31.05
C GLY F 172 -18.49 -4.70 31.09
N GLY F 173 -17.87 -3.53 31.28
CA GLY F 173 -16.43 -3.41 31.30
C GLY F 173 -15.96 -2.61 32.49
N VAL F 174 -14.95 -1.77 32.25
CA VAL F 174 -14.33 -0.99 33.31
C VAL F 174 -15.16 0.25 33.58
N ALA F 175 -15.51 0.46 34.85
CA ALA F 175 -16.28 1.61 35.29
C ALA F 175 -15.37 2.57 36.04
N ILE F 176 -15.16 3.76 35.48
CA ILE F 176 -14.36 4.81 36.09
C ILE F 176 -15.29 5.92 36.54
N GLU F 177 -15.19 6.30 37.81
CA GLU F 177 -16.11 7.25 38.41
C GLU F 177 -15.43 8.62 38.52
N ASN F 178 -15.50 9.37 37.42
CA ASN F 178 -14.98 10.74 37.41
C ASN F 178 -15.77 11.51 36.35
N LYS F 179 -16.79 12.24 36.78
CA LYS F 179 -17.53 13.11 35.86
C LYS F 179 -16.58 13.91 34.98
N HIS F 180 -15.50 14.45 35.57
CA HIS F 180 -14.56 15.25 34.81
C HIS F 180 -13.94 14.45 33.68
N LEU F 181 -13.71 13.15 33.92
CA LEU F 181 -13.17 12.30 32.86
C LEU F 181 -14.26 11.83 31.91
N CYS F 182 -15.39 11.38 32.45
CA CYS F 182 -16.48 10.90 31.61
C CYS F 182 -16.88 11.94 30.57
N GLU F 183 -17.13 13.17 31.00
CA GLU F 183 -17.50 14.22 30.05
C GLU F 183 -16.33 14.59 29.15
N ALA F 184 -15.10 14.48 29.65
CA ALA F 184 -13.94 14.79 28.83
C ALA F 184 -13.87 13.89 27.60
N VAL F 185 -14.26 12.62 27.75
CA VAL F 185 -14.22 11.69 26.62
C VAL F 185 -15.26 12.09 25.57
N LEU F 186 -16.51 12.26 25.99
CA LEU F 186 -17.53 12.76 25.08
C LEU F 186 -17.22 14.17 24.61
N GLU F 187 -16.62 14.98 25.49
CA GLU F 187 -16.20 16.33 25.10
C GLU F 187 -15.29 16.28 23.88
N SER F 188 -14.36 15.33 23.84
CA SER F 188 -13.34 15.30 22.80
C SER F 188 -13.84 14.82 21.45
N ILE F 189 -15.08 14.36 21.36
CA ILE F 189 -15.67 13.96 20.08
C ILE F 189 -16.55 15.07 19.51
N ILE F 190 -17.49 15.57 20.30
CA ILE F 190 -18.54 16.45 19.80
C ILE F 190 -18.47 17.81 20.48
N GLY F 191 -17.27 18.24 20.84
CA GLY F 191 -17.08 19.46 21.60
C GLY F 191 -16.61 20.63 20.76
N GLU F 192 -16.06 21.64 21.44
CA GLU F 192 -15.56 22.84 20.79
C GLU F 192 -14.55 22.48 19.70
N HIS F 193 -13.37 22.02 20.10
CA HIS F 193 -12.38 21.52 19.16
C HIS F 193 -12.43 19.99 19.17
N GLY F 194 -13.56 19.47 18.70
CA GLY F 194 -13.85 18.05 18.79
C GLY F 194 -13.32 17.27 17.60
N VAL F 195 -12.83 16.06 17.89
CA VAL F 195 -12.14 15.25 16.89
C VAL F 195 -13.05 14.83 15.75
N SER F 196 -14.37 14.84 15.95
CA SER F 196 -15.32 14.34 14.97
C SER F 196 -16.36 15.40 14.65
N PRO F 197 -15.97 16.48 13.98
CA PRO F 197 -16.96 17.49 13.58
C PRO F 197 -18.05 16.92 12.70
N ALA F 198 -17.73 15.92 11.87
CA ALA F 198 -18.78 15.23 11.12
C ALA F 198 -19.87 14.74 12.05
N ALA F 199 -19.49 14.20 13.21
CA ALA F 199 -20.48 13.80 14.21
C ALA F 199 -21.26 15.01 14.71
N LYS F 200 -20.56 16.09 15.05
CA LYS F 200 -21.23 17.30 15.51
C LYS F 200 -22.33 17.71 14.55
N LEU F 201 -21.99 17.82 13.26
CA LEU F 201 -23.00 18.15 12.26
C LEU F 201 -24.11 17.10 12.23
N SER F 202 -23.74 15.83 12.34
CA SER F 202 -24.75 14.77 12.41
C SER F 202 -25.64 14.96 13.64
N LEU F 203 -25.03 15.17 14.80
CA LEU F 203 -25.80 15.41 16.02
C LEU F 203 -26.76 16.58 15.85
N ALA F 204 -26.26 17.71 15.36
CA ALA F 204 -27.09 18.90 15.21
C ALA F 204 -28.27 18.62 14.29
N ALA F 205 -27.99 18.11 13.08
CA ALA F 205 -29.04 17.92 12.10
C ALA F 205 -30.15 17.02 12.63
N ARG F 206 -29.78 15.91 13.27
CA ARG F 206 -30.78 14.95 13.73
C ARG F 206 -31.50 15.44 14.98
N VAL F 207 -30.75 15.85 16.01
CA VAL F 207 -31.38 16.36 17.23
C VAL F 207 -32.34 17.49 16.91
N SER F 208 -32.01 18.30 15.90
CA SER F 208 -32.87 19.44 15.55
C SER F 208 -34.27 18.99 15.18
N GLU F 209 -34.38 17.96 14.33
CA GLU F 209 -35.70 17.52 13.89
C GLU F 209 -36.43 16.79 15.02
N LEU F 210 -35.71 16.01 15.82
CA LEU F 210 -36.35 15.32 16.95
C LEU F 210 -37.05 16.31 17.87
N LEU F 211 -36.53 17.53 17.99
CA LEU F 211 -37.26 18.60 18.64
C LEU F 211 -38.33 19.19 17.73
N THR F 212 -38.67 18.49 16.65
CA THR F 212 -39.75 18.88 15.76
C THR F 212 -40.67 17.69 15.47
N VAL G 3 10.89 -52.69 -9.40
CA VAL G 3 12.08 -52.79 -10.25
C VAL G 3 13.02 -53.87 -9.73
N PRO G 4 14.05 -54.20 -10.51
CA PRO G 4 15.03 -55.18 -10.06
C PRO G 4 16.17 -54.55 -9.28
N GLU G 5 17.16 -55.34 -8.88
CA GLU G 5 18.33 -54.81 -8.22
C GLU G 5 19.40 -54.44 -9.26
N VAL G 6 20.47 -53.82 -8.78
CA VAL G 6 21.61 -53.48 -9.63
C VAL G 6 22.88 -53.59 -8.79
N VAL G 7 23.82 -54.42 -9.25
CA VAL G 7 25.10 -54.61 -8.58
C VAL G 7 26.18 -53.89 -9.39
N VAL G 8 27.06 -53.18 -8.69
CA VAL G 8 28.13 -52.41 -9.32
C VAL G 8 29.43 -52.78 -8.61
N GLU G 9 30.23 -53.64 -9.24
CA GLU G 9 31.55 -53.99 -8.74
C GLU G 9 31.46 -54.56 -7.32
N GLY G 10 30.66 -55.61 -7.19
CA GLY G 10 30.50 -56.26 -5.91
C GLY G 10 29.44 -55.67 -5.01
N VAL G 11 29.20 -54.37 -5.14
CA VAL G 11 28.23 -53.69 -4.30
C VAL G 11 26.82 -53.96 -4.82
N VAL G 12 25.90 -54.25 -3.91
CA VAL G 12 24.54 -54.64 -4.25
C VAL G 12 23.60 -53.49 -3.87
N PHE G 13 22.85 -52.99 -4.86
CA PHE G 13 21.88 -51.93 -4.62
C PHE G 13 20.48 -52.52 -4.62
N PRO G 14 19.75 -52.50 -3.51
CA PRO G 14 18.39 -53.03 -3.52
C PRO G 14 17.46 -52.11 -4.28
N PRO G 15 16.36 -52.64 -4.83
CA PRO G 15 15.50 -51.81 -5.68
C PRO G 15 14.71 -50.75 -4.93
N VAL G 16 14.41 -50.96 -3.65
CA VAL G 16 13.63 -50.02 -2.86
C VAL G 16 14.37 -49.77 -1.55
N ALA G 17 14.63 -48.50 -1.25
CA ALA G 17 15.41 -48.14 -0.07
C ALA G 17 14.79 -46.93 0.61
N ARG G 18 14.69 -46.99 1.95
CA ARG G 18 14.21 -45.89 2.75
C ARG G 18 15.38 -44.96 3.10
N PRO G 19 15.23 -43.65 2.91
CA PRO G 19 16.36 -42.74 3.11
C PRO G 19 16.84 -42.78 4.55
N PRO G 20 17.94 -42.08 4.86
CA PRO G 20 18.40 -42.00 6.26
C PRO G 20 17.30 -41.55 7.20
N GLY G 21 16.72 -42.47 7.94
CA GLY G 21 15.59 -42.14 8.80
C GLY G 21 14.41 -41.64 8.03
N SER G 22 13.46 -42.52 7.74
CA SER G 22 12.24 -42.19 7.01
C SER G 22 11.59 -43.44 6.45
N ALA G 23 10.28 -43.39 6.22
CA ALA G 23 9.56 -44.45 5.52
C ALA G 23 9.23 -44.07 4.09
N GLY G 24 9.69 -42.90 3.62
CA GLY G 24 9.49 -42.50 2.25
C GLY G 24 10.12 -43.47 1.28
N SER G 25 9.31 -44.31 0.65
CA SER G 25 9.82 -45.35 -0.23
C SER G 25 10.51 -44.73 -1.44
N HIS G 26 11.79 -45.06 -1.61
CA HIS G 26 12.57 -44.65 -2.78
C HIS G 26 12.94 -45.88 -3.60
N PHE G 27 12.83 -45.77 -4.91
CA PHE G 27 13.12 -46.86 -5.82
C PHE G 27 14.42 -46.59 -6.56
N LEU G 28 15.27 -47.61 -6.63
CA LEU G 28 16.56 -47.49 -7.31
C LEU G 28 16.37 -46.97 -8.73
N GLY G 29 16.56 -45.66 -8.92
CA GLY G 29 16.48 -45.09 -10.25
C GLY G 29 17.64 -45.45 -11.15
N GLY G 30 18.80 -45.78 -10.56
CA GLY G 30 19.96 -46.17 -11.34
C GLY G 30 21.21 -46.25 -10.49
N ALA G 31 22.15 -47.09 -10.91
CA ALA G 31 23.42 -47.24 -10.22
C ALA G 31 24.52 -47.45 -11.25
N GLY G 32 25.67 -46.83 -11.00
CA GLY G 32 26.81 -46.95 -11.90
C GLY G 32 28.12 -47.06 -11.16
N VAL G 33 29.21 -46.74 -11.85
CA VAL G 33 30.55 -46.78 -11.28
C VAL G 33 31.29 -45.51 -11.68
N ARG G 34 32.00 -44.92 -10.72
CA ARG G 34 32.82 -43.75 -10.96
C ARG G 34 34.29 -44.10 -10.91
N GLY G 35 35.05 -43.58 -11.86
CA GLY G 35 36.48 -43.78 -11.88
C GLY G 35 37.18 -42.63 -12.54
N ILE G 36 38.37 -42.31 -12.05
CA ILE G 36 39.23 -41.34 -12.67
C ILE G 36 40.27 -42.08 -13.51
N GLU G 37 41.01 -41.34 -14.32
CA GLU G 37 41.88 -41.93 -15.34
C GLU G 37 43.32 -41.90 -14.84
N ILE G 38 43.73 -42.99 -14.17
CA ILE G 38 45.11 -43.13 -13.72
C ILE G 38 45.97 -43.57 -14.89
N GLY G 39 46.46 -42.61 -15.67
CA GLY G 39 47.28 -42.91 -16.83
C GLY G 39 46.60 -43.84 -17.81
N GLY G 40 45.44 -43.43 -18.31
CA GLY G 40 44.69 -44.25 -19.25
C GLY G 40 44.17 -45.55 -18.70
N ASN G 41 44.18 -45.73 -17.38
CA ASN G 41 43.72 -46.96 -16.74
C ASN G 41 42.46 -46.65 -15.95
N PHE G 42 41.30 -46.89 -16.57
CA PHE G 42 40.02 -46.60 -15.93
C PHE G 42 39.94 -47.28 -14.57
N ILE G 43 40.35 -46.57 -13.52
CA ILE G 43 40.35 -47.11 -12.17
C ILE G 43 38.97 -46.92 -11.55
N LYS G 44 38.40 -48.01 -11.04
CA LYS G 44 37.11 -47.94 -10.35
C LYS G 44 37.34 -47.51 -8.91
N PHE G 45 36.81 -46.34 -8.55
CA PHE G 45 36.94 -45.81 -7.20
C PHE G 45 35.69 -46.09 -6.36
N THR G 46 34.53 -45.67 -6.84
CA THR G 46 33.29 -45.79 -6.09
C THR G 46 32.20 -46.38 -6.97
N ALA G 47 31.11 -46.79 -6.32
CA ALA G 47 29.91 -47.27 -6.99
C ALA G 47 28.72 -46.55 -6.37
N ILE G 48 28.01 -45.76 -7.18
CA ILE G 48 26.96 -44.88 -6.68
C ILE G 48 25.61 -45.36 -7.18
N GLY G 49 24.59 -45.18 -6.36
CA GLY G 49 23.23 -45.48 -6.73
C GLY G 49 22.29 -44.34 -6.36
N VAL G 50 21.51 -43.87 -7.33
CA VAL G 50 20.62 -42.72 -7.15
C VAL G 50 19.20 -43.23 -7.05
N TYR G 51 18.56 -42.99 -5.90
CA TYR G 51 17.17 -43.34 -5.67
C TYR G 51 16.29 -42.10 -5.75
N LEU G 52 15.09 -42.26 -6.29
CA LEU G 52 14.11 -41.20 -6.37
C LEU G 52 12.90 -41.54 -5.51
N GLU G 53 12.32 -40.52 -4.89
CA GLU G 53 11.06 -40.70 -4.18
C GLU G 53 10.05 -41.37 -5.10
N ASP G 54 9.29 -42.32 -4.53
CA ASP G 54 8.32 -43.08 -5.32
C ASP G 54 7.46 -42.16 -6.18
N ALA G 55 6.82 -41.18 -5.56
CA ALA G 55 5.95 -40.25 -6.29
C ALA G 55 6.67 -39.41 -7.32
N ALA G 56 7.96 -39.71 -7.57
CA ALA G 56 8.70 -38.96 -8.57
C ALA G 56 8.23 -39.29 -10.00
N VAL G 57 7.81 -40.54 -10.24
CA VAL G 57 7.36 -40.92 -11.57
C VAL G 57 6.19 -40.06 -12.02
N SER G 58 5.35 -39.63 -11.06
CA SER G 58 4.21 -38.79 -11.41
C SER G 58 4.63 -37.44 -11.99
N ALA G 59 5.85 -36.99 -11.69
CA ALA G 59 6.33 -35.71 -12.18
C ALA G 59 7.14 -35.84 -13.47
N LEU G 60 7.97 -36.88 -13.57
CA LEU G 60 8.79 -37.04 -14.77
C LEU G 60 7.96 -37.44 -15.97
N ALA G 61 7.01 -38.36 -15.79
CA ALA G 61 6.15 -38.77 -16.90
C ALA G 61 5.37 -37.61 -17.48
N LYS G 62 5.25 -36.50 -16.74
CA LYS G 62 4.64 -35.29 -17.30
C LYS G 62 5.34 -34.88 -18.60
N LYS G 63 6.66 -35.06 -18.65
CA LYS G 63 7.49 -34.57 -19.74
C LYS G 63 8.18 -35.67 -20.53
N TRP G 64 8.59 -36.77 -19.88
CA TRP G 64 9.43 -37.78 -20.49
C TRP G 64 8.70 -39.10 -20.71
N ALA G 65 7.38 -39.11 -20.57
CA ALA G 65 6.62 -40.35 -20.64
C ALA G 65 6.93 -41.12 -21.92
N GLY G 66 7.23 -42.41 -21.76
CA GLY G 66 7.38 -43.30 -22.90
C GLY G 66 8.43 -42.88 -23.91
N LYS G 67 9.52 -42.28 -23.46
CA LYS G 67 10.65 -42.00 -24.33
C LYS G 67 11.71 -43.08 -24.18
N THR G 68 12.57 -43.19 -25.20
CA THR G 68 13.51 -44.29 -25.27
C THR G 68 14.54 -44.22 -24.15
N ALA G 69 15.02 -45.39 -23.74
CA ALA G 69 16.20 -45.43 -22.88
C ALA G 69 17.38 -44.75 -23.55
N ASP G 70 17.37 -44.65 -24.88
CA ASP G 70 18.36 -43.89 -25.62
C ASP G 70 17.94 -42.44 -25.84
N GLU G 71 16.63 -42.16 -25.89
CA GLU G 71 16.16 -40.78 -25.89
C GLU G 71 16.52 -40.09 -24.58
N LEU G 72 15.99 -40.60 -23.47
CA LEU G 72 16.28 -40.03 -22.16
C LEU G 72 17.77 -39.89 -21.93
N ALA G 73 18.57 -40.81 -22.47
CA ALA G 73 20.00 -40.84 -22.17
C ALA G 73 20.76 -39.69 -22.83
N SER G 74 20.21 -39.08 -23.89
CA SER G 74 20.91 -38.03 -24.61
C SER G 74 20.44 -36.63 -24.26
N ASP G 75 19.23 -36.48 -23.73
CA ASP G 75 18.69 -35.17 -23.39
C ASP G 75 19.14 -34.78 -21.99
N ALA G 76 20.01 -33.78 -21.90
CA ALA G 76 20.40 -33.24 -20.61
C ALA G 76 19.24 -32.55 -19.89
N ALA G 77 18.10 -32.38 -20.57
CA ALA G 77 16.92 -31.84 -19.89
C ALA G 77 16.32 -32.87 -18.94
N PHE G 78 16.26 -34.14 -19.35
CA PHE G 78 15.84 -35.20 -18.46
C PHE G 78 16.73 -35.26 -17.22
N PHE G 79 18.03 -35.51 -17.43
CA PHE G 79 18.96 -35.59 -16.32
C PHE G 79 18.89 -34.36 -15.44
N ARG G 80 18.47 -33.22 -16.00
CA ARG G 80 18.27 -32.02 -15.21
C ARG G 80 16.97 -32.07 -14.42
N ASP G 81 15.89 -32.57 -15.04
CA ASP G 81 14.62 -32.67 -14.33
C ASP G 81 14.73 -33.57 -13.11
N VAL G 82 15.61 -34.57 -13.15
CA VAL G 82 15.81 -35.43 -12.00
C VAL G 82 16.66 -34.72 -10.94
N VAL G 83 17.70 -34.00 -11.38
CA VAL G 83 18.57 -33.31 -10.43
C VAL G 83 17.82 -32.24 -9.66
N THR G 84 16.84 -31.59 -10.30
CA THR G 84 16.14 -30.46 -9.69
C THR G 84 14.63 -30.67 -9.68
N GLY G 85 14.18 -31.92 -9.69
CA GLY G 85 12.76 -32.20 -9.66
C GLY G 85 12.16 -32.00 -8.28
N ASP G 86 10.92 -31.53 -8.26
CA ASP G 86 10.24 -31.23 -7.00
C ASP G 86 9.87 -32.51 -6.26
N PHE G 87 10.87 -33.31 -5.93
CA PHE G 87 10.67 -34.53 -5.15
C PHE G 87 11.99 -34.88 -4.47
N GLU G 88 11.94 -35.88 -3.60
CA GLU G 88 13.08 -36.26 -2.78
C GLU G 88 14.00 -37.20 -3.54
N LYS G 89 15.31 -37.02 -3.35
CA LYS G 89 16.32 -37.84 -4.00
C LYS G 89 17.28 -38.38 -2.96
N PHE G 90 17.75 -39.61 -3.19
CA PHE G 90 18.63 -40.30 -2.25
C PHE G 90 19.77 -40.95 -3.02
N THR G 91 21.00 -40.77 -2.53
CA THR G 91 22.20 -41.21 -3.22
C THR G 91 23.12 -41.93 -2.25
N ARG G 92 23.52 -43.15 -2.59
CA ARG G 92 24.51 -43.91 -1.83
C ARG G 92 25.78 -44.04 -2.64
N VAL G 93 26.87 -43.48 -2.13
CA VAL G 93 28.19 -43.62 -2.74
C VAL G 93 28.94 -44.66 -1.93
N THR G 94 29.04 -45.88 -2.46
CA THR G 94 29.75 -46.97 -1.79
C THR G 94 31.18 -47.02 -2.30
N MET G 95 32.14 -46.92 -1.38
CA MET G 95 33.54 -46.88 -1.76
C MET G 95 34.01 -48.24 -2.24
N LEU G 96 34.86 -48.22 -3.28
CA LEU G 96 35.51 -49.44 -3.75
C LEU G 96 36.96 -49.43 -3.28
N LEU G 97 37.76 -48.52 -3.82
CA LEU G 97 39.04 -48.22 -3.20
C LEU G 97 38.82 -47.37 -1.95
N PRO G 98 39.62 -47.56 -0.91
CA PRO G 98 39.43 -46.75 0.31
C PRO G 98 39.71 -45.28 0.06
N LEU G 99 38.97 -44.44 0.78
CA LEU G 99 39.11 -42.99 0.67
C LEU G 99 39.04 -42.37 2.05
N THR G 100 39.42 -41.10 2.12
CA THR G 100 39.28 -40.30 3.33
C THR G 100 38.25 -39.19 3.09
N GLY G 101 37.25 -39.10 3.97
CA GLY G 101 36.21 -38.12 3.78
C GLY G 101 36.74 -36.72 3.59
N GLU G 102 37.78 -36.35 4.32
CA GLU G 102 38.46 -35.09 4.10
C GLU G 102 38.98 -34.96 2.68
N GLN G 103 38.91 -36.04 1.89
CA GLN G 103 39.37 -36.10 0.52
C GLN G 103 38.23 -36.21 -0.50
N TYR G 104 37.24 -37.07 -0.23
CA TYR G 104 36.06 -37.10 -1.09
C TYR G 104 35.29 -35.79 -1.00
N ALA G 105 35.07 -35.31 0.22
CA ALA G 105 34.47 -33.99 0.39
C ALA G 105 35.21 -32.95 -0.44
N GLY G 106 36.51 -33.10 -0.59
CA GLY G 106 37.28 -32.20 -1.43
C GLY G 106 36.79 -32.15 -2.86
N LYS G 107 36.86 -33.30 -3.55
CA LYS G 107 36.55 -33.31 -4.98
C LYS G 107 35.13 -32.86 -5.27
N VAL G 108 34.19 -33.15 -4.37
CA VAL G 108 32.80 -32.76 -4.63
C VAL G 108 32.64 -31.24 -4.52
N THR G 109 33.41 -30.59 -3.63
CA THR G 109 33.24 -29.16 -3.41
C THR G 109 33.84 -28.33 -4.54
N GLU G 110 35.17 -28.24 -4.59
CA GLU G 110 35.81 -27.30 -5.52
C GLU G 110 35.45 -27.58 -6.98
N ASN G 111 34.77 -28.68 -7.28
CA ASN G 111 34.02 -28.73 -8.54
C ASN G 111 32.86 -27.74 -8.51
N CYS G 112 32.18 -27.66 -7.36
CA CYS G 112 31.05 -26.75 -7.20
C CYS G 112 31.51 -25.32 -6.96
N VAL G 113 32.25 -25.10 -5.88
CA VAL G 113 32.66 -23.77 -5.45
C VAL G 113 33.34 -23.01 -6.58
N ALA G 114 33.76 -23.72 -7.62
CA ALA G 114 34.36 -23.10 -8.79
C ALA G 114 33.33 -22.73 -9.85
N PHE G 115 32.38 -23.64 -10.15
CA PHE G 115 31.38 -23.33 -11.15
C PHE G 115 30.46 -22.21 -10.68
N TRP G 116 30.10 -22.19 -9.40
CA TRP G 116 29.31 -21.08 -8.88
C TRP G 116 30.02 -19.76 -9.11
N LYS G 117 31.33 -19.71 -8.89
CA LYS G 117 32.08 -18.48 -9.17
C LYS G 117 32.09 -18.16 -10.66
N ALA G 118 32.19 -19.20 -11.50
CA ALA G 118 32.24 -18.97 -12.94
C ALA G 118 30.95 -18.37 -13.46
N VAL G 119 29.81 -18.85 -12.95
CA VAL G 119 28.51 -18.31 -13.36
C VAL G 119 28.03 -17.21 -12.43
N GLY G 120 28.81 -16.84 -11.42
CA GLY G 120 28.52 -15.68 -10.60
C GLY G 120 27.65 -15.91 -9.39
N LEU G 121 27.29 -17.16 -9.09
CA LEU G 121 26.37 -17.44 -8.00
C LEU G 121 27.04 -17.64 -6.64
N TYR G 122 28.37 -17.79 -6.60
CA TYR G 122 29.01 -18.12 -5.34
C TYR G 122 28.77 -17.01 -4.32
N THR G 123 27.51 -16.88 -3.87
CA THR G 123 27.17 -15.90 -2.86
C THR G 123 27.65 -16.38 -1.49
N ASP G 124 27.45 -15.53 -0.47
CA ASP G 124 27.75 -15.95 0.89
C ASP G 124 27.01 -17.23 1.24
N ALA G 125 25.89 -17.49 0.58
CA ALA G 125 25.11 -18.71 0.80
C ALA G 125 25.94 -19.95 0.51
N GLU G 126 26.27 -20.17 -0.77
CA GLU G 126 27.01 -21.37 -1.16
C GLU G 126 28.26 -21.56 -0.30
N GLY G 127 28.91 -20.46 0.07
CA GLY G 127 30.14 -20.53 0.84
C GLY G 127 30.02 -21.29 2.15
N VAL G 128 29.14 -20.81 3.04
CA VAL G 128 29.00 -21.44 4.35
C VAL G 128 28.46 -22.85 4.23
N ALA G 129 27.78 -23.18 3.12
CA ALA G 129 27.32 -24.55 2.92
C ALA G 129 28.47 -25.48 2.60
N VAL G 130 29.50 -24.98 1.90
CA VAL G 130 30.66 -25.81 1.58
C VAL G 130 31.52 -26.03 2.82
N GLU G 131 31.66 -24.99 3.65
CA GLU G 131 32.43 -25.14 4.88
C GLU G 131 31.70 -26.03 5.89
N LYS G 132 30.37 -25.95 5.91
CA LYS G 132 29.59 -26.90 6.71
C LYS G 132 29.65 -28.30 6.13
N PHE G 133 29.80 -28.40 4.81
CA PHE G 133 29.86 -29.69 4.14
C PHE G 133 31.17 -30.40 4.44
N LYS G 134 32.30 -29.71 4.25
CA LYS G 134 33.60 -30.33 4.46
C LYS G 134 33.86 -30.65 5.94
N GLU G 135 33.22 -29.92 6.85
CA GLU G 135 33.46 -30.14 8.27
C GLU G 135 32.75 -31.37 8.81
N ALA G 136 31.77 -31.91 8.08
CA ALA G 136 31.13 -33.16 8.47
C ALA G 136 31.82 -34.38 7.88
N PHE G 137 32.60 -34.20 6.81
CA PHE G 137 33.37 -35.28 6.23
C PHE G 137 34.75 -35.44 6.87
N LYS G 138 35.33 -34.35 7.35
CA LYS G 138 36.69 -34.28 7.85
C LYS G 138 37.05 -35.46 8.74
N PRO G 139 36.30 -35.71 9.82
CA PRO G 139 36.71 -36.78 10.75
C PRO G 139 36.32 -38.17 10.30
N GLU G 140 36.38 -38.43 8.98
CA GLU G 140 35.95 -39.71 8.44
C GLU G 140 36.99 -40.24 7.46
N THR G 141 36.96 -41.55 7.27
CA THR G 141 37.81 -42.23 6.29
C THR G 141 37.14 -43.52 5.91
N PHE G 142 36.84 -43.69 4.62
CA PHE G 142 35.96 -44.77 4.17
C PHE G 142 36.78 -45.89 3.54
N PRO G 143 36.86 -47.07 4.15
CA PRO G 143 37.52 -48.21 3.51
C PRO G 143 36.60 -48.85 2.50
N PRO G 144 37.07 -49.85 1.76
CA PRO G 144 36.20 -50.52 0.77
C PRO G 144 34.98 -51.13 1.45
N GLY G 145 33.81 -50.61 1.10
CA GLY G 145 32.57 -51.11 1.66
C GLY G 145 31.70 -50.02 2.28
N ALA G 146 32.36 -49.00 2.85
CA ALA G 146 31.63 -47.91 3.48
C ALA G 146 30.93 -47.04 2.43
N SER G 147 29.86 -46.37 2.87
CA SER G 147 29.03 -45.58 1.98
C SER G 147 29.01 -44.12 2.44
N ILE G 148 28.53 -43.25 1.55
CA ILE G 148 28.12 -41.89 1.88
C ILE G 148 26.69 -41.73 1.41
N LEU G 149 25.81 -41.31 2.32
CA LEU G 149 24.37 -41.25 2.05
C LEU G 149 23.92 -39.80 2.04
N PHE G 150 23.39 -39.35 0.90
CA PHE G 150 22.85 -38.02 0.74
C PHE G 150 21.34 -38.08 0.62
N THR G 151 20.68 -37.06 1.15
CA THR G 151 19.25 -36.86 0.97
C THR G 151 19.04 -35.49 0.32
N HIS G 152 18.37 -35.48 -0.83
CA HIS G 152 18.06 -34.25 -1.56
C HIS G 152 16.57 -33.96 -1.35
N SER G 153 16.27 -33.11 -0.38
CA SER G 153 14.89 -32.74 -0.12
C SER G 153 14.30 -32.02 -1.33
N SER G 154 12.97 -31.89 -1.33
CA SER G 154 12.30 -31.21 -2.44
C SER G 154 12.53 -29.70 -2.39
N THR G 155 12.77 -29.15 -1.20
CA THR G 155 13.04 -27.72 -1.05
C THR G 155 14.53 -27.39 -1.18
N GLY G 156 15.41 -28.36 -0.99
CA GLY G 156 16.83 -28.14 -1.18
C GLY G 156 17.66 -28.36 0.06
N VAL G 157 17.26 -29.30 0.91
CA VAL G 157 17.96 -29.59 2.16
C VAL G 157 18.77 -30.86 1.98
N LEU G 158 20.06 -30.79 2.29
CA LEU G 158 21.04 -31.83 1.96
C LEU G 158 21.44 -32.54 3.25
N THR G 159 20.86 -33.72 3.49
CA THR G 159 21.10 -34.48 4.71
C THR G 159 22.21 -35.50 4.44
N VAL G 160 23.39 -35.25 4.99
CA VAL G 160 24.56 -36.07 4.73
C VAL G 160 24.66 -37.13 5.82
N ALA G 161 24.45 -38.39 5.44
CA ALA G 161 24.58 -39.52 6.34
C ALA G 161 25.72 -40.42 5.89
N PHE G 162 26.27 -41.18 6.84
CA PHE G 162 27.34 -42.13 6.53
C PHE G 162 26.90 -43.56 6.79
N SER G 163 27.87 -44.47 6.88
CA SER G 163 27.62 -45.88 7.10
C SER G 163 28.92 -46.65 6.93
N LYS G 164 29.03 -47.82 7.56
CA LYS G 164 30.28 -48.57 7.50
C LYS G 164 30.30 -49.59 6.37
N ASP G 165 29.19 -50.29 6.14
CA ASP G 165 29.06 -51.14 4.97
C ASP G 165 28.00 -50.55 4.04
N SER G 166 27.45 -51.38 3.16
CA SER G 166 26.44 -50.91 2.20
C SER G 166 25.09 -50.62 2.85
N SER G 167 24.98 -50.69 4.18
CA SER G 167 23.71 -50.48 4.84
C SER G 167 23.37 -48.98 4.87
N VAL G 168 22.19 -48.67 5.40
CA VAL G 168 21.71 -47.30 5.53
C VAL G 168 21.10 -47.17 6.93
N PRO G 169 21.64 -46.32 7.80
CA PRO G 169 21.17 -46.30 9.19
C PRO G 169 19.77 -45.75 9.35
N ALA G 170 19.30 -45.67 10.59
CA ALA G 170 18.06 -44.98 10.92
C ALA G 170 18.31 -43.61 11.52
N SER G 171 19.52 -43.36 12.03
CA SER G 171 19.90 -42.06 12.58
C SER G 171 20.56 -41.25 11.46
N GLY G 172 19.89 -40.19 11.02
CA GLY G 172 20.42 -39.36 9.95
C GLY G 172 21.73 -38.67 10.30
N GLY G 173 22.02 -37.58 9.60
CA GLY G 173 23.23 -36.83 9.86
C GLY G 173 23.02 -35.33 9.79
N VAL G 174 23.96 -34.62 9.20
CA VAL G 174 23.87 -33.17 9.08
C VAL G 174 22.93 -32.81 7.94
N ALA G 175 22.35 -31.62 8.03
CA ALA G 175 21.52 -31.06 6.97
C ALA G 175 22.05 -29.69 6.60
N ILE G 176 22.28 -29.46 5.31
CA ILE G 176 22.84 -28.21 4.82
C ILE G 176 21.72 -27.47 4.11
N GLU G 177 21.07 -26.55 4.83
CA GLU G 177 19.88 -25.85 4.36
C GLU G 177 20.18 -24.97 3.14
N ASN G 178 20.91 -25.50 2.17
CA ASN G 178 21.24 -24.79 0.94
C ASN G 178 20.79 -25.63 -0.25
N LYS G 179 20.11 -25.00 -1.20
CA LYS G 179 19.54 -25.72 -2.33
C LYS G 179 20.50 -25.87 -3.51
N HIS G 180 21.50 -24.99 -3.63
CA HIS G 180 22.51 -25.17 -4.68
C HIS G 180 23.43 -26.33 -4.35
N LEU G 181 24.08 -26.29 -3.18
CA LEU G 181 24.96 -27.38 -2.80
C LEU G 181 24.23 -28.71 -2.79
N CYS G 182 22.93 -28.70 -2.54
CA CYS G 182 22.15 -29.94 -2.58
C CYS G 182 22.04 -30.47 -4.00
N GLU G 183 21.59 -29.61 -4.94
CA GLU G 183 21.56 -30.01 -6.34
C GLU G 183 22.97 -30.11 -6.91
N ALA G 184 23.93 -29.36 -6.35
CA ALA G 184 25.30 -29.41 -6.85
C ALA G 184 25.92 -30.78 -6.65
N VAL G 185 25.58 -31.47 -5.56
CA VAL G 185 26.16 -32.78 -5.31
C VAL G 185 25.52 -33.84 -6.19
N LEU G 186 24.23 -33.72 -6.49
CA LEU G 186 23.59 -34.63 -7.44
C LEU G 186 23.87 -34.25 -8.88
N GLU G 187 24.29 -33.01 -9.13
CA GLU G 187 24.60 -32.59 -10.50
C GLU G 187 25.96 -33.10 -10.94
N SER G 188 26.94 -33.10 -10.05
CA SER G 188 28.28 -33.60 -10.35
C SER G 188 28.35 -35.12 -10.37
N ILE G 189 27.21 -35.81 -10.47
CA ILE G 189 27.19 -37.27 -10.46
C ILE G 189 26.30 -37.80 -11.57
N ILE G 190 25.31 -37.01 -11.99
CA ILE G 190 24.42 -37.43 -13.07
C ILE G 190 24.09 -36.24 -13.97
N GLY G 191 25.09 -35.41 -14.26
CA GLY G 191 24.92 -34.27 -15.12
C GLY G 191 25.68 -34.40 -16.43
N GLU G 192 25.74 -33.29 -17.16
CA GLU G 192 26.51 -33.25 -18.40
C GLU G 192 27.97 -33.63 -18.13
N HIS G 193 28.60 -32.97 -17.16
CA HIS G 193 29.92 -33.36 -16.68
C HIS G 193 29.86 -34.31 -15.50
N GLY G 194 28.82 -35.13 -15.43
CA GLY G 194 28.71 -36.05 -14.31
C GLY G 194 29.85 -37.05 -14.29
N VAL G 195 30.28 -37.41 -13.08
CA VAL G 195 31.43 -38.28 -12.90
C VAL G 195 30.97 -39.73 -12.76
N SER G 196 29.88 -40.07 -13.42
CA SER G 196 29.45 -41.47 -13.50
C SER G 196 28.49 -41.63 -14.68
N PRO G 197 28.98 -41.52 -15.91
CA PRO G 197 28.10 -41.73 -17.07
C PRO G 197 27.54 -43.14 -17.12
N ALA G 198 28.22 -44.11 -16.51
CA ALA G 198 27.60 -45.42 -16.31
C ALA G 198 26.35 -45.30 -15.46
N ALA G 199 26.25 -44.26 -14.64
CA ALA G 199 25.09 -44.07 -13.78
C ALA G 199 23.93 -43.43 -14.54
N LYS G 200 24.20 -42.35 -15.28
CA LYS G 200 23.15 -41.78 -16.11
C LYS G 200 22.55 -42.82 -17.05
N LEU G 201 23.35 -43.80 -17.46
CA LEU G 201 22.83 -44.89 -18.27
C LEU G 201 21.82 -45.73 -17.50
N SER G 202 22.13 -46.07 -16.25
CA SER G 202 21.22 -46.87 -15.44
C SER G 202 19.88 -46.18 -15.27
N LEU G 203 19.91 -44.88 -14.95
CA LEU G 203 18.65 -44.14 -14.78
C LEU G 203 17.93 -43.99 -16.11
N ALA G 204 18.66 -43.68 -17.18
CA ALA G 204 18.03 -43.50 -18.49
C ALA G 204 17.22 -44.73 -18.88
N ALA G 205 17.74 -45.92 -18.61
CA ALA G 205 17.02 -47.15 -18.94
C ALA G 205 15.92 -47.44 -17.93
N ARG G 206 16.27 -47.45 -16.64
CA ARG G 206 15.29 -47.79 -15.61
C ARG G 206 14.15 -46.78 -15.53
N VAL G 207 14.36 -45.55 -16.01
CA VAL G 207 13.28 -44.57 -15.97
C VAL G 207 12.34 -44.74 -17.16
N SER G 208 12.84 -45.23 -18.29
CA SER G 208 12.01 -45.41 -19.46
C SER G 208 11.08 -46.61 -19.31
N GLU G 209 11.57 -47.70 -18.70
CA GLU G 209 10.75 -48.88 -18.51
C GLU G 209 9.61 -48.65 -17.53
N LEU G 210 9.69 -47.60 -16.71
CA LEU G 210 8.65 -47.29 -15.75
C LEU G 210 7.67 -46.23 -16.26
N LEU G 211 8.16 -45.26 -17.05
CA LEU G 211 7.29 -44.24 -17.61
C LEU G 211 6.38 -44.79 -18.70
N THR G 212 6.60 -46.02 -19.15
CA THR G 212 5.74 -46.64 -20.16
C THR G 212 4.54 -47.35 -19.54
N LYS G 213 4.72 -47.94 -18.37
CA LYS G 213 3.62 -48.57 -17.65
C LYS G 213 2.66 -47.52 -17.09
N PRO H 4 9.73 -17.35 18.94
CA PRO H 4 9.81 -17.96 20.27
C PRO H 4 9.05 -19.28 20.35
N GLU H 5 8.96 -19.86 21.55
CA GLU H 5 8.23 -21.09 21.75
C GLU H 5 6.77 -20.78 22.12
N VAL H 6 5.93 -21.80 21.98
CA VAL H 6 4.51 -21.71 22.32
C VAL H 6 4.18 -22.78 23.34
N VAL H 7 3.43 -22.42 24.37
CA VAL H 7 2.96 -23.34 25.39
C VAL H 7 1.44 -23.38 25.31
N VAL H 8 0.87 -24.59 25.33
CA VAL H 8 -0.57 -24.76 25.20
C VAL H 8 -1.05 -25.80 26.22
N GLU H 9 -1.65 -25.33 27.30
CA GLU H 9 -2.15 -26.20 28.36
C GLU H 9 -1.05 -27.15 28.84
N GLY H 10 0.01 -26.56 29.39
CA GLY H 10 1.12 -27.32 29.90
C GLY H 10 2.16 -27.64 28.85
N VAL H 11 1.77 -28.45 27.86
CA VAL H 11 2.66 -28.93 26.82
C VAL H 11 3.46 -27.78 26.23
N VAL H 12 4.79 -27.85 26.34
CA VAL H 12 5.67 -26.84 25.78
C VAL H 12 6.14 -27.28 24.40
N PHE H 13 5.89 -26.45 23.39
CA PHE H 13 6.32 -26.74 22.03
C PHE H 13 7.57 -25.93 21.73
N PRO H 14 8.71 -26.57 21.45
CA PRO H 14 9.92 -25.80 21.18
C PRO H 14 9.86 -25.15 19.81
N PRO H 15 10.53 -24.00 19.62
CA PRO H 15 10.40 -23.26 18.36
C PRO H 15 11.18 -23.83 17.19
N VAL H 16 11.96 -24.89 17.39
CA VAL H 16 12.64 -25.58 16.29
C VAL H 16 12.54 -27.08 16.55
N ALA H 17 11.94 -27.81 15.62
CA ALA H 17 11.72 -29.24 15.79
C ALA H 17 12.09 -29.97 14.50
N ARG H 18 12.86 -31.04 14.65
CA ARG H 18 13.24 -31.91 13.55
C ARG H 18 12.44 -33.20 13.62
N PRO H 19 11.75 -33.59 12.56
CA PRO H 19 10.75 -34.66 12.66
C PRO H 19 11.39 -36.03 12.66
N PRO H 20 10.62 -37.09 12.92
CA PRO H 20 11.14 -38.45 12.82
C PRO H 20 11.10 -38.92 11.38
N GLY H 21 12.21 -39.50 10.92
CA GLY H 21 12.33 -39.80 9.51
C GLY H 21 12.48 -38.51 8.71
N SER H 22 13.40 -37.66 9.15
CA SER H 22 13.62 -36.35 8.54
C SER H 22 14.56 -35.52 9.43
N ALA H 23 15.64 -35.02 8.85
CA ALA H 23 16.63 -34.27 9.63
C ALA H 23 16.66 -32.81 9.18
N GLY H 24 15.52 -32.12 9.29
CA GLY H 24 15.45 -30.73 8.90
C GLY H 24 14.81 -29.89 10.00
N SER H 25 15.05 -28.58 9.91
CA SER H 25 14.56 -27.64 10.89
C SER H 25 13.13 -27.23 10.55
N HIS H 26 12.20 -27.52 11.46
CA HIS H 26 10.81 -27.10 11.33
C HIS H 26 10.51 -26.07 12.42
N PHE H 27 9.96 -24.94 12.02
CA PHE H 27 9.63 -23.86 12.95
C PHE H 27 8.15 -23.92 13.31
N LEU H 28 7.85 -23.66 14.58
CA LEU H 28 6.51 -23.77 15.13
C LEU H 28 5.60 -22.66 14.62
N GLY H 29 4.93 -22.90 13.50
CA GLY H 29 4.05 -21.88 12.94
C GLY H 29 2.97 -21.43 13.90
N GLY H 30 2.52 -22.33 14.77
CA GLY H 30 1.49 -21.99 15.73
C GLY H 30 1.14 -23.20 16.57
N ALA H 31 0.48 -22.91 17.70
CA ALA H 31 0.08 -23.98 18.62
C ALA H 31 -1.24 -23.58 19.28
N GLY H 32 -2.17 -24.52 19.33
CA GLY H 32 -3.46 -24.30 19.98
C GLY H 32 -3.92 -25.52 20.76
N VAL H 33 -5.19 -25.53 21.15
CA VAL H 33 -5.76 -26.62 21.94
C VAL H 33 -7.03 -27.10 21.27
N ARG H 34 -7.17 -28.42 21.14
CA ARG H 34 -8.42 -29.00 20.67
C ARG H 34 -9.32 -29.35 21.84
N GLY H 35 -10.62 -29.20 21.62
CA GLY H 35 -11.59 -29.57 22.63
C GLY H 35 -12.95 -29.86 22.03
N ILE H 36 -13.57 -30.96 22.46
CA ILE H 36 -14.94 -31.26 22.09
C ILE H 36 -15.87 -30.59 23.11
N GLU H 37 -17.03 -30.15 22.64
CA GLU H 37 -17.98 -29.48 23.51
C GLU H 37 -18.82 -30.49 24.28
N ILE H 38 -18.16 -31.49 24.88
CA ILE H 38 -18.89 -32.52 25.61
C ILE H 38 -19.44 -31.96 26.91
N GLY H 39 -20.49 -32.61 27.41
CA GLY H 39 -21.10 -32.16 28.66
C GLY H 39 -21.66 -30.75 28.50
N GLY H 40 -21.28 -29.88 29.43
CA GLY H 40 -21.73 -28.50 29.41
C GLY H 40 -20.61 -27.50 29.50
N ASN H 41 -19.37 -27.97 29.46
CA ASN H 41 -18.20 -27.11 29.49
C ASN H 41 -17.19 -27.59 28.47
N PHE H 42 -16.04 -26.93 28.42
CA PHE H 42 -15.03 -27.18 27.39
C PHE H 42 -14.02 -28.19 27.93
N ILE H 43 -14.18 -29.44 27.54
CA ILE H 43 -13.28 -30.51 27.95
C ILE H 43 -12.11 -30.54 26.96
N LYS H 44 -10.98 -29.98 27.36
CA LYS H 44 -9.79 -30.07 26.54
C LYS H 44 -9.34 -31.52 26.41
N PHE H 45 -9.19 -31.98 25.17
CA PHE H 45 -8.77 -33.35 24.92
C PHE H 45 -7.32 -33.47 24.51
N THR H 46 -6.78 -32.49 23.78
CA THR H 46 -5.39 -32.51 23.35
C THR H 46 -4.90 -31.08 23.17
N ALA H 47 -3.62 -30.95 22.86
CA ALA H 47 -3.00 -29.70 22.46
C ALA H 47 -2.15 -29.95 21.22
N ILE H 48 -2.20 -29.03 20.27
CA ILE H 48 -1.61 -29.23 18.95
C ILE H 48 -0.69 -28.07 18.62
N GLY H 49 0.43 -28.38 17.96
CA GLY H 49 1.35 -27.38 17.43
C GLY H 49 1.83 -27.77 16.06
N VAL H 50 1.72 -26.87 15.10
CA VAL H 50 2.03 -27.16 13.70
C VAL H 50 3.40 -26.57 13.36
N TYR H 51 4.26 -27.41 12.78
CA TYR H 51 5.56 -26.99 12.28
C TYR H 51 5.57 -27.05 10.75
N LEU H 52 6.29 -26.09 10.14
CA LEU H 52 6.49 -26.08 8.70
C LEU H 52 7.98 -26.11 8.39
N GLU H 53 8.30 -26.45 7.15
CA GLU H 53 9.69 -26.45 6.71
C GLU H 53 10.23 -25.03 6.60
N ASP H 54 11.54 -24.89 6.81
CA ASP H 54 12.17 -23.59 6.67
C ASP H 54 11.83 -22.95 5.33
N ALA H 55 11.71 -23.76 4.28
CA ALA H 55 11.31 -23.26 2.98
C ALA H 55 9.92 -22.66 3.01
N ALA H 56 9.09 -23.02 4.00
CA ALA H 56 7.73 -22.50 4.07
C ALA H 56 7.73 -20.97 4.08
N VAL H 57 8.65 -20.37 4.84
CA VAL H 57 8.71 -18.90 4.90
C VAL H 57 9.04 -18.32 3.53
N SER H 58 9.78 -19.06 2.71
CA SER H 58 10.05 -18.60 1.35
C SER H 58 8.81 -18.70 0.48
N ALA H 59 7.96 -19.71 0.69
CA ALA H 59 6.79 -19.91 -0.16
C ALA H 59 5.62 -19.05 0.29
N LEU H 60 5.36 -19.01 1.60
CA LEU H 60 4.19 -18.28 2.08
C LEU H 60 4.35 -16.77 1.94
N ALA H 61 5.58 -16.28 1.91
CA ALA H 61 5.81 -14.85 1.72
C ALA H 61 5.51 -14.38 0.30
N LYS H 62 5.30 -15.31 -0.63
CA LYS H 62 4.90 -14.92 -1.98
C LYS H 62 3.56 -14.20 -1.99
N LYS H 63 2.60 -14.72 -1.21
CA LYS H 63 1.21 -14.30 -1.29
C LYS H 63 0.65 -13.81 0.04
N TRP H 64 1.45 -13.80 1.10
CA TRP H 64 0.99 -13.34 2.41
C TRP H 64 1.96 -12.34 3.06
N ALA H 65 2.97 -11.88 2.33
CA ALA H 65 3.93 -10.93 2.89
C ALA H 65 3.32 -9.53 2.91
N GLY H 66 3.16 -8.98 4.11
CA GLY H 66 2.58 -7.66 4.26
C GLY H 66 1.11 -7.69 4.62
N LYS H 67 0.72 -8.61 5.50
CA LYS H 67 -0.67 -8.75 5.92
C LYS H 67 -0.73 -8.94 7.43
N THR H 68 -1.79 -8.39 8.03
CA THR H 68 -1.93 -8.38 9.48
C THR H 68 -2.10 -9.81 10.00
N ALA H 69 -2.18 -9.93 11.33
CA ALA H 69 -2.54 -11.20 11.95
C ALA H 69 -4.03 -11.49 11.83
N ASP H 70 -4.87 -10.44 11.92
CA ASP H 70 -6.29 -10.60 11.62
C ASP H 70 -6.56 -10.67 10.12
N GLU H 71 -5.59 -10.24 9.29
CA GLU H 71 -5.71 -10.41 7.86
C GLU H 71 -5.43 -11.85 7.43
N LEU H 72 -4.60 -12.56 8.20
CA LEU H 72 -4.34 -13.97 7.94
C LEU H 72 -5.25 -14.89 8.73
N ALA H 73 -5.65 -14.49 9.94
CA ALA H 73 -6.54 -15.33 10.73
C ALA H 73 -7.92 -15.41 10.11
N SER H 74 -8.41 -14.31 9.55
CA SER H 74 -9.73 -14.27 8.93
C SER H 74 -9.73 -14.72 7.48
N ASP H 75 -8.56 -14.93 6.89
CA ASP H 75 -8.45 -15.54 5.57
C ASP H 75 -8.28 -17.04 5.72
N ALA H 76 -9.19 -17.81 5.14
CA ALA H 76 -9.08 -19.26 5.13
C ALA H 76 -8.21 -19.79 4.00
N ALA H 77 -7.75 -18.92 3.11
CA ALA H 77 -6.81 -19.33 2.07
C ALA H 77 -5.40 -19.49 2.64
N PHE H 78 -5.02 -18.59 3.56
CA PHE H 78 -3.75 -18.76 4.26
C PHE H 78 -3.66 -20.14 4.90
N PHE H 79 -4.76 -20.59 5.52
CA PHE H 79 -4.77 -21.90 6.16
C PHE H 79 -4.76 -23.03 5.13
N ARG H 80 -5.12 -22.74 3.88
CA ARG H 80 -5.00 -23.74 2.82
C ARG H 80 -3.60 -23.76 2.22
N ASP H 81 -3.01 -22.57 2.00
CA ASP H 81 -1.64 -22.52 1.53
C ASP H 81 -0.66 -23.15 2.51
N VAL H 82 -1.04 -23.26 3.78
CA VAL H 82 -0.18 -23.91 4.76
C VAL H 82 -0.38 -25.42 4.74
N VAL H 83 -1.64 -25.87 4.84
CA VAL H 83 -1.93 -27.30 4.84
C VAL H 83 -1.37 -27.95 3.57
N THR H 84 -1.72 -27.40 2.41
CA THR H 84 -1.31 -27.94 1.12
C THR H 84 -0.12 -27.20 0.53
N GLY H 85 0.90 -26.92 1.33
CA GLY H 85 2.07 -26.19 0.86
C GLY H 85 3.14 -27.14 0.34
N ASP H 86 3.84 -26.70 -0.70
CA ASP H 86 4.92 -27.48 -1.29
C ASP H 86 6.15 -27.38 -0.38
N PHE H 87 6.11 -28.15 0.70
CA PHE H 87 7.16 -28.24 1.70
C PHE H 87 6.65 -29.15 2.79
N GLU H 88 7.59 -29.77 3.51
CA GLU H 88 7.19 -30.68 4.58
C GLU H 88 6.38 -29.94 5.63
N LYS H 89 5.51 -30.68 6.30
CA LYS H 89 4.79 -30.18 7.46
C LYS H 89 4.80 -31.26 8.53
N PHE H 90 5.01 -30.84 9.77
CA PHE H 90 5.10 -31.76 10.91
C PHE H 90 4.14 -31.27 11.99
N THR H 91 3.16 -32.11 12.33
CA THR H 91 2.13 -31.75 13.29
C THR H 91 2.20 -32.71 14.48
N ARG H 92 2.47 -32.16 15.66
CA ARG H 92 2.51 -32.95 16.89
C ARG H 92 1.18 -32.77 17.63
N VAL H 93 0.57 -33.89 18.01
CA VAL H 93 -0.67 -33.86 18.76
C VAL H 93 -0.43 -34.42 20.16
N THR H 94 0.04 -33.56 21.07
CA THR H 94 0.21 -33.98 22.46
C THR H 94 -1.15 -34.11 23.11
N MET H 95 -1.36 -35.22 23.82
CA MET H 95 -2.62 -35.44 24.52
C MET H 95 -2.65 -34.68 25.83
N LEU H 96 -3.83 -34.18 26.18
CA LEU H 96 -4.09 -33.62 27.49
C LEU H 96 -5.01 -34.49 28.34
N LEU H 97 -5.87 -35.27 27.70
CA LEU H 97 -6.74 -36.25 28.33
C LEU H 97 -6.43 -37.62 27.74
N PRO H 98 -6.69 -38.70 28.48
CA PRO H 98 -6.39 -40.04 27.96
C PRO H 98 -7.21 -40.35 26.72
N LEU H 99 -6.52 -40.70 25.64
CA LEU H 99 -7.14 -41.00 24.36
C LEU H 99 -6.51 -42.27 23.79
N THR H 100 -7.34 -43.25 23.47
CA THR H 100 -6.85 -44.49 22.87
C THR H 100 -6.88 -44.39 21.36
N GLY H 101 -5.82 -44.92 20.73
CA GLY H 101 -5.63 -44.70 19.30
C GLY H 101 -6.82 -45.08 18.46
N GLU H 102 -7.47 -46.20 18.78
CA GLU H 102 -8.59 -46.64 17.96
C GLU H 102 -9.73 -45.63 17.96
N GLN H 103 -9.94 -44.94 19.08
CA GLN H 103 -10.97 -43.91 19.14
C GLN H 103 -10.52 -42.57 18.56
N TYR H 104 -9.21 -42.40 18.32
CA TYR H 104 -8.71 -41.21 17.65
C TYR H 104 -8.49 -41.43 16.16
N ALA H 105 -7.96 -42.59 15.79
CA ALA H 105 -7.90 -42.95 14.38
C ALA H 105 -9.29 -42.96 13.74
N GLY H 106 -10.33 -42.95 14.55
CA GLY H 106 -11.69 -42.90 14.03
C GLY H 106 -12.15 -41.49 13.73
N LYS H 107 -12.03 -40.60 14.71
CA LYS H 107 -12.60 -39.25 14.58
C LYS H 107 -11.99 -38.45 13.44
N VAL H 108 -10.91 -38.91 12.82
CA VAL H 108 -10.32 -38.21 11.68
C VAL H 108 -10.66 -38.87 10.35
N THR H 109 -11.01 -40.16 10.35
CA THR H 109 -11.35 -40.82 9.08
C THR H 109 -12.76 -40.46 8.63
N GLU H 110 -13.77 -40.63 9.50
CA GLU H 110 -15.12 -40.28 9.08
C GLU H 110 -15.32 -38.77 8.95
N ASN H 111 -14.37 -37.95 9.38
CA ASN H 111 -14.38 -36.55 8.99
C ASN H 111 -13.75 -36.36 7.61
N CYS H 112 -12.87 -37.27 7.21
CA CYS H 112 -12.27 -37.26 5.89
C CYS H 112 -13.00 -38.19 4.92
N VAL H 113 -13.01 -39.49 5.23
CA VAL H 113 -13.63 -40.50 4.36
C VAL H 113 -15.08 -40.14 4.06
N ALA H 114 -15.66 -39.24 4.86
CA ALA H 114 -17.00 -38.76 4.60
C ALA H 114 -17.02 -37.51 3.73
N PHE H 115 -16.17 -36.54 4.05
CA PHE H 115 -16.08 -35.33 3.23
C PHE H 115 -15.62 -35.65 1.81
N TRP H 116 -14.94 -36.78 1.61
CA TRP H 116 -14.60 -37.20 0.25
C TRP H 116 -15.80 -37.77 -0.48
N LYS H 117 -16.72 -38.43 0.23
CA LYS H 117 -17.99 -38.80 -0.38
C LYS H 117 -18.92 -37.61 -0.53
N ALA H 118 -18.62 -36.48 0.10
CA ALA H 118 -19.40 -35.27 -0.11
C ALA H 118 -18.96 -34.54 -1.37
N VAL H 119 -17.65 -34.42 -1.58
CA VAL H 119 -17.10 -33.82 -2.79
C VAL H 119 -16.94 -34.91 -3.85
N GLY H 120 -17.41 -36.11 -3.54
CA GLY H 120 -17.34 -37.22 -4.46
C GLY H 120 -15.93 -37.63 -4.83
N LEU H 121 -15.07 -37.81 -3.82
CA LEU H 121 -13.68 -38.18 -4.06
C LEU H 121 -13.20 -39.26 -3.09
N TYR H 122 -14.09 -40.18 -2.69
CA TYR H 122 -13.68 -41.30 -1.83
C TYR H 122 -13.36 -42.48 -2.73
N THR H 123 -12.13 -42.50 -3.23
CA THR H 123 -11.67 -43.52 -4.15
C THR H 123 -10.89 -44.61 -3.40
N ASP H 124 -10.46 -45.63 -4.15
CA ASP H 124 -9.81 -46.77 -3.52
C ASP H 124 -8.53 -46.37 -2.79
N ALA H 125 -7.85 -45.32 -3.26
CA ALA H 125 -6.67 -44.85 -2.56
C ALA H 125 -7.01 -44.38 -1.14
N GLU H 126 -8.19 -43.76 -0.99
CA GLU H 126 -8.60 -43.27 0.32
C GLU H 126 -9.04 -44.40 1.24
N GLY H 127 -9.66 -45.45 0.68
CA GLY H 127 -9.97 -46.62 1.48
C GLY H 127 -8.71 -47.34 1.93
N VAL H 128 -7.81 -47.64 0.98
CA VAL H 128 -6.56 -48.30 1.33
C VAL H 128 -5.74 -47.46 2.30
N ALA H 129 -5.87 -46.13 2.22
CA ALA H 129 -5.15 -45.27 3.15
C ALA H 129 -5.89 -45.12 4.47
N VAL H 130 -7.23 -45.13 4.44
CA VAL H 130 -7.99 -45.10 5.69
C VAL H 130 -7.91 -46.43 6.42
N GLU H 131 -7.62 -47.52 5.70
CA GLU H 131 -7.35 -48.80 6.35
C GLU H 131 -5.93 -48.83 6.90
N LYS H 132 -4.95 -48.50 6.06
CA LYS H 132 -3.56 -48.41 6.51
C LYS H 132 -3.38 -47.32 7.55
N PHE H 133 -4.27 -46.31 7.56
CA PHE H 133 -4.21 -45.25 8.57
C PHE H 133 -4.81 -45.72 9.89
N LYS H 134 -6.00 -46.31 9.84
CA LYS H 134 -6.63 -46.82 11.05
C LYS H 134 -5.97 -48.09 11.55
N GLU H 135 -5.22 -48.79 10.69
CA GLU H 135 -4.48 -49.97 11.14
C GLU H 135 -3.28 -49.59 11.98
N ALA H 136 -2.69 -48.42 11.73
CA ALA H 136 -1.54 -47.95 12.49
C ALA H 136 -1.90 -47.39 13.85
N PHE H 137 -3.18 -47.11 14.12
CA PHE H 137 -3.62 -46.60 15.40
C PHE H 137 -4.29 -47.64 16.27
N LYS H 138 -4.63 -48.81 15.72
CA LYS H 138 -5.37 -49.82 16.44
C LYS H 138 -4.72 -50.13 17.79
N PRO H 139 -3.44 -50.54 17.81
CA PRO H 139 -2.80 -50.88 19.09
C PRO H 139 -1.99 -49.73 19.68
N GLU H 140 -2.62 -48.57 19.89
CA GLU H 140 -1.98 -47.46 20.55
C GLU H 140 -2.97 -46.77 21.49
N THR H 141 -2.50 -46.41 22.68
CA THR H 141 -3.34 -45.78 23.69
C THR H 141 -2.56 -44.62 24.29
N PHE H 142 -2.95 -43.39 23.94
CA PHE H 142 -2.17 -42.20 24.24
C PHE H 142 -2.53 -41.61 25.61
N PRO H 143 -1.74 -41.88 26.63
CA PRO H 143 -2.01 -41.30 27.95
C PRO H 143 -1.76 -39.79 27.94
N PRO H 144 -2.17 -39.09 29.00
CA PRO H 144 -1.89 -37.64 29.06
C PRO H 144 -0.40 -37.35 28.97
N GLY H 145 0.01 -36.71 27.87
CA GLY H 145 1.41 -36.44 27.62
C GLY H 145 1.86 -37.02 26.29
N ALA H 146 1.62 -38.31 26.09
CA ALA H 146 2.01 -38.96 24.85
C ALA H 146 1.60 -38.15 23.64
N SER H 147 2.50 -38.04 22.67
CA SER H 147 2.27 -37.27 21.47
C SER H 147 1.93 -38.19 20.29
N ILE H 148 1.18 -37.64 19.34
CA ILE H 148 1.05 -38.21 18.01
C ILE H 148 1.74 -37.26 17.04
N LEU H 149 2.62 -37.81 16.21
CA LEU H 149 3.42 -37.02 15.29
C LEU H 149 3.09 -37.43 13.86
N PHE H 150 2.71 -36.46 13.04
CA PHE H 150 2.44 -36.67 11.62
C PHE H 150 3.48 -35.95 10.79
N THR H 151 4.07 -36.66 9.84
CA THR H 151 4.95 -36.06 8.84
C THR H 151 4.15 -35.85 7.56
N HIS H 152 4.04 -34.60 7.14
CA HIS H 152 3.26 -34.23 5.97
C HIS H 152 4.22 -33.90 4.82
N SER H 153 4.81 -34.95 4.25
CA SER H 153 5.77 -34.79 3.17
C SER H 153 5.25 -33.84 2.11
N SER H 154 6.16 -33.05 1.53
CA SER H 154 5.76 -32.11 0.49
C SER H 154 4.98 -32.80 -0.61
N THR H 155 5.43 -33.98 -1.03
CA THR H 155 4.77 -34.68 -2.12
C THR H 155 3.41 -35.22 -1.70
N GLY H 156 3.37 -35.98 -0.61
CA GLY H 156 2.10 -36.50 -0.14
C GLY H 156 2.21 -37.68 0.82
N VAL H 157 3.42 -38.20 1.00
CA VAL H 157 3.62 -39.35 1.89
C VAL H 157 3.31 -38.91 3.32
N LEU H 158 2.33 -39.58 3.94
CA LEU H 158 1.96 -39.31 5.32
C LEU H 158 2.74 -40.25 6.23
N THR H 159 3.50 -39.68 7.16
CA THR H 159 4.33 -40.45 8.08
C THR H 159 3.73 -40.34 9.48
N VAL H 160 3.20 -41.45 9.98
CA VAL H 160 2.52 -41.50 11.27
C VAL H 160 3.49 -42.12 12.28
N ALA H 161 4.01 -41.29 13.18
CA ALA H 161 4.93 -41.72 14.22
C ALA H 161 4.41 -41.29 15.58
N PHE H 162 4.88 -41.99 16.63
CA PHE H 162 4.38 -41.79 17.97
C PHE H 162 5.51 -41.53 18.94
N SER H 163 5.16 -40.92 20.07
CA SER H 163 6.07 -40.71 21.19
C SER H 163 5.26 -40.81 22.48
N LYS H 164 5.97 -41.05 23.58
CA LYS H 164 5.31 -41.30 24.86
C LYS H 164 5.37 -40.13 25.84
N ASP H 165 6.26 -39.17 25.64
CA ASP H 165 6.33 -37.98 26.48
C ASP H 165 5.90 -36.74 25.72
N SER H 166 6.73 -36.27 24.79
CA SER H 166 6.38 -35.13 23.93
C SER H 166 7.57 -34.77 23.06
N SER H 167 8.61 -35.61 23.09
CA SER H 167 9.75 -35.49 22.22
C SER H 167 9.53 -36.30 20.95
N VAL H 168 10.26 -35.94 19.90
CA VAL H 168 10.14 -36.59 18.60
C VAL H 168 11.16 -37.72 18.54
N PRO H 169 10.74 -38.97 18.32
CA PRO H 169 11.71 -40.05 18.16
C PRO H 169 12.46 -39.93 16.84
N ALA H 170 13.61 -40.61 16.78
CA ALA H 170 14.51 -40.48 15.64
C ALA H 170 14.13 -41.38 14.48
N SER H 171 13.35 -42.43 14.70
CA SER H 171 12.96 -43.36 13.66
C SER H 171 11.57 -43.05 13.15
N GLY H 172 11.44 -42.91 11.84
CA GLY H 172 10.13 -42.65 11.25
C GLY H 172 9.22 -43.86 11.35
N GLY H 173 7.95 -43.60 11.61
CA GLY H 173 6.98 -44.67 11.79
C GLY H 173 6.52 -45.32 10.51
N VAL H 174 5.27 -45.08 10.13
CA VAL H 174 4.68 -45.65 8.92
C VAL H 174 4.45 -44.53 7.92
N ALA H 175 4.46 -44.89 6.64
CA ALA H 175 4.27 -43.95 5.56
C ALA H 175 3.09 -44.37 4.71
N ILE H 176 2.05 -43.54 4.69
CA ILE H 176 0.91 -43.72 3.79
C ILE H 176 1.18 -42.86 2.55
N GLU H 177 1.39 -43.51 1.41
CA GLU H 177 1.75 -42.82 0.19
C GLU H 177 0.54 -42.24 -0.54
N ASN H 178 -0.36 -41.62 0.21
CA ASN H 178 -1.57 -41.00 -0.33
C ASN H 178 -1.59 -39.53 0.07
N LYS H 179 -1.96 -38.66 -0.88
CA LYS H 179 -1.90 -37.23 -0.62
C LYS H 179 -3.14 -36.72 0.08
N HIS H 180 -4.33 -37.07 -0.43
CA HIS H 180 -5.56 -36.62 0.22
C HIS H 180 -5.57 -36.96 1.69
N LEU H 181 -5.10 -38.16 2.05
CA LEU H 181 -5.00 -38.53 3.46
C LEU H 181 -3.93 -37.70 4.16
N CYS H 182 -2.83 -37.40 3.46
CA CYS H 182 -1.74 -36.63 4.08
C CYS H 182 -2.16 -35.18 4.32
N GLU H 183 -2.92 -34.60 3.40
CA GLU H 183 -3.45 -33.27 3.61
C GLU H 183 -4.72 -33.28 4.46
N ALA H 184 -5.45 -34.40 4.46
CA ALA H 184 -6.70 -34.46 5.22
C ALA H 184 -6.44 -34.36 6.72
N VAL H 185 -5.37 -35.00 7.20
CA VAL H 185 -5.08 -34.98 8.63
C VAL H 185 -4.72 -33.57 9.09
N LEU H 186 -3.86 -32.89 8.34
CA LEU H 186 -3.51 -31.52 8.69
C LEU H 186 -4.70 -30.58 8.48
N GLU H 187 -5.50 -30.83 7.43
CA GLU H 187 -6.68 -30.01 7.21
C GLU H 187 -7.64 -30.08 8.40
N SER H 188 -7.64 -31.20 9.12
CA SER H 188 -8.55 -31.38 10.24
C SER H 188 -7.99 -30.75 11.51
N ILE H 189 -7.18 -29.69 11.37
CA ILE H 189 -6.61 -29.03 12.54
C ILE H 189 -6.42 -27.53 12.30
N ILE H 190 -6.28 -27.13 11.02
CA ILE H 190 -6.17 -25.70 10.72
C ILE H 190 -7.07 -25.34 9.56
N GLY H 191 -7.99 -26.23 9.20
CA GLY H 191 -8.95 -25.95 8.16
C GLY H 191 -10.08 -25.06 8.65
N GLU H 192 -11.11 -24.93 7.81
CA GLU H 192 -12.29 -24.18 8.21
C GLU H 192 -13.18 -24.96 9.15
N HIS H 193 -12.99 -26.28 9.23
CA HIS H 193 -13.60 -27.13 10.25
C HIS H 193 -12.54 -27.68 11.20
N GLY H 194 -11.45 -26.93 11.39
CA GLY H 194 -10.34 -27.44 12.16
C GLY H 194 -10.74 -27.76 13.59
N VAL H 195 -10.14 -28.83 14.12
CA VAL H 195 -10.42 -29.23 15.49
C VAL H 195 -9.70 -28.38 16.52
N SER H 196 -8.99 -27.33 16.08
CA SER H 196 -8.21 -26.46 16.96
C SER H 196 -8.17 -25.07 16.34
N PRO H 197 -9.28 -24.34 16.36
CA PRO H 197 -9.26 -22.95 15.89
C PRO H 197 -8.35 -22.06 16.71
N ALA H 198 -7.86 -22.53 17.86
CA ALA H 198 -6.81 -21.80 18.57
C ALA H 198 -5.48 -21.89 17.82
N ALA H 199 -5.20 -23.05 17.23
CA ALA H 199 -3.99 -23.20 16.43
C ALA H 199 -3.97 -22.20 15.28
N LYS H 200 -5.11 -22.01 14.61
CA LYS H 200 -5.16 -21.09 13.48
C LYS H 200 -4.71 -19.69 13.88
N LEU H 201 -5.15 -19.20 15.04
CA LEU H 201 -4.74 -17.87 15.47
C LEU H 201 -3.26 -17.84 15.81
N SER H 202 -2.74 -18.89 16.46
CA SER H 202 -1.31 -19.04 16.64
C SER H 202 -0.59 -18.94 15.30
N LEU H 203 -0.95 -19.81 14.36
CA LEU H 203 -0.34 -19.82 13.04
C LEU H 203 -0.70 -18.58 12.22
N ALA H 204 -1.67 -17.79 12.65
CA ALA H 204 -2.04 -16.57 11.93
C ALA H 204 -1.26 -15.36 12.42
N ALA H 205 -1.11 -15.21 13.73
CA ALA H 205 -0.35 -14.08 14.26
C ALA H 205 1.15 -14.28 14.08
N ARG H 206 1.62 -15.53 14.20
CA ARG H 206 3.05 -15.79 14.10
C ARG H 206 3.54 -15.63 12.67
N VAL H 207 2.88 -16.29 11.71
CA VAL H 207 3.35 -16.26 10.33
C VAL H 207 3.32 -14.85 9.77
N SER H 208 2.34 -14.04 10.18
CA SER H 208 2.30 -12.65 9.74
C SER H 208 3.48 -11.84 10.28
N GLU H 209 4.07 -12.28 11.39
CA GLU H 209 5.19 -11.56 11.98
C GLU H 209 6.53 -11.89 11.33
N LEU H 210 6.63 -13.05 10.67
CA LEU H 210 7.84 -13.39 9.93
C LEU H 210 7.79 -12.90 8.48
N LEU H 211 6.60 -12.89 7.88
CA LEU H 211 6.42 -12.31 6.56
C LEU H 211 6.66 -10.80 6.59
N THR H 212 6.95 -10.28 7.78
CA THR H 212 7.40 -8.91 7.94
C THR H 212 8.81 -8.90 8.52
C1 DFV I . 1.15 31.78 -13.51
C2 DFV I . 1.88 30.57 -13.66
C3 DFV I . 1.84 29.59 -12.65
C4 DFV I . 1.05 29.80 -11.49
C5 DFV I . 0.32 31.00 -11.30
C6 DFV I . 0.36 31.99 -12.34
C7 DFV I . 0.99 28.80 -10.39
C8 DFV I . -0.21 28.77 -9.58
C9 DFV I . -1.23 29.73 -10.06
O1 DFV I . -0.53 31.05 -10.03
C10 DFV I . -2.47 29.75 -9.20
C11 DFV I . -3.41 28.89 -9.69
C12 DFV I . -4.66 28.73 -9.15
C13 DFV I . -5.01 29.49 -8.06
C14 DFV I . -4.10 30.40 -7.53
C15 DFV I . -2.82 30.57 -8.08
O2 DFV I . 1.90 28.06 -10.23
O3 DFV I . 1.19 32.75 -14.51
O4 DFV I . -6.28 29.36 -7.48
H2 DFV I . 2.48 30.41 -14.55
H3 DFV I . 2.41 28.67 -12.77
H6 DFV I . -0.21 32.90 -12.24
H81 DFV I . 0.06 29.02 -8.56
H82 DFV I . -0.62 27.76 -9.60
H9 DFV I . -1.64 29.46 -11.02
H11 DFV I . -3.15 28.30 -10.56
H12 DFV I . -5.36 28.02 -9.57
H14 DFV I . -4.39 31.00 -6.67
H15 DFV I . -2.13 31.30 -7.68
HO3 DFV I . 1.62 32.41 -15.27
HO4 DFV I . -6.52 30.20 -7.11
C1 DFV J . -4.13 13.97 -11.04
C2 DFV J . -4.91 13.99 -9.86
C3 DFV J . -6.29 14.26 -9.92
C4 DFV J . -6.90 14.50 -11.18
C5 DFV J . -6.10 14.49 -12.35
C6 DFV J . -4.72 14.23 -12.27
C7 DFV J . -8.34 14.82 -11.32
C8 DFV J . -8.76 15.54 -12.51
C9 DFV J . -8.24 14.78 -13.70
O1 DFV J . -6.76 14.72 -13.68
C10 DFV J . -8.48 15.36 -15.08
C11 DFV J . -7.52 16.19 -15.63
C12 DFV J . -7.71 16.72 -16.89
C13 DFV J . -8.85 16.40 -17.62
C14 DFV J . -9.79 15.54 -17.07
C15 DFV J . -9.61 15.00 -15.81
O2 DFV J . -9.12 14.50 -10.49
O3 DFV J . -2.75 13.71 -10.97
O4 DFV J . -9.04 16.94 -18.89
H2 DFV J . -4.45 13.81 -8.88
H3 DFV J . -6.89 14.29 -9.02
H6 DFV J . -4.12 14.21 -13.17
H81 DFV J . -9.85 15.59 -12.55
H82 DFV J . -8.36 16.54 -12.50
H9 DFV J . -8.81 13.85 -13.64
H11 DFV J . -6.63 16.42 -15.08
H12 DFV J . -6.98 17.39 -17.32
H14 DFV J . -10.69 15.28 -17.64
H15 DFV J . -10.33 14.31 -15.39
HO3 DFV J . -2.59 13.01 -10.37
HO4 DFV J . -9.55 16.34 -19.41
C1 DFV K . -15.93 1.30 -14.97
C2 DFV K . -16.10 0.61 -13.74
C3 DFV K . -15.05 -0.15 -13.22
C4 DFV K . -13.82 -0.24 -13.91
C5 DFV K . -13.67 0.44 -15.14
C6 DFV K . -14.73 1.21 -15.66
C7 DFV K . -12.69 -1.06 -13.38
C8 DFV K . -11.49 -1.20 -14.15
C9 DFV K . -11.23 0.07 -14.92
O1 DFV K . -12.35 0.36 -15.87
C10 DFV K . -9.94 0.10 -15.71
C11 DFV K . -9.64 -0.81 -16.71
C12 DFV K . -8.44 -0.70 -17.38
C13 DFV K . -7.53 0.30 -17.05
C14 DFV K . -7.85 1.21 -16.05
C15 DFV K . -9.06 1.11 -15.39
O2 DFV K . -12.79 -1.58 -12.32
O3 DFV K . -16.98 2.08 -15.49
O4 DFV K . -6.31 0.42 -17.72
H2 DFV K . -17.04 0.68 -13.19
H3 DFV K . -15.18 -0.68 -12.27
H6 DFV K . -14.60 1.74 -16.59
H81 DFV K . -10.66 -1.39 -13.49
H82 DFV K . -11.59 -2.03 -14.83
H9 DFV K . -11.10 0.83 -14.18
H11 DFV K . -10.35 -1.60 -16.97
H12 DFV K . -8.19 -1.41 -18.16
H14 DFV K . -7.16 2.00 -15.80
H15 DFV K . -9.30 1.82 -14.62
HO3 DFV K . -16.98 2.01 -16.43
HO4 DFV K . -6.46 0.38 -18.65
C1 DFV L . 3.90 26.78 -4.47
C2 DFV L . 3.22 26.57 -5.70
C3 DFV L . 3.74 27.11 -6.89
C4 DFV L . 4.93 27.86 -6.87
C5 DFV L . 5.60 28.08 -5.64
C6 DFV L . 5.09 27.53 -4.44
C7 DFV L . 5.49 28.45 -8.11
C8 DFV L . 6.57 29.39 -8.03
C9 DFV L . 7.53 28.94 -6.98
O1 DFV L . 6.90 28.88 -5.63
C10 DFV L . 8.80 29.75 -6.90
C11 DFV L . 9.94 29.08 -6.52
C12 DFV L . 11.15 29.74 -6.43
C13 DFV L . 11.20 31.09 -6.73
C14 DFV L . 10.06 31.77 -7.12
C15 DFV L . 8.85 31.10 -7.21
O2 DFV L . 5.05 28.12 -9.16
O3 DFV L . 3.39 26.24 -3.28
O4 DFV L . 12.43 31.75 -6.65
H2 DFV L . 2.31 25.99 -5.72
H3 DFV L . 3.22 26.95 -7.82
H6 DFV L . 5.60 27.69 -3.51
H81 DFV L . 7.07 29.45 -8.98
H82 DFV L . 6.18 30.37 -7.77
H9 DFV L . 7.88 27.96 -7.28
H11 DFV L . 9.89 28.03 -6.29
H12 DFV L . 12.04 29.21 -6.13
H14 DFV L . 10.11 32.82 -7.35
H15 DFV L . 7.95 31.63 -7.51
HO3 DFV L . 2.63 25.72 -3.48
HO4 DFV L . 12.34 32.54 -6.13
C1 DFV M . -14.14 -1.63 -6.74
C2 DFV M . -13.63 -1.25 -8.02
C3 DFV M . -14.50 -1.13 -9.12
C4 DFV M . -15.88 -1.38 -8.92
C5 DFV M . -16.38 -1.77 -7.69
C6 DFV M . -15.50 -1.89 -6.58
C7 DFV M . -16.89 -1.33 -9.99
C8 DFV M . -17.79 -2.49 -10.00
C9 DFV M . -18.71 -2.26 -8.83
O1 DFV M . -17.90 -1.99 -7.58
C10 DFV M . -19.74 -3.20 -8.27
C11 DFV M . -20.48 -4.06 -9.03
C12 DFV M . -21.41 -4.88 -8.41
C13 DFV M . -21.61 -4.81 -7.04
C14 DFV M . -20.88 -3.92 -6.28
C15 DFV M . -19.95 -3.10 -6.90
O2 DFV M . -16.98 -0.43 -10.76
O3 DFV M . -13.29 -1.77 -5.64
O4 DFV M . -22.56 -5.63 -6.40
H2 DFV M . -12.57 -1.05 -8.14
H3 DFV M . -14.12 -0.84 -10.08
H6 DFV M . -15.88 -2.18 -5.61
H81 DFV M . -17.23 -3.40 -9.86
H82 DFV M . -18.34 -2.55 -10.93
H9 DFV M . -19.34 -1.52 -9.34
H11 DFV M . -20.35 -4.10 -10.10
H12 DFV M . -21.99 -5.58 -9.00
H14 DFV M . -21.03 -3.87 -5.21
H15 DFV M . -19.39 -2.39 -6.32
HO3 DFV M . -12.39 -1.78 -5.93
HO4 DFV M . -22.20 -5.92 -5.56
#